data_6D7K
#
_entry.id   6D7K
#
_cell.length_a   179.781
_cell.length_b   125.776
_cell.length_c   126.380
_cell.angle_alpha   90.00
_cell.angle_beta   102.89
_cell.angle_gamma   90.00
#
_symmetry.space_group_name_H-M   'C 1 2 1'
#
loop_
_entity.id
_entity.type
_entity.pdbx_description
1 polymer 'Methane monooxygenase hydroxylase, MmoX1'
2 polymer 'Methane monooxygenase hydroxylase, MmoY'
3 polymer 'Methane monooxygenase hydroxylase, MmoZ'
4 polymer 'Methane monooxygenase hydroxylase, MmoD'
5 non-polymer 'FE (III) ION'
6 non-polymer HEXANE-1,6-DIOL
7 non-polymer 'FORMIC ACID'
8 water water
#
loop_
_entity_poly.entity_id
_entity_poly.type
_entity_poly.pdbx_seq_one_letter_code
_entity_poly.pdbx_strand_id
1 'polypeptide(L)'
;MAISLATKAATDALKVNRAPVGVEPQEVHKWLQSFNWDFKENRTKYATKYHMANQTKEQFKVIAKEYARMEAAKDERQFG
TLLDGLTRLGAGNKVHPRWGETMKVISNFLEVGEYNAIAASAMLWDSATAAEQKNGYLAQVLDEIRHTHQCAFINHYYSK
HYHDPAGHNDARRTRAIGPLWKGMKRVFADGFISGDAVECSVNLQLVGEACFTNPLIVAVTEWASANGDEITPTVFLSVE
TDELRHMANGYQTVVSIANDPAAAKYLNTDLNNAFWTQQKYFTPALGYLFEYGSKFKVEPWVKTWNRWVYEDWGGIWIGR
LGKYGVESPRSLRDAKTDAYWAHHDLALAAYALWPLGFARLALPDEEDQEWFEANYPGWADHYGKIYNEWKKLGYEDPKS
GFIPYAWLLANGHDVYIDRVSQVPFIPSLAKGSGSLRVHEFNGKKHSLTDDWGERMWLSEPERYECHNLFEQYEGRELSE
VIAEGHGVRSDGKTLIAQPHVRGDNLWTLEDIKRAGCVFPNPLAKF
;
A,E
2 'polypeptide(L)'
;MSQPQSSQVTKRGLTDPERAAIIAAAVPDHALDTQRKYHYFIQPRWKRLSEYEQLSCYAQPNPDWIAGGLDWGDWTQKFH
GGRPSWGNESTELRTTDWYRHRDPARRWHAPYVKDKSEEARYTQRFLAAYSSEGSIRTIDAYWRDEILNKYYGALLYNEY
GLFNAHSSVGRDCLSDTIRQSATFAGLDKVDNAQMIQMERLFIAKLVPGFDASTDVPKKIWTTDPIYAGARGAVEEIWQG
IQDWNEILWAGHAVYDATFGQFARREFFQRLATVYGDTLTPFFTAQSQTYFQTTRGAIEDLFVYCLANDPEFGAHNRTFL
NAWTEHYLARSVTALKDFVGIYAKVEKVAGATDRAGVSEALQRVFGDWKVDYADKIGFNIDVDQKVDAVLAGFKN
;
B,F
3 'polypeptide(L)'
;MAKREPIHENSTRTEWEGKIAKLNSVDQATKFIQDFRVAYSSPFRKSYDLDVDYQYIERKIEERLSVLKTEKLSVADLVT
KATTGEDAAAVEAAWIAKMKAAESKYAAERIHIEFRQLYKPPVLPVNVFLRTDAALGTILMELRNTDYYATPLEGLRKER
GVKVLHLQA
;
C,G
4 'polypeptide(L)'
;SNAMAHSAEPTTEASRILIHSDARYEAFTVDLDYMWRWEILRDGEFVQEGCSLSFDSSRKAVAHVLSHFKRQDEAAQRPG
DNSAEIKRLLQSLGTPIPVNEQNDSTKNELAQPE
;
D,H
#
# COMPACT_ATOMS: atom_id res chain seq x y z
N ASP A 12 -20.24 1.76 -38.15
CA ASP A 12 -19.33 2.15 -37.09
C ASP A 12 -20.00 2.14 -35.71
N ALA A 13 -21.33 2.00 -35.70
CA ALA A 13 -22.04 1.82 -34.44
C ALA A 13 -21.98 0.38 -33.95
N LEU A 14 -21.32 -0.52 -34.69
CA LEU A 14 -21.32 -1.94 -34.36
C LEU A 14 -19.92 -2.55 -34.39
N LYS A 15 -19.03 -2.04 -35.23
CA LYS A 15 -17.74 -2.65 -35.52
C LYS A 15 -16.62 -1.79 -34.92
N VAL A 16 -16.04 -2.27 -33.81
CA VAL A 16 -14.92 -1.59 -33.16
C VAL A 16 -13.96 -2.65 -32.61
N ASN A 17 -12.67 -2.31 -32.57
CA ASN A 17 -11.68 -3.24 -32.03
C ASN A 17 -11.81 -3.29 -30.51
N ARG A 18 -12.20 -4.44 -29.98
CA ARG A 18 -12.49 -4.58 -28.56
C ARG A 18 -11.41 -5.39 -27.82
N ALA A 19 -10.24 -5.53 -28.42
CA ALA A 19 -9.10 -6.12 -27.71
C ALA A 19 -8.70 -5.21 -26.55
N PRO A 20 -8.32 -5.79 -25.41
CA PRO A 20 -8.12 -4.96 -24.21
C PRO A 20 -6.81 -4.19 -24.32
N VAL A 21 -6.88 -2.89 -24.04
CA VAL A 21 -5.74 -2.04 -24.30
C VAL A 21 -5.82 -0.84 -23.37
N GLY A 22 -4.67 -0.41 -22.86
CA GLY A 22 -4.57 0.81 -22.08
C GLY A 22 -3.63 1.82 -22.70
N VAL A 23 -2.97 2.65 -21.90
CA VAL A 23 -1.97 3.57 -22.44
C VAL A 23 -0.75 3.57 -21.52
N GLU A 24 0.40 3.19 -22.08
CA GLU A 24 1.64 3.13 -21.32
C GLU A 24 2.16 4.53 -21.02
N PRO A 25 2.85 4.71 -19.88
CA PRO A 25 3.45 6.03 -19.61
C PRO A 25 4.34 6.47 -20.76
N GLN A 26 5.14 5.56 -21.32
CA GLN A 26 6.00 5.88 -22.46
C GLN A 26 5.21 6.49 -23.62
N GLU A 27 4.02 5.96 -23.90
CA GLU A 27 3.24 6.45 -25.05
C GLU A 27 2.81 7.89 -24.85
N VAL A 28 2.45 8.27 -23.62
CA VAL A 28 2.18 9.67 -23.32
C VAL A 28 3.48 10.47 -23.30
N HIS A 29 4.55 9.88 -22.79
CA HIS A 29 5.76 10.66 -22.63
C HIS A 29 6.34 11.08 -23.97
N LYS A 30 6.07 10.34 -25.06
CA LYS A 30 6.65 10.72 -26.33
C LYS A 30 6.09 12.05 -26.85
N TRP A 31 4.91 12.45 -26.39
CA TRP A 31 4.37 13.73 -26.80
C TRP A 31 4.68 14.84 -25.81
N LEU A 32 5.45 14.56 -24.75
CA LEU A 32 5.63 15.55 -23.70
C LEU A 32 6.32 16.80 -24.22
N GLN A 33 7.39 16.61 -25.01
CA GLN A 33 8.19 17.72 -25.50
C GLN A 33 7.33 18.77 -26.19
N SER A 34 6.28 18.35 -26.90
CA SER A 34 5.42 19.27 -27.64
C SER A 34 4.44 20.04 -26.77
N PHE A 35 4.49 19.87 -25.44
CA PHE A 35 3.51 20.54 -24.58
C PHE A 35 3.82 22.01 -24.40
N ASN A 36 5.08 22.40 -24.56
CA ASN A 36 5.51 23.81 -24.50
C ASN A 36 5.26 24.46 -25.84
N TRP A 37 4.96 25.75 -25.82
CA TRP A 37 4.83 26.49 -27.06
C TRP A 37 5.71 27.75 -27.03
N ASP A 38 5.85 28.38 -28.19
CA ASP A 38 6.75 29.51 -28.36
C ASP A 38 5.97 30.81 -28.22
N PHE A 39 6.34 31.64 -27.25
CA PHE A 39 5.87 33.01 -27.16
C PHE A 39 7.01 33.86 -26.64
N LYS A 40 6.98 35.14 -26.98
CA LYS A 40 8.19 35.96 -26.86
C LYS A 40 8.79 35.85 -25.45
N GLU A 41 7.94 35.84 -24.43
CA GLU A 41 8.38 35.90 -23.04
C GLU A 41 8.73 34.52 -22.42
N ASN A 42 8.70 33.44 -23.18
CA ASN A 42 8.91 32.12 -22.61
C ASN A 42 10.42 31.84 -22.47
N ARG A 43 10.97 32.30 -21.35
CA ARG A 43 12.40 32.22 -21.04
C ARG A 43 12.51 32.25 -19.52
N THR A 44 13.58 31.66 -18.98
CA THR A 44 13.70 31.60 -17.53
C THR A 44 13.64 32.98 -16.87
N LYS A 45 13.10 33.03 -15.66
CA LYS A 45 13.05 34.29 -14.95
C LYS A 45 14.34 34.62 -14.22
N TYR A 46 15.30 33.70 -14.14
CA TYR A 46 16.41 33.90 -13.24
C TYR A 46 17.65 34.35 -14.01
N ALA A 47 18.41 35.26 -13.40
CA ALA A 47 19.68 35.67 -13.99
C ALA A 47 20.50 34.43 -14.33
N THR A 48 21.07 34.42 -15.55
CA THR A 48 21.89 33.31 -15.98
C THR A 48 22.73 33.72 -17.19
N LYS A 49 23.94 33.16 -17.27
CA LYS A 49 24.78 33.36 -18.43
C LYS A 49 24.45 32.37 -19.55
N TYR A 50 23.61 31.38 -19.29
CA TYR A 50 23.44 30.27 -20.23
C TYR A 50 22.00 30.19 -20.74
N HIS A 51 21.82 29.43 -21.82
CA HIS A 51 20.50 29.08 -22.31
C HIS A 51 20.43 27.56 -22.49
N MET A 52 19.67 26.89 -21.62
CA MET A 52 19.46 25.47 -21.76
C MET A 52 18.64 25.21 -23.01
N ALA A 53 19.19 24.39 -23.93
CA ALA A 53 18.60 24.21 -25.23
C ALA A 53 17.24 23.51 -25.14
N ASN A 54 16.30 23.94 -25.97
CA ASN A 54 15.12 23.11 -26.13
C ASN A 54 15.45 21.91 -27.01
N GLN A 55 14.68 20.85 -26.84
CA GLN A 55 14.93 19.54 -27.45
C GLN A 55 15.88 18.72 -26.59
N THR A 56 16.36 19.25 -25.46
CA THR A 56 17.05 18.40 -24.49
C THR A 56 16.11 17.31 -24.00
N LYS A 57 16.64 16.09 -23.85
CA LYS A 57 15.85 14.94 -23.45
C LYS A 57 15.95 14.65 -21.95
N GLU A 58 14.95 13.93 -21.46
CA GLU A 58 14.90 13.35 -20.12
C GLU A 58 15.30 11.87 -20.20
N GLN A 59 16.03 11.39 -19.20
CA GLN A 59 16.47 10.00 -19.21
C GLN A 59 15.35 9.02 -18.91
N PHE A 60 14.30 9.42 -18.19
CA PHE A 60 13.24 8.50 -17.76
C PHE A 60 11.90 8.96 -18.33
N LYS A 61 11.23 8.08 -19.07
CA LYS A 61 10.01 8.44 -19.81
C LYS A 61 8.78 8.36 -18.89
N VAL A 62 8.80 9.18 -17.83
CA VAL A 62 7.88 9.06 -16.71
C VAL A 62 6.88 10.21 -16.72
N ILE A 63 5.61 9.91 -16.42
CA ILE A 63 4.57 10.92 -16.33
C ILE A 63 4.02 10.90 -14.91
N ALA A 64 3.24 11.95 -14.58
CA ALA A 64 2.85 12.15 -13.19
C ALA A 64 2.26 10.87 -12.59
N LYS A 65 1.36 10.20 -13.34
CA LYS A 65 0.72 9.00 -12.80
C LYS A 65 1.73 7.90 -12.52
N GLU A 66 2.68 7.69 -13.42
CA GLU A 66 3.71 6.67 -13.22
C GLU A 66 4.69 7.07 -12.12
N TYR A 67 4.98 8.37 -11.97
CA TYR A 67 5.80 8.78 -10.82
C TYR A 67 5.17 8.30 -9.53
N ALA A 68 3.91 8.65 -9.31
CA ALA A 68 3.20 8.22 -8.12
C ALA A 68 3.18 6.69 -8.00
N ARG A 69 2.95 5.98 -9.10
CA ARG A 69 2.80 4.53 -8.99
C ARG A 69 4.11 3.91 -8.52
N MET A 70 5.24 4.39 -9.03
CA MET A 70 6.52 3.85 -8.60
C MET A 70 6.85 4.25 -7.17
N GLU A 71 6.59 5.51 -6.81
CA GLU A 71 7.01 5.96 -5.49
C GLU A 71 6.07 5.49 -4.39
N ALA A 72 4.77 5.40 -4.68
CA ALA A 72 3.84 4.85 -3.68
C ALA A 72 4.23 3.43 -3.32
N ALA A 73 4.60 2.64 -4.32
CA ALA A 73 5.08 1.28 -4.10
C ALA A 73 6.26 1.27 -3.12
N LYS A 74 7.35 1.93 -3.47
CA LYS A 74 8.52 1.94 -2.60
C LYS A 74 8.18 2.40 -1.19
N ASP A 75 7.50 3.54 -1.06
CA ASP A 75 7.17 4.05 0.28
C ASP A 75 6.39 3.02 1.09
N GLU A 76 5.50 2.28 0.44
CA GLU A 76 4.74 1.25 1.11
C GLU A 76 5.63 0.46 2.07
N ARG A 77 6.68 -0.15 1.54
CA ARG A 77 7.58 -0.99 2.34
C ARG A 77 8.55 -0.15 3.17
N GLN A 78 9.30 0.75 2.54
CA GLN A 78 10.30 1.54 3.26
C GLN A 78 9.72 2.19 4.51
N PHE A 79 8.44 2.60 4.47
CA PHE A 79 7.81 3.12 5.68
C PHE A 79 7.52 2.02 6.69
N GLY A 80 7.10 0.84 6.22
CA GLY A 80 6.94 -0.26 7.13
C GLY A 80 8.23 -0.62 7.84
N THR A 81 9.33 -0.76 7.08
CA THR A 81 10.61 -1.12 7.67
C THR A 81 11.14 -0.03 8.59
N LEU A 82 10.96 1.24 8.23
CA LEU A 82 11.37 2.30 9.12
C LEU A 82 10.63 2.21 10.45
N LEU A 83 9.35 1.82 10.41
CA LEU A 83 8.60 1.67 11.64
C LEU A 83 9.17 0.55 12.50
N ASP A 84 9.25 -0.64 11.95
CA ASP A 84 9.69 -1.78 12.71
C ASP A 84 11.07 -1.47 13.18
N GLY A 85 11.85 -0.81 12.36
CA GLY A 85 13.16 -0.42 12.79
C GLY A 85 13.12 0.57 13.90
N LEU A 86 12.19 1.48 13.84
CA LEU A 86 12.07 2.53 14.83
C LEU A 86 11.48 2.17 16.18
N THR A 87 10.98 0.96 16.37
CA THR A 87 10.49 0.64 17.67
C THR A 87 11.62 0.03 18.43
N ARG A 88 12.43 -0.76 17.75
CA ARG A 88 13.57 -1.39 18.33
C ARG A 88 14.52 -0.39 18.92
N LEU A 89 14.74 0.72 18.26
CA LEU A 89 15.53 1.74 18.84
C LEU A 89 14.47 2.29 19.68
N GLY A 90 14.49 2.11 20.98
CA GLY A 90 13.42 2.66 21.78
C GLY A 90 13.40 2.00 23.11
N ALA A 91 13.33 0.69 23.09
CA ALA A 91 13.34 -0.06 24.31
C ALA A 91 14.77 -0.40 24.51
N GLY A 92 15.49 0.53 25.10
CA GLY A 92 16.91 0.39 25.33
C GLY A 92 17.66 1.10 24.24
N ASN A 93 18.96 0.89 24.15
CA ASN A 93 19.70 1.55 23.10
C ASN A 93 20.79 0.66 22.62
N LYS A 94 20.72 0.30 21.36
CA LYS A 94 21.72 -0.57 20.84
C LYS A 94 22.82 0.19 20.21
N VAL A 95 22.66 1.48 20.03
CA VAL A 95 23.67 2.22 19.32
C VAL A 95 24.74 2.79 20.15
N HIS A 96 25.94 2.55 19.71
CA HIS A 96 27.08 3.11 20.42
C HIS A 96 26.88 4.61 20.65
N PRO A 97 27.26 5.13 21.82
CA PRO A 97 26.88 6.49 22.17
C PRO A 97 27.54 7.55 21.31
N ARG A 98 28.77 7.32 20.87
CA ARG A 98 29.42 8.32 20.05
C ARG A 98 28.66 8.50 18.75
N TRP A 99 28.39 7.39 18.05
CA TRP A 99 27.60 7.46 16.82
C TRP A 99 26.18 7.94 17.10
N GLY A 100 25.67 7.69 18.30
CA GLY A 100 24.39 8.28 18.67
C GLY A 100 24.36 9.77 18.44
N GLU A 101 25.42 10.46 18.88
CA GLU A 101 25.51 11.91 18.64
C GLU A 101 25.61 12.19 17.14
N THR A 102 26.50 11.46 16.46
CA THR A 102 26.72 11.71 15.04
C THR A 102 25.41 11.64 14.26
N MET A 103 24.52 10.70 14.63
CA MET A 103 23.19 10.64 14.02
C MET A 103 22.47 11.99 14.08
N LYS A 104 22.51 12.65 15.26
CA LYS A 104 21.80 13.91 15.43
C LYS A 104 22.30 14.96 14.44
N VAL A 105 23.62 15.02 14.25
CA VAL A 105 24.21 15.95 13.28
C VAL A 105 23.85 15.54 11.86
N ILE A 106 24.00 14.26 11.55
CA ILE A 106 23.70 13.80 10.19
C ILE A 106 22.24 14.08 9.86
N SER A 107 21.33 13.84 10.78
CA SER A 107 19.92 14.02 10.42
C SER A 107 19.53 15.49 10.34
N ASN A 108 20.16 16.37 11.15
CA ASN A 108 19.93 17.80 10.98
C ASN A 108 20.44 18.30 9.63
N PHE A 109 21.65 17.91 9.27
CA PHE A 109 22.21 18.36 8.01
C PHE A 109 21.40 17.81 6.84
N LEU A 110 21.02 16.53 6.92
CA LEU A 110 20.19 15.96 5.87
C LEU A 110 18.94 16.79 5.69
N GLU A 111 18.22 17.08 6.78
CA GLU A 111 16.96 17.79 6.62
C GLU A 111 17.15 19.10 5.85
N VAL A 112 18.16 19.89 6.23
CA VAL A 112 18.39 21.16 5.55
C VAL A 112 18.64 20.94 4.06
N GLY A 113 19.51 19.99 3.73
CA GLY A 113 19.84 19.78 2.34
C GLY A 113 18.64 19.34 1.53
N GLU A 114 17.88 18.39 2.06
CA GLU A 114 16.74 17.93 1.28
C GLU A 114 15.73 19.05 1.11
N TYR A 115 15.56 19.92 2.12
CA TYR A 115 14.59 21.01 2.00
C TYR A 115 14.99 21.99 0.92
N ASN A 116 16.25 22.46 0.95
CA ASN A 116 16.69 23.44 -0.04
C ASN A 116 16.76 22.84 -1.44
N ALA A 117 17.10 21.55 -1.54
CA ALA A 117 17.11 20.90 -2.84
C ALA A 117 15.74 21.00 -3.52
N ILE A 118 14.66 21.12 -2.75
CA ILE A 118 13.36 21.29 -3.39
C ILE A 118 13.37 22.56 -4.20
N ALA A 119 13.79 23.66 -3.58
CA ALA A 119 13.75 24.95 -4.24
C ALA A 119 14.82 25.03 -5.33
N ALA A 120 16.00 24.44 -5.09
CA ALA A 120 17.02 24.38 -6.12
C ALA A 120 16.49 23.70 -7.38
N SER A 121 15.83 22.56 -7.21
CA SER A 121 15.36 21.84 -8.37
C SER A 121 14.22 22.58 -9.05
N ALA A 122 13.48 23.41 -8.33
CA ALA A 122 12.48 24.26 -8.96
C ALA A 122 13.13 25.36 -9.77
N MET A 123 14.25 25.92 -9.29
CA MET A 123 14.96 26.93 -10.08
C MET A 123 15.46 26.34 -11.40
N LEU A 124 16.06 25.14 -11.35
CA LEU A 124 16.46 24.45 -12.57
C LEU A 124 15.26 24.16 -13.48
N TRP A 125 14.15 23.74 -12.90
CA TRP A 125 12.93 23.57 -13.70
C TRP A 125 12.55 24.88 -14.36
N ASP A 126 12.79 25.99 -13.67
CA ASP A 126 12.57 27.25 -14.34
C ASP A 126 13.60 27.51 -15.43
N SER A 127 14.85 27.01 -15.25
CA SER A 127 15.91 27.32 -16.23
C SER A 127 15.72 26.58 -17.55
N ALA A 128 15.33 25.31 -17.51
CA ALA A 128 15.16 24.58 -18.76
C ALA A 128 14.04 25.16 -19.62
N THR A 129 14.22 25.05 -20.94
CA THR A 129 13.18 25.31 -21.93
C THR A 129 12.46 24.05 -22.37
N ALA A 130 13.20 22.96 -22.53
CA ALA A 130 12.62 21.70 -22.98
C ALA A 130 11.70 21.12 -21.91
N ALA A 131 10.49 20.70 -22.31
CA ALA A 131 9.56 20.14 -21.32
C ALA A 131 10.09 18.87 -20.71
N GLU A 132 10.87 18.08 -21.46
CA GLU A 132 11.46 16.88 -20.89
C GLU A 132 12.45 17.24 -19.79
N GLN A 133 13.38 18.17 -20.08
CA GLN A 133 14.35 18.60 -19.07
C GLN A 133 13.66 19.25 -17.89
N LYS A 134 12.62 20.04 -18.15
CA LYS A 134 11.77 20.50 -17.06
C LYS A 134 11.27 19.32 -16.24
N ASN A 135 10.74 18.30 -16.91
CA ASN A 135 10.18 17.14 -16.21
C ASN A 135 11.24 16.47 -15.32
N GLY A 136 12.46 16.31 -15.84
CA GLY A 136 13.51 15.70 -15.04
C GLY A 136 13.77 16.43 -13.73
N TYR A 137 13.84 17.77 -13.80
CA TYR A 137 14.05 18.53 -12.57
C TYR A 137 12.84 18.40 -11.65
N LEU A 138 11.62 18.43 -12.23
CA LEU A 138 10.41 18.23 -11.44
C LEU A 138 10.43 16.93 -10.66
N ALA A 139 10.86 15.83 -11.29
CA ALA A 139 10.96 14.57 -10.56
C ALA A 139 11.88 14.70 -9.34
N GLN A 140 13.01 15.40 -9.49
CA GLN A 140 13.89 15.59 -8.33
C GLN A 140 13.22 16.47 -7.26
N VAL A 141 12.45 17.48 -7.67
CA VAL A 141 11.69 18.30 -6.70
C VAL A 141 10.85 17.38 -5.83
N LEU A 142 10.01 16.55 -6.47
CA LEU A 142 9.19 15.62 -5.71
C LEU A 142 10.05 14.68 -4.88
N ASP A 143 11.21 14.27 -5.38
CA ASP A 143 12.05 13.38 -4.60
C ASP A 143 12.50 14.04 -3.31
N GLU A 144 13.01 15.28 -3.41
CA GLU A 144 13.46 15.95 -2.20
C GLU A 144 12.29 16.16 -1.23
N ILE A 145 11.11 16.51 -1.77
CA ILE A 145 9.94 16.59 -0.90
C ILE A 145 9.74 15.28 -0.18
N ARG A 146 9.77 14.16 -0.90
CA ARG A 146 9.45 12.86 -0.31
C ARG A 146 10.29 12.59 0.94
N HIS A 147 11.55 13.00 0.92
CA HIS A 147 12.45 12.59 1.97
C HIS A 147 12.39 13.53 3.15
N THR A 148 12.22 14.84 2.92
CA THR A 148 11.88 15.73 4.03
C THR A 148 10.75 15.13 4.87
N HIS A 149 9.76 14.51 4.23
CA HIS A 149 8.64 13.90 4.96
C HIS A 149 9.03 12.64 5.71
N GLN A 150 10.12 11.97 5.33
CA GLN A 150 10.63 10.91 6.18
C GLN A 150 11.31 11.50 7.41
N CYS A 151 12.07 12.58 7.22
CA CYS A 151 12.62 13.30 8.36
C CYS A 151 11.50 13.80 9.28
N ALA A 152 10.45 14.37 8.69
CA ALA A 152 9.26 14.75 9.45
C ALA A 152 8.77 13.62 10.32
N PHE A 153 8.50 12.46 9.70
CA PHE A 153 8.01 11.32 10.47
C PHE A 153 9.01 10.91 11.53
N ILE A 154 10.31 11.08 11.29
CA ILE A 154 11.31 10.62 12.24
C ILE A 154 11.38 11.55 13.45
N ASN A 155 11.27 12.86 13.23
CA ASN A 155 11.24 13.79 14.35
C ASN A 155 9.96 13.65 15.16
N HIS A 156 8.81 13.56 14.49
CA HIS A 156 7.54 13.39 15.20
C HIS A 156 7.54 12.14 16.06
N TYR A 157 8.17 11.06 15.59
CA TYR A 157 8.23 9.84 16.38
C TYR A 157 9.20 9.98 17.56
N TYR A 158 10.36 10.60 17.33
CA TYR A 158 11.34 10.75 18.39
C TYR A 158 10.79 11.48 19.62
N SER A 159 9.64 12.14 19.50
CA SER A 159 8.97 12.75 20.65
C SER A 159 8.12 11.68 21.35
N LYS A 160 8.82 10.72 21.95
CA LYS A 160 8.19 9.59 22.66
C LYS A 160 7.23 8.79 21.76
N ARG A 173 16.87 26.81 16.41
CA ARG A 173 17.21 27.57 17.62
C ARG A 173 18.55 27.10 18.21
N THR A 174 18.63 25.81 18.54
CA THR A 174 19.83 25.27 19.21
C THR A 174 20.93 24.93 18.22
N ARG A 175 20.59 24.42 17.03
CA ARG A 175 21.61 24.07 16.06
C ARG A 175 22.26 25.29 15.43
N ALA A 176 21.55 26.41 15.36
CA ALA A 176 22.09 27.60 14.72
C ALA A 176 22.94 28.43 15.69
N ILE A 177 23.66 27.77 16.58
CA ILE A 177 24.47 28.49 17.54
C ILE A 177 25.94 28.35 17.17
N GLY A 178 26.27 27.24 16.51
CA GLY A 178 27.64 26.80 16.42
C GLY A 178 28.35 27.21 15.15
N PRO A 179 29.64 26.89 15.07
CA PRO A 179 30.40 27.14 13.83
C PRO A 179 30.02 26.21 12.69
N LEU A 180 30.06 24.89 12.92
CA LEU A 180 29.82 23.93 11.84
C LEU A 180 28.49 24.17 11.12
N TRP A 181 27.51 24.75 11.81
CA TRP A 181 26.25 25.05 11.14
C TRP A 181 26.45 26.00 9.96
N LYS A 182 27.20 27.09 10.16
CA LYS A 182 27.22 28.16 9.18
C LYS A 182 27.76 27.67 7.84
N GLY A 183 28.86 26.93 7.87
CA GLY A 183 29.43 26.41 6.63
C GLY A 183 28.59 25.32 6.02
N MET A 184 27.87 24.57 6.85
CA MET A 184 26.93 23.59 6.31
C MET A 184 25.84 24.29 5.51
N LYS A 185 25.40 25.48 5.94
CA LYS A 185 24.38 26.18 5.17
C LYS A 185 24.88 26.64 3.81
N ARG A 186 26.19 26.86 3.63
CA ARG A 186 26.62 27.25 2.30
C ARG A 186 26.53 26.09 1.32
N VAL A 187 27.09 24.94 1.69
CA VAL A 187 27.11 23.78 0.79
C VAL A 187 25.80 22.98 0.78
N PHE A 188 24.86 23.26 1.70
CA PHE A 188 23.62 22.49 1.71
C PHE A 188 22.41 23.34 1.34
N ALA A 189 22.52 24.68 1.40
CA ALA A 189 21.36 25.54 1.25
C ALA A 189 21.58 26.71 0.28
N ASP A 190 22.48 27.63 0.64
CA ASP A 190 22.68 28.84 -0.17
C ASP A 190 23.36 28.52 -1.50
N GLY A 191 24.35 27.64 -1.51
CA GLY A 191 24.99 27.27 -2.75
C GLY A 191 24.06 26.64 -3.75
N PHE A 192 22.94 26.05 -3.28
CA PHE A 192 21.98 25.41 -4.19
C PHE A 192 21.09 26.41 -4.90
N ILE A 193 20.86 27.57 -4.32
CA ILE A 193 19.75 28.42 -4.76
C ILE A 193 20.17 29.83 -5.13
N SER A 194 21.37 30.30 -4.75
CA SER A 194 21.75 31.72 -4.94
C SER A 194 22.91 31.83 -5.94
N GLY A 195 22.54 32.00 -7.21
CA GLY A 195 23.53 32.18 -8.26
C GLY A 195 22.91 31.91 -9.63
N ASP A 196 23.78 31.83 -10.63
CA ASP A 196 23.37 31.26 -11.90
C ASP A 196 22.84 29.84 -11.68
N ALA A 197 21.66 29.53 -12.22
CA ALA A 197 21.18 28.16 -12.05
C ALA A 197 22.25 27.14 -12.40
N VAL A 198 23.06 27.42 -13.42
CA VAL A 198 24.08 26.44 -13.81
C VAL A 198 25.12 26.32 -12.71
N GLU A 199 25.47 27.42 -12.04
CA GLU A 199 26.40 27.32 -10.92
C GLU A 199 25.76 26.54 -9.78
N CYS A 200 24.45 26.77 -9.56
CA CYS A 200 23.70 26.05 -8.53
C CYS A 200 23.62 24.56 -8.85
N SER A 201 23.33 24.24 -10.11
CA SER A 201 23.30 22.85 -10.51
C SER A 201 24.62 22.16 -10.19
N VAL A 202 25.72 22.87 -10.24
CA VAL A 202 27.01 22.23 -9.97
C VAL A 202 27.12 21.94 -8.48
N ASN A 203 26.69 22.89 -7.63
CA ASN A 203 26.74 22.70 -6.18
C ASN A 203 25.85 21.55 -5.73
N LEU A 204 24.70 21.37 -6.40
CA LEU A 204 23.71 20.36 -6.03
C LEU A 204 24.04 18.99 -6.63
N GLN A 205 24.00 18.87 -7.96
CA GLN A 205 24.11 17.57 -8.63
C GLN A 205 25.52 17.23 -9.11
N LEU A 206 26.19 18.16 -9.80
CA LEU A 206 27.46 17.85 -10.46
C LEU A 206 28.58 17.60 -9.47
N VAL A 207 28.60 18.34 -8.35
CA VAL A 207 29.61 18.14 -7.30
C VAL A 207 28.97 17.59 -6.02
N GLY A 208 27.98 18.29 -5.47
CA GLY A 208 27.41 17.92 -4.20
C GLY A 208 26.97 16.47 -4.18
N GLU A 209 26.10 16.09 -5.11
CA GLU A 209 25.55 14.75 -5.07
C GLU A 209 26.48 13.74 -5.71
N ALA A 210 26.96 14.03 -6.94
CA ALA A 210 27.79 13.08 -7.71
C ALA A 210 29.13 12.77 -7.02
N CYS A 211 29.69 13.72 -6.30
CA CYS A 211 31.02 13.55 -5.76
C CYS A 211 30.99 13.19 -4.28
N PHE A 212 30.13 13.82 -3.49
CA PHE A 212 30.17 13.69 -2.04
C PHE A 212 28.98 12.94 -1.46
N THR A 213 27.75 13.42 -1.67
CA THR A 213 26.64 12.88 -0.90
C THR A 213 26.30 11.48 -1.35
N ASN A 214 26.23 11.23 -2.67
CA ASN A 214 25.80 9.92 -3.14
C ASN A 214 26.71 8.77 -2.71
N PRO A 215 28.03 8.83 -2.87
CA PRO A 215 28.87 7.79 -2.26
C PRO A 215 28.82 7.78 -0.75
N LEU A 216 28.62 8.95 -0.15
CA LEU A 216 28.64 9.07 1.30
C LEU A 216 27.51 8.29 1.95
N ILE A 217 26.33 8.24 1.32
CA ILE A 217 25.18 7.67 2.00
C ILE A 217 25.26 6.17 2.01
N VAL A 218 25.74 5.58 0.92
CA VAL A 218 25.95 4.15 0.93
C VAL A 218 27.02 3.78 1.94
N ALA A 219 28.02 4.63 2.10
CA ALA A 219 29.11 4.32 3.01
C ALA A 219 28.69 4.46 4.46
N VAL A 220 27.94 5.52 4.79
CA VAL A 220 27.40 5.66 6.13
C VAL A 220 26.53 4.46 6.49
N THR A 221 25.94 3.81 5.49
CA THR A 221 25.15 2.61 5.71
C THR A 221 25.95 1.56 6.45
N GLU A 222 27.20 1.35 6.05
CA GLU A 222 28.03 0.38 6.76
C GLU A 222 28.48 0.89 8.13
N TRP A 223 28.94 2.14 8.19
CA TRP A 223 29.40 2.66 9.46
C TRP A 223 28.29 2.63 10.50
N ALA A 224 27.08 3.05 10.12
CA ALA A 224 25.98 3.11 11.09
C ALA A 224 25.52 1.71 11.47
N SER A 225 25.47 0.80 10.51
CA SER A 225 25.19 -0.59 10.84
C SER A 225 26.22 -1.12 11.83
N ALA A 226 27.49 -0.76 11.64
CA ALA A 226 28.53 -1.25 12.53
C ALA A 226 28.38 -0.71 13.94
N ASN A 227 27.82 0.48 14.11
CA ASN A 227 27.61 1.04 15.44
C ASN A 227 26.23 0.70 16.03
N GLY A 228 25.50 -0.24 15.45
CA GLY A 228 24.20 -0.62 15.99
C GLY A 228 23.06 0.31 15.65
N ASP A 229 23.12 0.98 14.50
CA ASP A 229 22.12 1.94 14.06
C ASP A 229 21.44 1.39 12.82
N GLU A 230 20.16 1.02 12.95
CA GLU A 230 19.38 0.50 11.84
C GLU A 230 18.47 1.54 11.20
N ILE A 231 18.46 2.76 11.73
CA ILE A 231 17.60 3.83 11.23
C ILE A 231 18.24 4.54 10.04
N THR A 232 19.44 5.09 10.23
CA THR A 232 20.11 5.76 9.12
C THR A 232 20.22 4.90 7.88
N PRO A 233 20.48 3.59 7.96
CA PRO A 233 20.59 2.81 6.72
C PRO A 233 19.27 2.70 5.99
N THR A 234 18.20 2.40 6.71
CA THR A 234 16.87 2.37 6.11
C THR A 234 16.57 3.66 5.35
N VAL A 235 16.86 4.80 5.98
CA VAL A 235 16.53 6.10 5.38
C VAL A 235 17.49 6.42 4.24
N PHE A 236 18.79 6.17 4.45
CA PHE A 236 19.77 6.45 3.42
C PHE A 236 19.60 5.55 2.21
N LEU A 237 19.13 4.30 2.39
CA LEU A 237 18.96 3.41 1.24
C LEU A 237 17.67 3.72 0.49
N SER A 238 16.69 4.33 1.15
CA SER A 238 15.53 4.85 0.45
C SER A 238 15.93 6.07 -0.40
N VAL A 239 16.69 7.00 0.17
CA VAL A 239 17.28 8.08 -0.63
C VAL A 239 18.02 7.53 -1.84
N GLU A 240 18.92 6.58 -1.60
CA GLU A 240 19.81 6.09 -2.65
C GLU A 240 19.08 5.55 -3.87
N THR A 241 17.83 5.10 -3.73
CA THR A 241 17.14 4.57 -4.91
C THR A 241 16.73 5.66 -5.89
N ASP A 242 16.76 6.95 -5.50
CA ASP A 242 16.36 8.00 -6.43
C ASP A 242 17.53 8.70 -7.11
N GLU A 243 18.76 8.49 -6.63
CA GLU A 243 19.86 9.38 -7.00
C GLU A 243 20.19 9.34 -8.49
N LEU A 244 19.98 8.18 -9.13
CA LEU A 244 20.26 8.07 -10.56
C LEU A 244 19.49 9.10 -11.37
N ARG A 245 18.31 9.50 -10.91
CA ARG A 245 17.57 10.59 -11.55
C ARG A 245 18.32 11.90 -11.40
N HIS A 246 18.90 12.11 -10.21
CA HIS A 246 19.57 13.36 -9.89
C HIS A 246 20.90 13.49 -10.63
N MET A 247 21.68 12.41 -10.69
CA MET A 247 22.91 12.45 -11.45
C MET A 247 22.60 12.66 -12.92
N ALA A 248 21.56 12.02 -13.43
CA ALA A 248 21.15 12.28 -14.80
C ALA A 248 20.75 13.73 -14.95
N ASN A 249 20.02 14.26 -13.96
CA ASN A 249 19.64 15.66 -14.00
C ASN A 249 20.87 16.54 -14.16
N GLY A 250 21.91 16.27 -13.37
CA GLY A 250 23.11 17.09 -13.42
C GLY A 250 23.87 16.87 -14.70
N TYR A 251 23.97 15.61 -15.16
CA TYR A 251 24.53 15.34 -16.48
C TYR A 251 23.77 16.11 -17.55
N GLN A 252 22.43 16.00 -17.59
CA GLN A 252 21.67 16.71 -18.62
C GLN A 252 21.84 18.22 -18.51
N THR A 253 22.18 18.74 -17.32
CA THR A 253 22.44 20.17 -17.19
C THR A 253 23.55 20.60 -18.12
N VAL A 254 24.66 19.87 -18.09
CA VAL A 254 25.80 20.17 -18.95
C VAL A 254 25.43 19.98 -20.42
N VAL A 255 24.84 18.83 -20.75
CA VAL A 255 24.46 18.57 -22.13
C VAL A 255 23.66 19.73 -22.70
N SER A 256 22.77 20.30 -21.90
CA SER A 256 21.82 21.27 -22.42
C SER A 256 22.46 22.61 -22.76
N ILE A 257 23.64 22.90 -22.20
CA ILE A 257 24.34 24.16 -22.46
C ILE A 257 25.57 23.98 -23.32
N ALA A 258 26.01 22.75 -23.58
CA ALA A 258 27.30 22.56 -24.22
C ALA A 258 27.38 23.17 -25.62
N ASN A 259 26.26 23.55 -26.25
CA ASN A 259 26.33 24.18 -27.56
C ASN A 259 26.08 25.68 -27.48
N ASP A 260 25.95 26.21 -26.30
CA ASP A 260 25.88 27.64 -26.12
C ASP A 260 27.30 28.19 -26.11
N PRO A 261 27.61 29.21 -26.92
CA PRO A 261 28.96 29.78 -26.85
C PRO A 261 29.33 30.19 -25.45
N ALA A 262 28.34 30.54 -24.62
CA ALA A 262 28.61 30.91 -23.23
C ALA A 262 29.31 29.79 -22.46
N ALA A 263 29.04 28.53 -22.79
CA ALA A 263 29.59 27.44 -21.97
C ALA A 263 31.11 27.42 -22.03
N ALA A 264 31.69 27.60 -23.22
CA ALA A 264 33.15 27.57 -23.33
C ALA A 264 33.79 28.77 -22.66
N LYS A 265 33.05 29.89 -22.54
CA LYS A 265 33.56 31.01 -21.78
C LYS A 265 33.47 30.75 -20.28
N TYR A 266 32.39 30.10 -19.84
CA TYR A 266 31.95 30.17 -18.45
C TYR A 266 31.91 28.83 -17.72
N LEU A 267 31.48 27.75 -18.38
CA LEU A 267 31.18 26.51 -17.66
C LEU A 267 32.31 26.12 -16.71
N ASN A 268 33.57 26.11 -17.18
CA ASN A 268 34.61 25.57 -16.30
C ASN A 268 34.88 26.45 -15.09
N THR A 269 34.55 27.74 -15.18
CA THR A 269 34.71 28.60 -14.00
C THR A 269 33.61 28.31 -12.98
N ASP A 270 32.37 28.21 -13.43
CA ASP A 270 31.28 27.83 -12.53
C ASP A 270 31.57 26.48 -11.89
N LEU A 271 32.05 25.50 -12.67
CA LEU A 271 32.27 24.19 -12.08
C LEU A 271 33.40 24.23 -11.06
N ASN A 272 34.49 24.96 -11.37
CA ASN A 272 35.64 25.00 -10.47
C ASN A 272 35.29 25.67 -9.15
N ASN A 273 34.72 26.87 -9.21
CA ASN A 273 34.20 27.49 -8.00
C ASN A 273 33.28 26.53 -7.25
N ALA A 274 32.23 26.05 -7.94
CA ALA A 274 31.32 25.13 -7.29
C ALA A 274 32.06 23.96 -6.66
N PHE A 275 32.99 23.35 -7.39
CA PHE A 275 33.73 22.26 -6.78
C PHE A 275 34.43 22.75 -5.52
N TRP A 276 35.14 23.88 -5.62
CA TRP A 276 35.91 24.34 -4.47
C TRP A 276 35.00 24.64 -3.29
N THR A 277 33.81 25.22 -3.54
CA THR A 277 32.83 25.52 -2.49
C THR A 277 32.49 24.26 -1.69
N GLN A 278 32.04 23.24 -2.41
CA GLN A 278 31.47 22.05 -1.79
C GLN A 278 32.54 21.28 -1.04
N GLN A 279 33.73 21.13 -1.64
CA GLN A 279 34.77 20.37 -0.95
C GLN A 279 35.37 21.13 0.24
N LYS A 280 35.36 22.47 0.20
CA LYS A 280 35.93 23.22 1.32
C LYS A 280 35.27 22.83 2.63
N TYR A 281 33.95 22.56 2.61
CA TYR A 281 33.28 22.10 3.82
C TYR A 281 33.40 20.58 3.97
N PHE A 282 33.03 19.84 2.92
CA PHE A 282 32.85 18.39 3.08
C PHE A 282 34.17 17.67 3.28
N THR A 283 35.28 18.23 2.80
CA THR A 283 36.55 17.53 3.01
C THR A 283 36.92 17.48 4.49
N PRO A 284 36.96 18.58 5.21
CA PRO A 284 37.24 18.48 6.66
C PRO A 284 36.04 17.97 7.46
N ALA A 285 34.82 18.27 7.02
CA ALA A 285 33.65 17.96 7.83
C ALA A 285 33.34 16.47 7.83
N LEU A 286 33.32 15.83 6.67
CA LEU A 286 32.99 14.41 6.61
C LEU A 286 34.10 13.58 7.24
N GLY A 287 35.36 13.93 6.95
CA GLY A 287 36.46 13.24 7.59
C GLY A 287 36.35 13.28 9.09
N TYR A 288 35.94 14.44 9.63
CA TYR A 288 35.80 14.61 11.08
C TYR A 288 34.68 13.75 11.64
N LEU A 289 33.51 13.78 11.02
CA LEU A 289 32.39 12.97 11.51
C LEU A 289 32.73 11.49 11.44
N PHE A 290 33.39 11.06 10.37
CA PHE A 290 33.73 9.65 10.24
C PHE A 290 34.75 9.22 11.31
N GLU A 291 35.85 9.97 11.42
CA GLU A 291 36.96 9.53 12.24
C GLU A 291 36.81 9.90 13.72
N TYR A 292 36.14 11.01 14.03
CA TYR A 292 35.92 11.38 15.43
C TYR A 292 34.50 11.12 15.89
N GLY A 293 33.61 10.69 15.01
CA GLY A 293 32.21 10.57 15.35
C GLY A 293 31.86 9.13 15.57
N SER A 294 32.81 8.25 15.24
CA SER A 294 32.60 6.81 15.32
C SER A 294 33.85 6.19 15.91
N LYS A 295 33.65 5.48 17.03
CA LYS A 295 34.72 4.66 17.59
C LYS A 295 35.20 3.64 16.58
N PHE A 296 34.27 2.89 16.00
CA PHE A 296 34.61 1.95 14.96
C PHE A 296 35.14 2.70 13.75
N LYS A 297 36.14 2.11 13.09
CA LYS A 297 36.81 2.76 11.97
C LYS A 297 36.80 1.81 10.77
N VAL A 298 36.08 2.19 9.73
CA VAL A 298 36.12 1.44 8.48
C VAL A 298 37.47 1.58 7.78
N GLU A 299 37.80 2.77 7.30
CA GLU A 299 39.12 3.05 6.75
C GLU A 299 39.49 4.51 7.00
N PRO A 300 40.74 4.91 6.78
CA PRO A 300 41.09 6.32 6.97
C PRO A 300 40.45 7.23 5.93
N TRP A 301 40.16 8.45 6.36
CA TRP A 301 39.38 9.34 5.51
C TRP A 301 40.19 9.82 4.29
N VAL A 302 41.48 10.06 4.47
CA VAL A 302 42.29 10.57 3.35
C VAL A 302 42.33 9.56 2.20
N LYS A 303 42.41 8.26 2.50
CA LYS A 303 42.35 7.27 1.43
C LYS A 303 41.00 7.28 0.74
N THR A 304 39.91 7.40 1.51
CA THR A 304 38.60 7.50 0.89
C THR A 304 38.49 8.72 0.01
N TRP A 305 39.05 9.85 0.48
CA TRP A 305 38.99 11.09 -0.27
C TRP A 305 39.73 10.94 -1.61
N ASN A 306 40.91 10.32 -1.59
CA ASN A 306 41.68 10.14 -2.80
C ASN A 306 40.94 9.29 -3.85
N ARG A 307 40.18 8.27 -3.41
CA ARG A 307 39.39 7.48 -4.36
C ARG A 307 38.16 8.25 -4.82
N TRP A 308 37.27 8.60 -3.88
CA TRP A 308 36.02 9.26 -4.24
C TRP A 308 36.26 10.49 -5.08
N VAL A 309 36.90 11.50 -4.48
CA VAL A 309 36.89 12.85 -5.01
C VAL A 309 37.93 13.03 -6.11
N TYR A 310 39.17 12.62 -5.83
CA TYR A 310 40.28 12.88 -6.73
C TYR A 310 40.27 11.96 -7.93
N GLU A 311 40.11 10.66 -7.70
CA GLU A 311 40.16 9.70 -8.80
C GLU A 311 38.78 9.50 -9.43
N ASP A 312 37.82 8.97 -8.67
CA ASP A 312 36.56 8.54 -9.29
C ASP A 312 35.80 9.72 -9.89
N TRP A 313 35.55 10.75 -9.09
CA TRP A 313 34.85 11.94 -9.58
C TRP A 313 35.77 12.83 -10.39
N GLY A 314 36.94 13.16 -9.83
CA GLY A 314 37.82 14.13 -10.49
C GLY A 314 38.41 13.63 -11.78
N GLY A 315 38.72 12.34 -11.86
CA GLY A 315 39.25 11.77 -13.08
C GLY A 315 38.18 11.15 -13.95
N ILE A 316 37.55 10.07 -13.46
CA ILE A 316 36.70 9.24 -14.31
C ILE A 316 35.41 9.95 -14.71
N TRP A 317 34.61 10.34 -13.71
CA TRP A 317 33.31 10.89 -14.05
C TRP A 317 33.45 12.21 -14.79
N ILE A 318 34.34 13.10 -14.31
CA ILE A 318 34.54 14.38 -14.98
C ILE A 318 35.13 14.16 -16.36
N GLY A 319 36.03 13.18 -16.49
CA GLY A 319 36.46 12.70 -17.78
C GLY A 319 35.32 12.52 -18.76
N ARG A 320 34.28 11.75 -18.39
CA ARG A 320 33.18 11.48 -19.32
C ARG A 320 32.46 12.75 -19.75
N LEU A 321 32.62 13.86 -19.03
CA LEU A 321 32.03 15.13 -19.42
C LEU A 321 32.93 15.92 -20.36
N GLY A 322 34.13 15.40 -20.66
CA GLY A 322 35.07 16.12 -21.49
C GLY A 322 34.61 16.30 -22.92
N LYS A 323 33.76 15.39 -23.41
CA LYS A 323 33.24 15.58 -24.77
C LYS A 323 32.39 16.85 -24.87
N TYR A 324 31.91 17.36 -23.76
CA TYR A 324 31.39 18.71 -23.76
C TYR A 324 32.59 19.60 -23.41
N GLY A 325 32.39 20.83 -23.05
CA GLY A 325 33.65 21.53 -22.82
C GLY A 325 34.22 21.42 -21.42
N VAL A 326 34.00 20.31 -20.68
CA VAL A 326 34.24 20.28 -19.24
C VAL A 326 35.60 19.68 -18.93
N GLU A 327 36.32 20.29 -17.99
CA GLU A 327 37.62 19.79 -17.60
C GLU A 327 37.64 19.68 -16.08
N SER A 328 38.54 18.89 -15.53
CA SER A 328 38.49 18.75 -14.10
C SER A 328 38.94 20.05 -13.46
N PRO A 329 38.44 20.36 -12.28
CA PRO A 329 38.71 21.66 -11.68
C PRO A 329 40.20 21.89 -11.52
N ARG A 330 40.64 23.11 -11.89
CA ARG A 330 42.01 23.56 -11.62
C ARG A 330 42.33 23.61 -10.14
N SER A 331 41.34 23.52 -9.25
CA SER A 331 41.66 23.56 -7.83
C SER A 331 41.77 22.17 -7.23
N LEU A 332 41.63 21.12 -8.04
CA LEU A 332 41.58 19.76 -7.52
C LEU A 332 42.87 19.40 -6.81
N ARG A 333 44.01 19.81 -7.37
CA ARG A 333 45.29 19.50 -6.75
C ARG A 333 45.40 20.17 -5.39
N ASP A 334 45.05 21.46 -5.32
CA ASP A 334 45.03 22.15 -4.04
C ASP A 334 44.12 21.41 -3.05
N ALA A 335 42.94 20.99 -3.51
CA ALA A 335 42.04 20.23 -2.65
C ALA A 335 42.72 19.00 -2.08
N LYS A 336 43.45 18.26 -2.91
CA LYS A 336 44.06 17.03 -2.44
C LYS A 336 45.11 17.32 -1.37
N THR A 337 45.93 18.34 -1.60
CA THR A 337 46.99 18.71 -0.66
C THR A 337 46.45 18.95 0.73
N ASP A 338 45.35 19.69 0.81
CA ASP A 338 44.75 20.01 2.10
C ASP A 338 44.02 18.82 2.71
N ALA A 339 43.50 17.91 1.88
CA ALA A 339 42.62 16.87 2.41
C ALA A 339 43.31 15.92 3.37
N TYR A 340 44.65 15.92 3.44
CA TYR A 340 45.31 14.93 4.28
C TYR A 340 45.16 15.26 5.76
N TRP A 341 45.25 16.52 6.13
CA TRP A 341 45.15 16.91 7.54
C TRP A 341 43.92 17.73 7.89
N ALA A 342 43.13 18.16 6.89
CA ALA A 342 42.15 19.23 7.13
C ALA A 342 41.11 18.83 8.18
N HIS A 343 40.69 17.56 8.19
CA HIS A 343 39.68 17.14 9.15
C HIS A 343 40.24 17.03 10.57
N HIS A 344 41.55 16.75 10.69
CA HIS A 344 42.23 16.88 11.98
C HIS A 344 42.26 18.32 12.44
N ASP A 345 42.56 19.26 11.53
CA ASP A 345 42.52 20.68 11.90
C ASP A 345 41.10 21.10 12.30
N LEU A 346 40.09 20.69 11.55
CA LEU A 346 38.72 21.02 11.94
C LEU A 346 38.34 20.41 13.28
N ALA A 347 38.80 19.19 13.57
CA ALA A 347 38.51 18.56 14.87
C ALA A 347 38.96 19.42 16.04
N LEU A 348 40.14 20.03 15.95
CA LEU A 348 40.59 20.90 17.05
C LEU A 348 39.57 21.98 17.32
N ALA A 349 39.15 22.70 16.27
CA ALA A 349 38.19 23.77 16.46
C ALA A 349 36.87 23.25 17.01
N ALA A 350 36.49 22.03 16.65
CA ALA A 350 35.20 21.51 17.09
C ALA A 350 35.21 21.12 18.57
N TYR A 351 36.30 20.49 19.04
CA TYR A 351 36.39 20.19 20.46
C TYR A 351 36.58 21.46 21.29
N ALA A 352 37.32 22.43 20.75
CA ALA A 352 37.56 23.67 21.49
C ALA A 352 36.30 24.48 21.70
N LEU A 353 35.29 24.33 20.84
CA LEU A 353 34.07 25.10 20.96
C LEU A 353 32.86 24.21 21.20
N TRP A 354 33.06 23.09 21.89
CA TRP A 354 31.95 22.16 22.14
C TRP A 354 30.74 22.86 22.74
N PRO A 355 30.90 23.94 23.53
CA PRO A 355 29.72 24.57 24.14
C PRO A 355 28.80 25.26 23.14
N LEU A 356 29.29 25.66 21.96
CA LEU A 356 28.44 26.26 20.94
C LEU A 356 27.73 25.24 20.07
N GLY A 357 28.09 23.96 20.15
CA GLY A 357 27.44 22.94 19.36
C GLY A 357 26.16 22.44 19.98
N PHE A 358 25.61 21.40 19.36
CA PHE A 358 24.39 20.81 19.88
C PHE A 358 24.54 19.30 20.11
N ALA A 359 25.77 18.79 20.17
CA ALA A 359 26.00 17.37 20.34
C ALA A 359 27.11 17.14 21.37
N ARG A 360 27.26 15.88 21.78
CA ARG A 360 28.19 15.50 22.82
C ARG A 360 29.46 14.92 22.21
N LEU A 361 30.60 15.49 22.55
CA LEU A 361 31.88 15.10 21.97
C LEU A 361 32.59 14.07 22.82
N ALA A 362 33.46 13.30 22.18
CA ALA A 362 34.33 12.33 22.85
C ALA A 362 35.76 12.62 22.42
N LEU A 363 36.62 12.90 23.40
CA LEU A 363 38.04 12.97 23.10
C LEU A 363 38.53 11.59 22.66
N PRO A 364 39.49 11.53 21.74
CA PRO A 364 39.97 10.23 21.25
C PRO A 364 40.54 9.40 22.40
N ASP A 365 40.12 8.15 22.48
CA ASP A 365 40.58 7.28 23.54
C ASP A 365 41.93 6.67 23.16
N GLU A 366 42.53 5.92 24.08
CA GLU A 366 43.88 5.44 23.89
C GLU A 366 44.04 4.70 22.57
N GLU A 367 43.12 3.80 22.23
CA GLU A 367 43.25 3.10 20.95
C GLU A 367 42.83 3.95 19.75
N ASP A 368 41.99 4.98 19.96
CA ASP A 368 41.82 5.98 18.91
C ASP A 368 43.17 6.60 18.54
N GLN A 369 43.91 7.09 19.53
CA GLN A 369 45.19 7.70 19.25
C GLN A 369 46.12 6.70 18.56
N GLU A 370 46.12 5.45 19.02
CA GLU A 370 46.84 4.40 18.30
C GLU A 370 46.50 4.43 16.80
N TRP A 371 45.21 4.25 16.47
CA TRP A 371 44.78 4.17 15.08
C TRP A 371 45.10 5.45 14.31
N PHE A 372 44.85 6.62 14.91
CA PHE A 372 45.20 7.89 14.27
C PHE A 372 46.68 7.94 13.92
N GLU A 373 47.55 7.58 14.89
CA GLU A 373 48.98 7.66 14.66
C GLU A 373 49.43 6.67 13.61
N ALA A 374 48.76 5.51 13.52
CA ALA A 374 49.13 4.50 12.53
C ALA A 374 48.80 4.98 11.11
N ASN A 375 47.64 5.61 10.95
CA ASN A 375 47.15 6.02 9.65
C ASN A 375 47.55 7.45 9.29
N TYR A 376 47.87 8.28 10.29
CA TYR A 376 48.36 9.64 10.04
C TYR A 376 49.64 9.86 10.84
N PRO A 377 50.73 9.14 10.48
CA PRO A 377 52.01 9.32 11.18
C PRO A 377 52.34 10.78 11.47
N GLY A 378 52.55 11.08 12.76
CA GLY A 378 52.76 12.43 13.26
C GLY A 378 51.59 12.99 14.03
N TRP A 379 50.42 12.36 13.92
CA TRP A 379 49.24 12.85 14.62
C TRP A 379 49.48 12.94 16.12
N ALA A 380 50.04 11.89 16.71
CA ALA A 380 50.23 11.84 18.16
C ALA A 380 51.07 13.02 18.65
N ASP A 381 52.16 13.31 17.95
CA ASP A 381 53.01 14.37 18.48
C ASP A 381 52.39 15.77 18.34
N HIS A 382 51.18 15.87 17.80
CA HIS A 382 50.54 17.18 17.62
C HIS A 382 49.15 17.17 18.23
N TYR A 383 48.18 16.62 17.51
CA TYR A 383 46.83 16.56 18.06
C TYR A 383 46.79 15.74 19.34
N GLY A 384 47.48 14.60 19.35
CA GLY A 384 47.54 13.78 20.55
C GLY A 384 47.98 14.58 21.77
N LYS A 385 49.15 15.22 21.69
CA LYS A 385 49.63 15.96 22.86
C LYS A 385 48.65 17.05 23.27
N ILE A 386 48.02 17.71 22.29
CA ILE A 386 47.05 18.76 22.60
C ILE A 386 45.82 18.18 23.31
N TYR A 387 45.22 17.12 22.75
CA TYR A 387 44.04 16.55 23.40
C TYR A 387 44.37 16.01 24.78
N ASN A 388 45.58 15.48 24.97
CA ASN A 388 45.94 14.94 26.29
C ASN A 388 46.07 16.06 27.31
N GLU A 389 46.64 17.20 26.90
CA GLU A 389 46.70 18.34 27.80
C GLU A 389 45.30 18.87 28.11
N TRP A 390 44.45 19.00 27.09
CA TRP A 390 43.11 19.51 27.32
C TRP A 390 42.37 18.67 28.35
N LYS A 391 42.54 17.34 28.28
CA LYS A 391 41.90 16.43 29.23
C LYS A 391 42.48 16.58 30.63
N LYS A 392 43.80 16.79 30.74
CA LYS A 392 44.48 17.04 32.01
C LYS A 392 44.17 18.42 32.58
N LEU A 393 43.64 19.35 31.78
CA LEU A 393 43.23 20.65 32.28
C LEU A 393 41.75 20.71 32.63
N GLY A 394 40.97 19.69 32.30
CA GLY A 394 39.61 19.58 32.76
C GLY A 394 38.55 19.49 31.67
N TYR A 395 38.98 19.16 30.44
CA TYR A 395 38.09 19.23 29.28
C TYR A 395 36.76 18.50 29.51
N GLU A 396 36.75 17.45 30.34
CA GLU A 396 35.52 16.70 30.59
C GLU A 396 34.85 17.06 31.90
N ASP A 397 35.55 17.77 32.80
CA ASP A 397 35.10 17.89 34.19
C ASP A 397 34.29 19.16 34.38
N PRO A 398 33.02 19.08 34.81
CA PRO A 398 32.20 20.29 34.87
C PRO A 398 32.70 21.30 35.89
N LYS A 399 33.26 20.83 37.01
CA LYS A 399 33.76 21.75 38.04
C LYS A 399 35.05 22.44 37.63
N SER A 400 35.64 22.07 36.48
CA SER A 400 36.97 22.53 36.12
C SER A 400 37.01 23.98 35.67
N GLY A 401 35.90 24.51 35.14
CA GLY A 401 35.94 25.84 34.54
C GLY A 401 36.90 26.00 33.38
N PHE A 402 37.23 24.91 32.70
CA PHE A 402 38.17 24.97 31.57
C PHE A 402 37.37 24.91 30.27
N ILE A 403 37.51 25.93 29.44
CA ILE A 403 37.01 25.95 28.07
C ILE A 403 38.22 25.96 27.15
N PRO A 404 38.40 24.94 26.31
CA PRO A 404 39.58 24.93 25.43
C PRO A 404 39.70 26.19 24.59
N TYR A 405 38.59 26.81 24.22
CA TYR A 405 38.74 27.98 23.37
C TYR A 405 39.43 29.11 24.12
N ALA A 406 39.15 29.25 25.42
CA ALA A 406 39.93 30.20 26.22
C ALA A 406 41.41 29.82 26.22
N TRP A 407 41.70 28.54 26.41
CA TRP A 407 43.09 28.08 26.36
C TRP A 407 43.75 28.49 25.05
N LEU A 408 43.15 28.10 23.92
CA LEU A 408 43.65 28.47 22.59
C LEU A 408 44.05 29.93 22.54
N LEU A 409 43.19 30.79 23.07
CA LEU A 409 43.46 32.22 23.09
C LEU A 409 44.63 32.56 24.00
N ALA A 410 44.61 32.05 25.23
CA ALA A 410 45.69 32.36 26.17
C ALA A 410 47.02 31.83 25.70
N ASN A 411 47.06 31.03 24.64
CA ASN A 411 48.31 30.56 24.06
C ASN A 411 48.54 31.08 22.64
N GLY A 412 47.78 32.07 22.20
CA GLY A 412 48.02 32.67 20.90
C GLY A 412 47.63 31.81 19.72
N HIS A 413 46.60 30.99 19.87
CA HIS A 413 46.09 30.18 18.77
C HIS A 413 44.69 30.68 18.42
N ASP A 414 44.63 31.83 17.75
CA ASP A 414 43.34 32.43 17.43
C ASP A 414 42.60 31.62 16.37
N VAL A 415 41.29 31.45 16.59
CA VAL A 415 40.39 30.86 15.61
C VAL A 415 39.91 31.96 14.68
N TYR A 416 39.99 31.72 13.37
CA TYR A 416 39.47 32.62 12.35
C TYR A 416 38.38 31.90 11.56
N ILE A 417 37.43 32.65 10.99
CA ILE A 417 36.36 32.09 10.17
C ILE A 417 36.48 32.66 8.75
N ASP A 418 36.69 31.77 7.76
CA ASP A 418 36.68 32.13 6.34
C ASP A 418 35.43 32.94 6.00
N ARG A 419 35.62 34.16 5.50
CA ARG A 419 34.48 34.98 5.13
C ARG A 419 33.60 34.29 4.09
N VAL A 420 34.16 33.39 3.29
CA VAL A 420 33.39 32.83 2.20
C VAL A 420 32.73 31.55 2.66
N SER A 421 33.55 30.54 3.00
CA SER A 421 33.06 29.20 3.28
C SER A 421 32.59 29.03 4.71
N GLN A 422 33.00 29.90 5.63
CA GLN A 422 32.71 29.85 7.06
C GLN A 422 33.44 28.72 7.79
N VAL A 423 34.45 28.10 7.19
CA VAL A 423 35.16 27.01 7.88
C VAL A 423 36.23 27.63 8.80
N PRO A 424 36.33 27.21 10.07
CA PRO A 424 37.34 27.79 10.95
C PRO A 424 38.75 27.48 10.46
N PHE A 425 39.70 28.28 10.93
CA PHE A 425 41.09 28.17 10.53
C PHE A 425 41.93 28.59 11.70
N ILE A 426 42.75 27.69 12.20
CA ILE A 426 43.64 28.02 13.31
C ILE A 426 45.05 27.99 12.74
N PRO A 427 45.56 29.10 12.21
CA PRO A 427 46.82 29.03 11.44
C PRO A 427 47.99 28.46 12.24
N SER A 428 48.02 28.68 13.56
CA SER A 428 49.16 28.26 14.36
C SER A 428 49.09 26.80 14.83
N LEU A 429 47.94 26.14 14.69
CA LEU A 429 47.86 24.70 14.93
C LEU A 429 47.57 23.92 13.66
N ALA A 430 47.37 24.58 12.54
CA ALA A 430 46.95 23.90 11.34
C ALA A 430 48.14 23.18 10.71
N LYS A 431 47.96 21.90 10.41
CA LYS A 431 48.93 21.19 9.58
C LYS A 431 48.53 21.15 8.10
N GLY A 432 47.30 21.56 7.78
CA GLY A 432 46.84 21.59 6.41
C GLY A 432 47.43 22.75 5.62
N SER A 433 47.03 22.82 4.35
CA SER A 433 47.34 23.96 3.50
C SER A 433 46.37 25.08 3.88
N GLY A 434 46.32 26.15 3.13
CA GLY A 434 45.43 27.21 3.57
C GLY A 434 46.11 28.13 4.54
N SER A 435 46.12 29.41 4.21
CA SER A 435 46.90 30.43 4.89
C SER A 435 46.06 31.67 5.12
N LEU A 436 46.24 32.29 6.28
CA LEU A 436 45.45 33.46 6.64
C LEU A 436 45.77 34.63 5.71
N ARG A 437 44.73 35.29 5.23
CA ARG A 437 44.85 36.57 4.56
C ARG A 437 43.84 37.52 5.19
N VAL A 438 44.29 38.67 5.64
CA VAL A 438 43.38 39.66 6.25
C VAL A 438 43.42 40.93 5.42
N HIS A 439 42.23 41.39 4.99
CA HIS A 439 42.07 42.64 4.25
C HIS A 439 41.10 43.60 4.96
N GLU A 440 41.45 44.88 4.98
CA GLU A 440 40.50 45.93 5.32
C GLU A 440 39.87 46.42 4.03
N PHE A 441 38.56 46.40 3.97
CA PHE A 441 37.84 46.96 2.84
C PHE A 441 36.62 47.69 3.39
N ASN A 442 36.43 48.92 2.90
CA ASN A 442 35.30 49.77 3.29
C ASN A 442 35.15 49.92 4.81
N GLY A 443 36.26 49.91 5.53
CA GLY A 443 36.17 49.97 6.98
C GLY A 443 35.69 48.71 7.66
N LYS A 444 35.81 47.54 6.99
CA LYS A 444 35.64 46.25 7.63
C LYS A 444 36.86 45.38 7.38
N LYS A 445 37.26 44.62 8.39
CA LYS A 445 38.29 43.60 8.22
C LYS A 445 37.65 42.25 7.87
N HIS A 446 38.33 41.48 7.02
CA HIS A 446 37.89 40.18 6.53
C HIS A 446 39.04 39.20 6.51
N SER A 447 38.82 38.00 7.03
CA SER A 447 39.82 36.95 6.97
C SER A 447 39.40 35.89 5.95
N LEU A 448 40.29 35.63 4.98
CA LEU A 448 40.13 34.57 3.99
C LEU A 448 41.23 33.54 4.20
N THR A 449 41.00 32.31 3.70
CA THR A 449 41.90 31.23 4.08
C THR A 449 42.45 30.37 2.94
N ASP A 450 42.19 30.72 1.68
CA ASP A 450 42.77 29.97 0.56
C ASP A 450 42.65 30.79 -0.70
N ASP A 451 43.46 30.45 -1.70
CA ASP A 451 43.53 31.27 -2.92
C ASP A 451 42.19 31.36 -3.65
N TRP A 452 41.38 30.31 -3.61
CA TRP A 452 40.19 30.25 -4.45
C TRP A 452 39.02 30.99 -3.80
N GLY A 453 38.82 30.76 -2.49
CA GLY A 453 37.83 31.53 -1.76
C GLY A 453 38.19 33.00 -1.63
N GLU A 454 39.48 33.32 -1.58
CA GLU A 454 39.85 34.73 -1.61
C GLU A 454 39.44 35.34 -2.93
N ARG A 455 39.74 34.66 -4.03
CA ARG A 455 39.33 35.19 -5.33
C ARG A 455 37.82 35.38 -5.38
N MET A 456 37.06 34.48 -4.76
CA MET A 456 35.61 34.63 -4.78
C MET A 456 35.18 35.91 -4.06
N TRP A 457 35.80 36.20 -2.92
CA TRP A 457 35.39 37.37 -2.16
C TRP A 457 35.85 38.66 -2.85
N LEU A 458 37.06 38.68 -3.41
CA LEU A 458 37.55 39.89 -4.10
C LEU A 458 36.71 40.23 -5.32
N SER A 459 36.18 39.21 -6.00
CA SER A 459 35.41 39.42 -7.21
C SER A 459 33.94 39.72 -6.92
N GLU A 460 33.41 39.20 -5.82
CA GLU A 460 31.95 39.13 -5.60
C GLU A 460 31.67 39.42 -4.14
N PRO A 461 32.09 40.59 -3.66
CA PRO A 461 31.99 40.85 -2.21
C PRO A 461 30.56 41.01 -1.75
N GLU A 462 29.67 41.51 -2.60
CA GLU A 462 28.27 41.60 -2.20
C GLU A 462 27.64 40.21 -2.06
N ARG A 463 28.24 39.18 -2.67
CA ARG A 463 27.74 37.82 -2.52
C ARG A 463 28.08 37.20 -1.18
N TYR A 464 29.09 37.74 -0.45
CA TYR A 464 29.66 37.08 0.72
C TYR A 464 29.78 38.06 1.88
N GLU A 465 28.65 38.44 2.48
CA GLU A 465 28.61 39.28 3.68
C GLU A 465 28.08 38.55 4.91
N CYS A 466 28.34 37.25 5.02
CA CYS A 466 27.82 36.51 6.16
C CYS A 466 28.62 36.85 7.42
N HIS A 467 27.93 37.35 8.45
CA HIS A 467 28.57 37.54 9.75
C HIS A 467 29.07 36.20 10.29
N ASN A 468 30.22 36.23 10.95
CA ASN A 468 30.70 35.04 11.65
C ASN A 468 30.33 35.14 13.13
N LEU A 469 30.49 34.02 13.84
CA LEU A 469 29.99 33.95 15.20
C LEU A 469 30.71 34.94 16.11
N PHE A 470 32.01 35.18 15.88
CA PHE A 470 32.70 36.18 16.70
C PHE A 470 32.08 37.56 16.54
N GLU A 471 31.65 37.91 15.33
CA GLU A 471 31.06 39.23 15.12
C GLU A 471 29.70 39.33 15.77
N GLN A 472 28.89 38.28 15.67
CA GLN A 472 27.55 38.31 16.26
C GLN A 472 27.56 38.21 17.77
N TYR A 473 28.63 37.66 18.36
CA TYR A 473 28.71 37.41 19.79
C TYR A 473 29.80 38.22 20.49
N GLU A 474 30.51 39.07 19.76
CA GLU A 474 31.64 39.80 20.31
C GLU A 474 31.28 40.54 21.59
N GLY A 475 32.05 40.32 22.63
CA GLY A 475 31.82 40.92 23.92
C GLY A 475 30.98 40.06 24.81
N ARG A 476 29.91 39.47 24.30
CA ARG A 476 29.02 38.71 25.17
C ARG A 476 29.77 37.53 25.79
N GLU A 477 29.27 37.09 26.94
CA GLU A 477 29.84 35.95 27.65
C GLU A 477 29.20 34.65 27.17
N LEU A 478 29.95 33.55 27.32
CA LEU A 478 29.61 32.31 26.63
C LEU A 478 28.28 31.73 27.12
N SER A 479 27.99 31.85 28.43
CA SER A 479 26.77 31.25 28.93
C SER A 479 25.54 32.03 28.45
N GLU A 480 25.65 33.36 28.34
CA GLU A 480 24.53 34.14 27.83
C GLU A 480 24.15 33.69 26.41
N VAL A 481 25.15 33.43 25.57
CA VAL A 481 24.87 33.01 24.20
C VAL A 481 24.19 31.65 24.20
N ILE A 482 24.78 30.67 24.87
CA ILE A 482 24.21 29.33 24.91
C ILE A 482 22.79 29.37 25.46
N ALA A 483 22.55 30.20 26.48
CA ALA A 483 21.22 30.28 27.07
C ALA A 483 20.25 30.96 26.13
N GLU A 484 20.67 32.06 25.52
CA GLU A 484 19.83 32.73 24.53
C GLU A 484 19.46 31.78 23.40
N GLY A 485 20.42 30.99 22.91
CA GLY A 485 20.18 30.07 21.83
C GLY A 485 19.43 28.81 22.22
N HIS A 486 18.91 28.79 23.45
CA HIS A 486 18.18 27.65 24.00
C HIS A 486 19.07 26.41 24.12
N GLY A 487 20.35 26.61 24.50
CA GLY A 487 21.37 25.61 24.64
C GLY A 487 21.23 24.66 25.81
N VAL A 488 20.10 24.68 26.51
CA VAL A 488 19.94 23.90 27.73
C VAL A 488 18.78 22.93 27.58
N ARG A 489 18.82 21.85 28.36
CA ARG A 489 17.81 20.82 28.28
C ARG A 489 16.52 21.29 28.94
N SER A 490 15.53 20.38 29.02
CA SER A 490 14.30 20.69 29.74
C SER A 490 14.60 21.14 31.16
N ASP A 491 15.60 20.51 31.78
CA ASP A 491 16.19 20.95 33.04
C ASP A 491 16.15 22.47 33.21
N GLY A 492 16.66 23.20 32.22
CA GLY A 492 16.81 24.63 32.31
C GLY A 492 18.22 25.07 32.63
N LYS A 493 19.04 24.16 33.13
CA LYS A 493 20.43 24.45 33.50
C LYS A 493 21.43 23.57 32.76
N THR A 494 21.15 22.27 32.61
CA THR A 494 22.12 21.37 32.01
C THR A 494 22.15 21.56 30.49
N LEU A 495 23.36 21.69 29.95
CA LEU A 495 23.54 21.99 28.53
C LEU A 495 23.20 20.78 27.65
N ILE A 496 22.80 21.08 26.41
CA ILE A 496 22.59 20.03 25.43
C ILE A 496 23.94 19.45 24.99
N ALA A 497 24.85 20.32 24.56
CA ALA A 497 26.24 19.96 24.30
C ALA A 497 26.92 19.47 25.58
N GLN A 498 27.90 18.58 25.41
CA GLN A 498 28.74 18.11 26.52
C GLN A 498 30.09 17.73 25.95
N PRO A 499 31.17 17.94 26.70
CA PRO A 499 32.50 17.50 26.24
C PRO A 499 32.77 16.01 26.40
N HIS A 500 31.79 15.25 26.89
CA HIS A 500 31.93 13.80 26.97
C HIS A 500 30.59 13.17 26.64
N VAL A 501 30.56 11.84 26.63
CA VAL A 501 29.43 11.04 26.18
C VAL A 501 28.79 10.26 27.32
N ARG A 502 29.32 10.33 28.54
CA ARG A 502 28.79 9.57 29.66
C ARG A 502 27.84 10.43 30.50
N GLY A 503 26.80 9.79 31.04
CA GLY A 503 25.79 10.50 31.81
C GLY A 503 26.24 11.09 33.13
N ASP A 504 27.52 10.96 33.48
CA ASP A 504 28.00 11.40 34.77
C ASP A 504 28.56 12.82 34.67
N ASN A 505 28.31 13.63 35.68
CA ASN A 505 28.86 14.99 35.71
C ASN A 505 28.57 15.71 34.40
N LEU A 506 27.31 16.10 34.24
CA LEU A 506 26.91 16.88 33.08
C LEU A 506 27.15 18.36 33.36
N TRP A 507 27.57 19.08 32.33
CA TRP A 507 27.81 20.51 32.45
C TRP A 507 26.50 21.29 32.41
N THR A 508 26.52 22.49 33.02
CA THR A 508 25.35 23.36 33.12
C THR A 508 25.74 24.79 32.76
N LEU A 509 24.72 25.61 32.49
CA LEU A 509 24.96 27.02 32.22
C LEU A 509 25.90 27.64 33.25
N GLU A 510 25.73 27.26 34.53
CA GLU A 510 26.56 27.85 35.58
C GLU A 510 28.01 27.40 35.45
N ASP A 511 28.23 26.11 35.18
CA ASP A 511 29.58 25.61 34.91
C ASP A 511 30.29 26.44 33.84
N ILE A 512 29.54 26.87 32.82
CA ILE A 512 30.12 27.68 31.75
C ILE A 512 30.37 29.10 32.23
N LYS A 513 29.33 29.73 32.80
CA LYS A 513 29.49 31.04 33.42
C LYS A 513 30.74 31.08 34.30
N ARG A 514 31.05 29.97 34.97
CA ARG A 514 32.19 29.90 35.87
C ARG A 514 33.54 30.05 35.15
N ALA A 515 33.57 30.05 33.82
CA ALA A 515 34.83 30.18 33.09
C ALA A 515 35.14 31.61 32.65
N GLY A 516 34.15 32.51 32.66
CA GLY A 516 34.38 33.86 32.19
C GLY A 516 34.82 33.96 30.75
N CYS A 517 34.43 33.02 29.90
CA CYS A 517 34.79 33.08 28.49
C CYS A 517 33.95 34.15 27.80
N VAL A 518 34.59 35.09 27.12
CA VAL A 518 33.90 36.22 26.52
C VAL A 518 34.37 36.41 25.09
N PHE A 519 33.44 36.59 24.19
CA PHE A 519 33.77 36.50 22.77
C PHE A 519 34.52 37.74 22.32
N PRO A 520 35.74 37.60 21.81
CA PRO A 520 36.49 38.78 21.33
C PRO A 520 36.36 38.96 19.83
N ASN A 521 37.14 39.88 19.25
CA ASN A 521 37.22 40.08 17.80
C ASN A 521 38.60 39.64 17.33
N PRO A 522 38.74 38.42 16.80
CA PRO A 522 40.09 37.94 16.42
C PRO A 522 40.85 38.84 15.47
N LEU A 523 40.17 39.71 14.71
CA LEU A 523 40.84 40.56 13.75
C LEU A 523 41.26 41.91 14.33
N ALA A 524 40.94 42.17 15.60
CA ALA A 524 41.38 43.41 16.24
C ALA A 524 42.89 43.56 16.19
N LYS A 525 43.63 42.46 16.42
CA LYS A 525 45.09 42.53 16.46
C LYS A 525 45.69 43.07 15.17
N PHE A 526 45.05 42.84 14.02
CA PHE A 526 45.57 43.34 12.75
C PHE A 526 45.09 44.78 12.53
N CYS B 57 6.52 21.86 9.53
CA CYS B 57 7.56 21.89 8.50
C CYS B 57 8.35 23.20 8.54
N TYR B 58 9.12 23.41 9.62
CA TYR B 58 9.99 24.58 9.80
C TYR B 58 11.44 24.15 9.59
N ALA B 59 11.79 23.88 8.34
CA ALA B 59 13.14 23.45 8.02
C ALA B 59 13.88 24.38 7.06
N GLN B 60 13.18 25.23 6.32
CA GLN B 60 13.80 26.25 5.49
C GLN B 60 14.55 27.24 6.37
N PRO B 61 15.89 27.37 6.25
CA PRO B 61 16.65 28.19 7.20
C PRO B 61 16.38 29.67 7.08
N ASN B 62 15.20 30.15 7.53
CA ASN B 62 14.82 31.57 7.47
C ASN B 62 15.33 32.32 8.70
N PRO B 63 15.91 33.52 8.50
CA PRO B 63 16.37 34.33 9.62
C PRO B 63 15.25 35.20 10.17
N ASP B 64 15.50 35.81 11.34
CA ASP B 64 14.52 36.66 12.03
C ASP B 64 14.17 37.98 11.27
N TRP B 65 14.69 38.20 10.05
CA TRP B 65 14.27 39.34 9.25
C TRP B 65 13.39 38.92 8.08
N ILE B 66 12.98 37.65 8.09
CA ILE B 66 11.88 37.16 7.26
C ILE B 66 10.82 36.59 8.19
N ALA B 67 9.57 37.00 7.98
CA ALA B 67 8.53 36.91 8.99
C ALA B 67 8.32 35.48 9.47
N GLY B 68 8.75 35.19 10.69
CA GLY B 68 8.59 33.88 11.29
C GLY B 68 9.87 33.09 11.46
N GLY B 69 11.04 33.73 11.28
CA GLY B 69 12.30 33.01 11.34
C GLY B 69 12.91 32.95 12.73
N LEU B 70 13.83 32.00 12.88
CA LEU B 70 14.58 31.79 14.11
C LEU B 70 16.09 31.93 13.95
N ASP B 71 16.63 31.65 12.77
CA ASP B 71 18.06 31.77 12.53
C ASP B 71 18.47 33.26 12.60
N TRP B 72 19.76 33.52 12.45
CA TRP B 72 20.30 34.87 12.53
C TRP B 72 21.33 35.08 11.44
N GLY B 73 21.59 36.35 11.13
CA GLY B 73 22.67 36.72 10.24
C GLY B 73 22.32 36.56 8.76
N ASP B 74 23.22 37.10 7.95
CA ASP B 74 23.00 37.09 6.50
C ASP B 74 23.11 35.66 5.95
N TRP B 75 22.73 35.53 4.69
CA TRP B 75 23.00 34.30 3.96
C TRP B 75 24.49 34.12 3.79
N THR B 76 24.91 32.84 3.76
CA THR B 76 26.30 32.53 3.48
C THR B 76 26.66 32.86 2.04
N GLN B 77 25.67 32.91 1.14
CA GLN B 77 25.94 33.12 -0.27
C GLN B 77 24.69 33.69 -0.93
N LYS B 78 24.89 34.72 -1.75
CA LYS B 78 23.82 35.45 -2.40
C LYS B 78 24.05 35.49 -3.91
N PHE B 79 23.01 35.90 -4.63
CA PHE B 79 23.13 36.14 -6.07
C PHE B 79 24.10 37.29 -6.36
N HIS B 80 24.73 37.25 -7.53
CA HIS B 80 25.52 38.40 -7.97
C HIS B 80 24.66 39.66 -7.90
N GLY B 81 25.17 40.69 -7.26
CA GLY B 81 24.43 41.91 -7.04
C GLY B 81 23.73 41.97 -5.70
N GLY B 82 23.42 40.83 -5.10
CA GLY B 82 23.01 40.87 -3.71
C GLY B 82 21.63 40.35 -3.38
N ARG B 83 20.90 39.79 -4.35
CA ARG B 83 19.62 39.17 -4.05
C ARG B 83 19.81 38.11 -2.96
N PRO B 84 19.01 38.13 -1.89
CA PRO B 84 19.14 37.10 -0.85
C PRO B 84 18.60 35.76 -1.30
N SER B 85 19.05 34.71 -0.61
CA SER B 85 18.55 33.36 -0.88
C SER B 85 17.03 33.30 -0.78
N TRP B 86 16.48 34.09 0.12
CA TRP B 86 15.04 34.27 0.24
C TRP B 86 14.82 35.65 0.84
N GLY B 87 13.80 36.36 0.39
CA GLY B 87 13.56 37.67 0.96
C GLY B 87 12.16 38.17 0.73
N ASN B 88 11.77 39.16 1.55
CA ASN B 88 10.44 39.72 1.36
C ASN B 88 10.29 40.41 0.01
N GLU B 89 11.39 40.66 -0.71
CA GLU B 89 11.29 41.26 -2.03
C GLU B 89 10.60 40.35 -3.02
N SER B 90 10.40 39.08 -2.66
CA SER B 90 9.75 38.11 -3.53
C SER B 90 8.25 38.30 -3.65
N THR B 91 7.62 39.16 -2.85
CA THR B 91 6.16 39.27 -2.95
C THR B 91 5.64 40.58 -2.35
N GLU B 92 4.57 41.09 -2.96
CA GLU B 92 3.89 42.27 -2.45
C GLU B 92 3.29 42.04 -1.06
N LEU B 93 2.90 40.80 -0.75
CA LEU B 93 2.14 40.58 0.47
C LEU B 93 3.05 40.55 1.69
N ARG B 94 2.45 40.79 2.86
CA ARG B 94 3.16 40.81 4.13
C ARG B 94 2.38 40.00 5.15
N THR B 95 3.07 39.57 6.20
CA THR B 95 2.37 38.80 7.21
C THR B 95 3.21 38.73 8.48
N THR B 96 2.53 38.47 9.59
CA THR B 96 3.25 38.25 10.83
C THR B 96 3.99 36.92 10.82
N ASP B 97 3.49 35.92 10.09
CA ASP B 97 4.16 34.62 10.16
C ASP B 97 3.90 33.82 8.89
N TRP B 98 4.97 33.54 8.13
CA TRP B 98 4.84 32.85 6.85
C TRP B 98 4.59 31.37 7.00
N TYR B 99 4.94 30.77 8.14
CA TYR B 99 4.70 29.35 8.37
C TYR B 99 3.31 29.08 8.96
N ARG B 100 2.35 29.97 8.72
CA ARG B 100 1.02 29.79 9.30
C ARG B 100 0.15 28.83 8.48
N HIS B 101 0.27 28.88 7.15
CA HIS B 101 -0.55 28.07 6.26
C HIS B 101 -0.49 26.58 6.62
N ARG B 102 -1.65 25.92 6.58
CA ARG B 102 -1.72 24.48 6.68
C ARG B 102 -2.66 23.98 5.59
N ASP B 103 -2.15 23.18 4.68
CA ASP B 103 -2.96 22.46 3.71
C ASP B 103 -4.11 21.75 4.43
N PRO B 104 -5.37 22.08 4.11
CA PRO B 104 -6.50 21.37 4.76
C PRO B 104 -6.53 19.87 4.52
N ALA B 105 -5.96 19.40 3.40
CA ALA B 105 -5.85 17.98 3.13
C ALA B 105 -4.69 17.31 3.86
N ARG B 106 -3.75 18.10 4.39
CA ARG B 106 -2.51 17.57 4.97
C ARG B 106 -1.97 16.44 4.11
N ARG B 107 -1.96 16.67 2.80
CA ARG B 107 -1.44 15.73 1.81
C ARG B 107 0.05 15.97 1.66
N TRP B 108 0.83 15.26 2.49
CA TRP B 108 2.29 15.22 2.32
C TRP B 108 2.62 14.15 1.27
N HIS B 109 3.93 13.93 1.04
CA HIS B 109 4.36 13.06 -0.07
C HIS B 109 3.68 11.71 -0.02
N ALA B 110 3.77 11.02 1.13
CA ALA B 110 3.20 9.70 1.29
C ALA B 110 1.73 9.66 0.86
N PRO B 111 0.84 10.44 1.48
CA PRO B 111 -0.59 10.41 1.05
C PRO B 111 -0.85 11.03 -0.32
N TYR B 112 -0.08 12.03 -0.72
CA TYR B 112 -0.33 12.61 -2.04
C TYR B 112 -0.02 11.61 -3.16
N VAL B 113 1.06 10.82 -3.00
CA VAL B 113 1.42 9.86 -4.06
C VAL B 113 0.64 8.57 -3.89
N LYS B 114 0.27 8.22 -2.66
CA LYS B 114 -0.65 7.11 -2.50
C LYS B 114 -1.90 7.35 -3.34
N ASP B 115 -2.59 8.46 -3.08
CA ASP B 115 -3.85 8.70 -3.78
C ASP B 115 -3.65 8.72 -5.30
N LYS B 116 -2.60 9.36 -5.78
CA LYS B 116 -2.40 9.43 -7.23
C LYS B 116 -2.05 8.05 -7.78
N SER B 117 -1.38 7.23 -6.99
CA SER B 117 -1.09 5.87 -7.42
C SER B 117 -2.37 5.07 -7.62
N GLU B 118 -3.30 5.14 -6.65
CA GLU B 118 -4.58 4.45 -6.81
C GLU B 118 -5.25 4.87 -8.10
N GLU B 119 -5.31 6.19 -8.34
CA GLU B 119 -5.90 6.71 -9.56
C GLU B 119 -5.16 6.20 -10.79
N ALA B 120 -3.83 6.13 -10.73
CA ALA B 120 -3.07 5.72 -11.91
C ALA B 120 -3.41 4.28 -12.27
N ARG B 121 -3.34 3.38 -11.29
CA ARG B 121 -3.58 1.96 -11.56
C ARG B 121 -5.03 1.71 -11.94
N TYR B 122 -5.98 2.34 -11.23
CA TYR B 122 -7.38 2.22 -11.61
C TYR B 122 -7.58 2.69 -13.05
N THR B 123 -6.91 3.79 -13.45
CA THR B 123 -7.13 4.30 -14.79
C THR B 123 -6.82 3.24 -15.84
N GLN B 124 -5.69 2.54 -15.69
CA GLN B 124 -5.34 1.52 -16.67
C GLN B 124 -6.26 0.32 -16.60
N ARG B 125 -6.77 -0.03 -15.42
CA ARG B 125 -7.77 -1.10 -15.38
C ARG B 125 -9.05 -0.65 -16.07
N PHE B 126 -9.44 0.60 -15.85
CA PHE B 126 -10.64 1.11 -16.48
C PHE B 126 -10.51 1.12 -18.00
N LEU B 127 -9.34 1.52 -18.50
CA LEU B 127 -9.13 1.59 -19.95
C LEU B 127 -9.18 0.20 -20.59
N ALA B 128 -8.43 -0.76 -20.02
CA ALA B 128 -8.46 -2.11 -20.57
C ALA B 128 -9.87 -2.67 -20.57
N ALA B 129 -10.69 -2.31 -19.58
CA ALA B 129 -12.06 -2.78 -19.59
C ALA B 129 -12.90 -2.00 -20.59
N TYR B 130 -12.67 -0.69 -20.71
CA TYR B 130 -13.47 0.15 -21.60
C TYR B 130 -13.24 -0.24 -23.06
N SER B 131 -12.00 -0.51 -23.46
CA SER B 131 -11.76 -1.03 -24.79
C SER B 131 -12.47 -2.36 -25.00
N SER B 132 -12.44 -3.24 -23.99
CA SER B 132 -13.14 -4.51 -24.14
C SER B 132 -14.64 -4.32 -24.32
N GLU B 133 -15.22 -3.33 -23.64
CA GLU B 133 -16.66 -3.07 -23.76
C GLU B 133 -17.08 -2.57 -25.13
N GLY B 134 -16.17 -1.97 -25.90
CA GLY B 134 -16.61 -1.31 -27.12
C GLY B 134 -17.47 -0.08 -26.91
N SER B 135 -17.49 0.51 -25.70
CA SER B 135 -18.38 1.63 -25.41
C SER B 135 -18.12 2.85 -26.27
N ILE B 136 -16.98 2.90 -26.97
CA ILE B 136 -16.67 4.05 -27.81
C ILE B 136 -17.68 4.19 -28.95
N ARG B 137 -18.42 3.13 -29.23
CA ARG B 137 -19.23 3.01 -30.44
C ARG B 137 -20.46 3.91 -30.46
N THR B 138 -20.94 4.36 -29.30
CA THR B 138 -22.12 5.23 -29.30
C THR B 138 -21.81 6.73 -29.20
N ILE B 139 -20.55 7.16 -29.40
CA ILE B 139 -20.20 8.58 -29.27
C ILE B 139 -20.51 9.33 -30.56
N ASP B 140 -21.00 10.56 -30.46
CA ASP B 140 -21.15 11.37 -31.66
C ASP B 140 -19.82 11.50 -32.37
N ALA B 141 -19.68 10.89 -33.55
CA ALA B 141 -18.41 11.01 -34.27
C ALA B 141 -17.99 12.46 -34.43
N TYR B 142 -18.96 13.38 -34.50
CA TYR B 142 -18.60 14.78 -34.71
C TYR B 142 -17.94 15.36 -33.46
N TRP B 143 -18.67 15.40 -32.35
CA TRP B 143 -18.08 15.69 -31.05
C TRP B 143 -16.72 15.02 -30.90
N ARG B 144 -16.63 13.74 -31.28
CA ARG B 144 -15.38 13.03 -31.12
C ARG B 144 -14.27 13.67 -31.94
N ASP B 145 -14.49 13.84 -33.25
CA ASP B 145 -13.38 14.20 -34.13
C ASP B 145 -13.14 15.70 -34.22
N GLU B 146 -14.20 16.52 -34.12
CA GLU B 146 -14.10 17.95 -34.39
C GLU B 146 -14.11 18.82 -33.15
N ILE B 147 -14.68 18.35 -32.03
CA ILE B 147 -14.71 19.14 -30.80
C ILE B 147 -13.75 18.57 -29.76
N LEU B 148 -13.94 17.31 -29.36
CA LEU B 148 -13.07 16.68 -28.36
C LEU B 148 -11.63 16.67 -28.82
N ASN B 149 -11.37 15.99 -29.93
CA ASN B 149 -9.99 15.75 -30.31
C ASN B 149 -9.21 17.04 -30.47
N LYS B 150 -9.85 18.07 -31.02
CA LYS B 150 -9.17 19.31 -31.37
C LYS B 150 -9.16 20.29 -30.20
N TYR B 151 -10.32 20.61 -29.69
CA TYR B 151 -10.41 21.59 -28.64
C TYR B 151 -10.10 21.10 -27.27
N TYR B 152 -10.23 19.81 -26.99
CA TYR B 152 -9.85 19.27 -25.71
C TYR B 152 -8.31 19.12 -25.58
N GLY B 153 -7.66 18.82 -26.68
CA GLY B 153 -6.21 18.75 -26.69
C GLY B 153 -5.59 20.13 -26.51
N ALA B 154 -6.27 21.13 -27.02
CA ALA B 154 -5.82 22.47 -26.84
C ALA B 154 -5.87 22.88 -25.38
N LEU B 155 -6.81 22.29 -24.69
CA LEU B 155 -6.98 22.54 -23.31
C LEU B 155 -5.78 22.04 -22.56
N LEU B 156 -5.08 21.07 -23.11
CA LEU B 156 -3.91 20.54 -22.47
C LEU B 156 -2.83 21.55 -22.31
N TYR B 157 -2.65 22.43 -23.26
CA TYR B 157 -1.71 23.53 -23.20
C TYR B 157 -2.08 24.50 -22.09
N ASN B 158 -3.36 24.71 -21.86
CA ASN B 158 -3.79 25.56 -20.82
C ASN B 158 -3.34 25.01 -19.50
N GLU B 159 -3.53 23.72 -19.31
CA GLU B 159 -3.13 23.02 -18.11
C GLU B 159 -1.62 22.96 -17.95
N TYR B 160 -0.92 22.75 -19.03
CA TYR B 160 0.51 22.72 -19.06
C TYR B 160 1.10 24.05 -18.71
N GLY B 161 0.48 25.10 -19.17
CA GLY B 161 0.90 26.42 -18.83
C GLY B 161 0.76 26.72 -17.37
N LEU B 162 -0.31 26.29 -16.76
CA LEU B 162 -0.54 26.50 -15.37
C LEU B 162 0.42 25.76 -14.51
N PHE B 163 0.89 24.64 -14.98
CA PHE B 163 1.83 23.85 -14.26
C PHE B 163 3.13 24.61 -14.15
N ASN B 164 3.58 25.17 -15.24
CA ASN B 164 4.85 25.83 -15.30
C ASN B 164 4.97 27.08 -14.47
N ALA B 165 3.89 27.75 -14.25
CA ALA B 165 3.88 28.90 -13.47
C ALA B 165 4.30 28.54 -12.08
N HIS B 166 4.16 27.30 -11.69
CA HIS B 166 4.62 26.99 -10.34
C HIS B 166 6.14 26.87 -10.23
N SER B 167 6.89 26.83 -11.33
CA SER B 167 8.32 26.64 -11.17
C SER B 167 8.93 27.79 -10.36
N SER B 168 8.59 29.04 -10.69
CA SER B 168 9.18 30.14 -9.92
C SER B 168 8.66 30.12 -8.48
N VAL B 169 7.38 29.75 -8.29
CA VAL B 169 6.80 29.65 -6.96
C VAL B 169 7.58 28.68 -6.10
N GLY B 170 7.85 27.48 -6.65
CA GLY B 170 8.61 26.50 -5.91
C GLY B 170 9.93 27.03 -5.42
N ARG B 171 10.60 27.84 -6.25
CA ARG B 171 11.86 28.47 -5.87
C ARG B 171 11.67 29.64 -4.92
N ASP B 172 10.73 30.55 -5.22
CA ASP B 172 10.75 31.85 -4.55
C ASP B 172 10.07 31.88 -3.18
N CYS B 173 9.08 31.02 -2.92
CA CYS B 173 8.19 31.32 -1.82
C CYS B 173 8.87 31.05 -0.48
N LEU B 174 8.23 31.53 0.58
CA LEU B 174 8.92 31.80 1.85
C LEU B 174 8.57 30.82 2.95
N SER B 175 7.75 29.82 2.68
CA SER B 175 7.44 28.81 3.68
C SER B 175 7.51 27.44 3.02
N ASP B 176 7.86 26.44 3.82
CA ASP B 176 8.03 25.12 3.24
C ASP B 176 6.70 24.41 2.99
N THR B 177 5.66 24.71 3.76
CA THR B 177 4.37 24.08 3.45
C THR B 177 3.75 24.72 2.21
N ILE B 178 3.91 26.04 2.03
CA ILE B 178 3.45 26.64 0.78
C ILE B 178 4.22 26.05 -0.40
N ARG B 179 5.53 25.83 -0.24
CA ARG B 179 6.31 25.17 -1.30
C ARG B 179 5.72 23.79 -1.64
N GLN B 180 5.26 23.06 -0.63
CA GLN B 180 4.72 21.74 -0.88
C GLN B 180 3.37 21.82 -1.57
N SER B 181 2.45 22.62 -1.01
CA SER B 181 1.14 22.78 -1.65
C SER B 181 1.28 23.21 -3.10
N ALA B 182 2.17 24.17 -3.35
CA ALA B 182 2.33 24.69 -4.69
C ALA B 182 2.85 23.62 -5.64
N THR B 183 3.83 22.82 -5.18
CA THR B 183 4.40 21.82 -6.07
C THR B 183 3.38 20.74 -6.42
N PHE B 184 2.57 20.30 -5.45
CA PHE B 184 1.56 19.30 -5.77
C PHE B 184 0.52 19.89 -6.71
N ALA B 185 0.11 21.14 -6.49
CA ALA B 185 -0.81 21.79 -7.42
C ALA B 185 -0.22 21.86 -8.82
N GLY B 186 1.05 22.25 -8.91
CA GLY B 186 1.77 22.10 -10.14
C GLY B 186 1.60 20.71 -10.70
N LEU B 187 1.98 19.67 -9.94
CA LEU B 187 1.95 18.32 -10.49
C LEU B 187 0.56 17.97 -11.01
N ASP B 188 -0.50 18.30 -10.28
CA ASP B 188 -1.82 17.93 -10.76
C ASP B 188 -2.10 18.55 -12.12
N LYS B 189 -1.65 19.78 -12.33
CA LYS B 189 -1.94 20.46 -13.59
C LYS B 189 -1.26 19.77 -14.75
N VAL B 190 0.02 19.42 -14.61
CA VAL B 190 0.68 18.72 -15.69
C VAL B 190 0.07 17.32 -15.87
N ASP B 191 -0.32 16.69 -14.76
CA ASP B 191 -1.12 15.46 -14.82
C ASP B 191 -2.34 15.66 -15.71
N ASN B 192 -3.15 16.69 -15.43
CA ASN B 192 -4.26 17.04 -16.30
C ASN B 192 -3.85 17.06 -17.77
N ALA B 193 -2.76 17.77 -18.09
CA ALA B 193 -2.29 17.84 -19.47
C ALA B 193 -1.96 16.44 -20.00
N GLN B 194 -1.23 15.64 -19.22
CA GLN B 194 -0.87 14.31 -19.69
C GLN B 194 -2.10 13.41 -19.79
N MET B 195 -3.08 13.59 -18.90
CA MET B 195 -4.26 12.73 -18.96
C MET B 195 -5.09 13.03 -20.21
N ILE B 196 -5.22 14.30 -20.58
CA ILE B 196 -5.92 14.62 -21.82
C ILE B 196 -5.24 13.93 -23.00
N GLN B 197 -3.93 14.05 -23.09
CA GLN B 197 -3.20 13.37 -24.16
C GLN B 197 -3.37 11.85 -24.05
N MET B 198 -3.40 11.32 -22.83
CA MET B 198 -3.65 9.89 -22.66
C MET B 198 -4.99 9.48 -23.27
N GLU B 199 -6.06 10.23 -22.98
CA GLU B 199 -7.34 9.89 -23.58
C GLU B 199 -7.28 9.96 -25.10
N ARG B 200 -6.63 11.00 -25.66
CA ARG B 200 -6.53 11.09 -27.10
C ARG B 200 -5.82 9.87 -27.67
N LEU B 201 -4.71 9.47 -27.05
CA LEU B 201 -4.00 8.27 -27.50
C LEU B 201 -4.88 7.03 -27.39
N PHE B 202 -5.77 6.99 -26.40
CA PHE B 202 -6.66 5.84 -26.24
C PHE B 202 -7.64 5.75 -27.40
N ILE B 203 -8.31 6.88 -27.72
CA ILE B 203 -9.25 6.89 -28.83
C ILE B 203 -8.54 6.54 -30.13
N ALA B 204 -7.30 6.98 -30.28
CA ALA B 204 -6.59 6.65 -31.51
C ALA B 204 -6.43 5.15 -31.65
N LYS B 205 -6.36 4.44 -30.52
CA LYS B 205 -6.20 3.00 -30.59
C LYS B 205 -7.49 2.29 -30.97
N LEU B 206 -8.64 2.94 -30.85
CA LEU B 206 -9.91 2.27 -31.12
C LEU B 206 -10.60 2.69 -32.40
N VAL B 207 -10.62 3.98 -32.73
CA VAL B 207 -11.30 4.45 -33.94
C VAL B 207 -10.23 4.66 -35.01
N PRO B 208 -10.26 3.90 -36.10
CA PRO B 208 -9.19 4.02 -37.12
C PRO B 208 -9.25 5.36 -37.84
N GLY B 209 -8.06 5.87 -38.17
CA GLY B 209 -7.93 7.18 -38.76
C GLY B 209 -7.92 8.32 -37.77
N PHE B 210 -8.25 8.07 -36.50
CA PHE B 210 -8.20 9.08 -35.43
C PHE B 210 -6.74 9.40 -35.08
N ASP B 211 -6.33 10.66 -35.31
CA ASP B 211 -4.94 11.09 -35.16
C ASP B 211 -4.75 11.75 -33.80
N ALA B 212 -3.95 11.11 -32.94
CA ALA B 212 -3.73 11.59 -31.58
C ALA B 212 -2.52 12.50 -31.46
N SER B 213 -1.88 12.84 -32.58
CA SER B 213 -0.73 13.73 -32.55
C SER B 213 -1.15 15.06 -31.93
N THR B 214 -0.17 15.81 -31.44
CA THR B 214 -0.54 17.08 -30.81
C THR B 214 -0.58 18.23 -31.81
N ASP B 215 -0.22 17.98 -33.07
CA ASP B 215 -0.07 19.06 -34.06
C ASP B 215 -1.31 19.96 -34.11
N VAL B 216 -2.49 19.37 -34.34
CA VAL B 216 -3.69 20.17 -34.50
C VAL B 216 -4.08 20.84 -33.20
N PRO B 217 -4.13 20.14 -32.06
CA PRO B 217 -4.36 20.85 -30.79
C PRO B 217 -3.41 22.02 -30.58
N LYS B 218 -2.12 21.83 -30.89
CA LYS B 218 -1.16 22.91 -30.68
C LYS B 218 -1.44 24.09 -31.61
N LYS B 219 -1.75 23.82 -32.88
CA LYS B 219 -2.12 24.90 -33.78
C LYS B 219 -3.35 25.63 -33.25
N ILE B 220 -4.33 24.90 -32.75
CA ILE B 220 -5.56 25.51 -32.25
C ILE B 220 -5.27 26.35 -31.02
N TRP B 221 -4.37 25.88 -30.14
CA TRP B 221 -4.10 26.64 -28.92
C TRP B 221 -3.32 27.92 -29.23
N THR B 222 -2.33 27.83 -30.11
CA THR B 222 -1.49 29.00 -30.39
C THR B 222 -2.17 30.02 -31.30
N THR B 223 -3.10 29.64 -32.18
CA THR B 223 -3.63 30.56 -33.18
C THR B 223 -5.16 30.66 -33.25
N ASP B 224 -5.91 29.67 -32.80
CA ASP B 224 -7.38 29.75 -32.92
C ASP B 224 -7.92 30.83 -31.99
N PRO B 225 -8.79 31.71 -32.45
CA PRO B 225 -9.29 32.80 -31.57
C PRO B 225 -10.10 32.29 -30.41
N ILE B 226 -10.63 31.07 -30.49
CA ILE B 226 -11.38 30.48 -29.38
C ILE B 226 -10.55 30.45 -28.10
N TYR B 227 -9.25 30.26 -28.24
CA TYR B 227 -8.35 30.15 -27.09
C TYR B 227 -7.44 31.36 -26.86
N ALA B 228 -7.52 32.39 -27.70
CA ALA B 228 -6.61 33.53 -27.58
C ALA B 228 -6.64 34.14 -26.18
N GLY B 229 -7.83 34.50 -25.70
CA GLY B 229 -7.94 34.97 -24.33
C GLY B 229 -7.27 34.06 -23.31
N ALA B 230 -7.43 32.75 -23.48
CA ALA B 230 -6.88 31.82 -22.52
C ALA B 230 -5.35 31.84 -22.58
N ARG B 231 -4.78 31.67 -23.77
CA ARG B 231 -3.34 31.60 -23.89
C ARG B 231 -2.69 32.89 -23.37
N GLY B 232 -3.33 34.04 -23.61
CA GLY B 232 -2.79 35.26 -23.05
C GLY B 232 -2.74 35.20 -21.55
N ALA B 233 -3.86 34.86 -20.92
CA ALA B 233 -3.94 34.74 -19.48
C ALA B 233 -2.84 33.83 -18.93
N VAL B 234 -2.69 32.65 -19.54
CA VAL B 234 -1.70 31.68 -19.08
C VAL B 234 -0.29 32.21 -19.30
N GLU B 235 -0.04 32.79 -20.48
CA GLU B 235 1.29 33.34 -20.73
C GLU B 235 1.64 34.42 -19.71
N GLU B 236 0.67 35.29 -19.39
CA GLU B 236 0.92 36.34 -18.41
C GLU B 236 1.13 35.77 -17.01
N ILE B 237 0.23 34.89 -16.57
CA ILE B 237 0.34 34.34 -15.22
C ILE B 237 1.62 33.52 -15.06
N TRP B 238 2.03 32.80 -16.10
CA TRP B 238 3.26 32.02 -16.02
C TRP B 238 4.51 32.88 -16.17
N GLN B 239 4.69 33.51 -17.34
CA GLN B 239 5.96 34.17 -17.68
C GLN B 239 5.94 35.70 -17.59
N GLY B 240 4.85 36.31 -17.10
CA GLY B 240 4.73 37.76 -17.11
C GLY B 240 4.78 38.42 -15.76
N ILE B 241 4.95 37.62 -14.69
CA ILE B 241 5.02 38.10 -13.32
C ILE B 241 5.92 37.16 -12.52
N GLN B 242 6.31 37.60 -11.32
CA GLN B 242 7.01 36.70 -10.41
C GLN B 242 6.61 36.82 -8.96
N ASP B 243 5.73 37.74 -8.59
CA ASP B 243 5.16 37.65 -7.24
C ASP B 243 4.55 36.26 -7.07
N TRP B 244 5.08 35.49 -6.12
CA TRP B 244 4.62 34.11 -5.99
C TRP B 244 3.25 33.99 -5.34
N ASN B 245 2.82 34.97 -4.54
CA ASN B 245 1.41 35.01 -4.14
C ASN B 245 0.50 35.47 -5.27
N GLU B 246 1.01 36.32 -6.17
CA GLU B 246 0.19 36.74 -7.31
C GLU B 246 0.02 35.59 -8.30
N ILE B 247 1.06 34.78 -8.51
CA ILE B 247 0.92 33.62 -9.39
C ILE B 247 -0.10 32.64 -8.82
N LEU B 248 0.05 32.27 -7.55
CA LEU B 248 -0.89 31.32 -6.94
C LEU B 248 -2.32 31.88 -6.98
N TRP B 249 -2.50 33.15 -6.56
CA TRP B 249 -3.85 33.72 -6.45
C TRP B 249 -4.49 33.92 -7.82
N ALA B 250 -3.79 34.59 -8.73
CA ALA B 250 -4.33 34.76 -10.07
C ALA B 250 -4.51 33.40 -10.77
N GLY B 251 -3.54 32.51 -10.60
CA GLY B 251 -3.60 31.23 -11.29
C GLY B 251 -4.77 30.36 -10.85
N HIS B 252 -4.89 30.12 -9.56
CA HIS B 252 -5.91 29.20 -9.04
C HIS B 252 -7.20 29.88 -8.59
N ALA B 253 -7.09 31.01 -7.89
CA ALA B 253 -8.27 31.59 -7.25
C ALA B 253 -9.15 32.34 -8.23
N VAL B 254 -8.62 32.80 -9.36
CA VAL B 254 -9.34 33.70 -10.25
C VAL B 254 -9.48 33.12 -11.66
N TYR B 255 -8.35 32.98 -12.37
CA TYR B 255 -8.42 32.43 -13.72
C TYR B 255 -8.95 31.01 -13.71
N ASP B 256 -8.25 30.07 -13.05
CA ASP B 256 -8.66 28.67 -13.21
C ASP B 256 -10.03 28.40 -12.56
N ALA B 257 -10.46 29.25 -11.63
CA ALA B 257 -11.74 29.06 -10.94
C ALA B 257 -12.92 29.59 -11.74
N THR B 258 -12.66 30.44 -12.73
CA THR B 258 -13.71 30.93 -13.60
C THR B 258 -13.58 30.28 -14.97
N PHE B 259 -12.51 30.60 -15.70
CA PHE B 259 -12.38 30.06 -17.05
C PHE B 259 -12.09 28.56 -17.03
N GLY B 260 -11.10 28.13 -16.24
CA GLY B 260 -10.80 26.70 -16.18
C GLY B 260 -12.02 25.87 -15.78
N GLN B 261 -12.72 26.31 -14.74
CA GLN B 261 -13.94 25.62 -14.32
C GLN B 261 -15.00 25.62 -15.41
N PHE B 262 -15.16 26.73 -16.13
CA PHE B 262 -16.14 26.73 -17.21
C PHE B 262 -15.73 25.74 -18.30
N ALA B 263 -14.46 25.77 -18.69
CA ALA B 263 -14.00 24.95 -19.82
C ALA B 263 -14.00 23.47 -19.49
N ARG B 264 -13.52 23.09 -18.30
CA ARG B 264 -13.43 21.68 -17.95
C ARG B 264 -14.81 21.13 -17.55
N ARG B 265 -15.50 21.82 -16.64
CA ARG B 265 -16.76 21.29 -16.11
C ARG B 265 -17.94 21.63 -17.01
N GLU B 266 -18.13 22.92 -17.31
CA GLU B 266 -19.32 23.38 -18.04
C GLU B 266 -19.30 23.01 -19.52
N PHE B 267 -18.13 22.98 -20.16
CA PHE B 267 -18.14 22.60 -21.58
C PHE B 267 -17.83 21.12 -21.81
N PHE B 268 -16.62 20.66 -21.54
CA PHE B 268 -16.25 19.31 -21.98
C PHE B 268 -16.92 18.22 -21.16
N GLN B 269 -17.00 18.40 -19.83
CA GLN B 269 -17.66 17.38 -19.02
C GLN B 269 -19.18 17.38 -19.24
N ARG B 270 -19.81 18.55 -19.14
CA ARG B 270 -21.25 18.62 -19.31
C ARG B 270 -21.68 18.16 -20.69
N LEU B 271 -21.02 18.67 -21.73
CA LEU B 271 -21.42 18.34 -23.09
C LEU B 271 -21.14 16.89 -23.44
N ALA B 272 -20.11 16.27 -22.85
CA ALA B 272 -19.88 14.85 -23.12
C ALA B 272 -21.08 13.99 -22.73
N THR B 273 -21.77 14.37 -21.65
CA THR B 273 -22.97 13.69 -21.17
C THR B 273 -24.24 14.25 -21.82
N VAL B 274 -24.07 14.99 -22.92
CA VAL B 274 -25.16 15.33 -23.82
C VAL B 274 -24.95 14.71 -25.19
N TYR B 275 -23.71 14.41 -25.58
CA TYR B 275 -23.40 13.92 -26.91
C TYR B 275 -23.01 12.44 -26.91
N GLY B 276 -23.39 11.69 -25.88
CA GLY B 276 -23.11 10.28 -25.84
C GLY B 276 -21.70 9.88 -25.44
N ASP B 277 -20.88 10.82 -24.97
CA ASP B 277 -19.48 10.55 -24.67
C ASP B 277 -19.36 9.90 -23.29
N THR B 278 -19.06 8.59 -23.25
CA THR B 278 -18.91 7.86 -21.99
C THR B 278 -17.46 7.69 -21.56
N LEU B 279 -16.49 8.16 -22.36
CA LEU B 279 -15.08 8.09 -22.03
C LEU B 279 -14.60 9.33 -21.27
N THR B 280 -14.90 10.51 -21.80
CA THR B 280 -14.33 11.74 -21.24
C THR B 280 -14.70 12.00 -19.78
N PRO B 281 -15.93 11.72 -19.33
CA PRO B 281 -16.24 11.96 -17.91
C PRO B 281 -15.22 11.30 -16.97
N PHE B 282 -14.71 10.13 -17.35
CA PHE B 282 -13.70 9.49 -16.52
C PHE B 282 -12.50 10.41 -16.31
N PHE B 283 -12.12 11.19 -17.34
CA PHE B 283 -10.93 12.02 -17.23
C PHE B 283 -11.19 13.37 -16.58
N THR B 284 -12.35 13.99 -16.83
CA THR B 284 -12.69 15.22 -16.10
C THR B 284 -12.90 14.96 -14.61
N ALA B 285 -13.32 13.74 -14.22
CA ALA B 285 -13.50 13.47 -12.79
C ALA B 285 -12.18 13.66 -12.06
N GLN B 286 -11.08 13.31 -12.73
CA GLN B 286 -9.77 13.44 -12.13
C GLN B 286 -9.35 14.90 -12.01
N SER B 287 -9.48 15.67 -13.10
CA SER B 287 -9.11 17.09 -13.04
C SER B 287 -10.04 17.90 -12.13
N GLN B 288 -11.32 17.52 -12.04
CA GLN B 288 -12.23 18.25 -11.17
C GLN B 288 -11.96 17.92 -9.71
N THR B 289 -11.74 16.64 -9.38
CA THR B 289 -11.29 16.30 -8.05
C THR B 289 -10.00 17.08 -7.72
N TYR B 290 -9.06 17.13 -8.67
CA TYR B 290 -7.82 17.83 -8.41
C TYR B 290 -8.06 19.31 -8.21
N PHE B 291 -8.96 19.90 -9.00
CA PHE B 291 -9.22 21.33 -8.81
C PHE B 291 -9.75 21.59 -7.40
N GLN B 292 -10.63 20.73 -6.91
CA GLN B 292 -11.25 20.95 -5.61
C GLN B 292 -10.24 20.78 -4.47
N THR B 293 -9.33 19.82 -4.60
CA THR B 293 -8.29 19.66 -3.59
C THR B 293 -7.45 20.92 -3.48
N THR B 294 -6.98 21.44 -4.62
CA THR B 294 -6.12 22.63 -4.60
C THR B 294 -6.85 23.84 -4.05
N ARG B 295 -8.12 24.05 -4.44
CA ARG B 295 -8.87 25.18 -3.90
C ARG B 295 -8.91 25.13 -2.38
N GLY B 296 -8.92 23.93 -1.80
CA GLY B 296 -8.82 23.84 -0.37
C GLY B 296 -7.59 24.52 0.18
N ALA B 297 -6.45 24.31 -0.50
CA ALA B 297 -5.21 24.89 -0.02
C ALA B 297 -5.14 26.36 -0.36
N ILE B 298 -5.50 26.71 -1.60
CA ILE B 298 -5.46 28.11 -2.02
C ILE B 298 -6.32 28.97 -1.13
N GLU B 299 -7.52 28.48 -0.76
CA GLU B 299 -8.40 29.27 0.10
C GLU B 299 -7.79 29.47 1.48
N ASP B 300 -7.21 28.42 2.06
CA ASP B 300 -6.62 28.55 3.38
C ASP B 300 -5.51 29.60 3.40
N LEU B 301 -4.65 29.60 2.37
CA LEU B 301 -3.52 30.51 2.38
C LEU B 301 -3.99 31.95 2.22
N PHE B 302 -4.79 32.21 1.21
CA PHE B 302 -5.13 33.59 0.89
C PHE B 302 -6.26 34.14 1.74
N VAL B 303 -7.12 33.30 2.31
CA VAL B 303 -8.26 33.84 3.04
C VAL B 303 -8.07 33.79 4.54
N TYR B 304 -7.77 32.61 5.11
CA TYR B 304 -7.45 32.58 6.54
C TYR B 304 -6.15 33.31 6.83
N CYS B 305 -5.05 32.85 6.26
CA CYS B 305 -3.74 33.33 6.71
C CYS B 305 -3.47 34.74 6.23
N LEU B 306 -3.64 35.00 4.93
CA LEU B 306 -3.18 36.26 4.34
C LEU B 306 -4.24 37.37 4.45
N ALA B 307 -5.40 37.17 3.81
CA ALA B 307 -6.39 38.25 3.80
C ALA B 307 -6.92 38.60 5.18
N ASN B 308 -6.56 37.83 6.22
CA ASN B 308 -6.99 38.10 7.58
C ASN B 308 -5.80 38.13 8.55
N ASP B 309 -4.62 38.42 8.03
CA ASP B 309 -3.47 38.51 8.90
C ASP B 309 -3.73 39.56 9.97
N PRO B 310 -3.49 39.25 11.24
CA PRO B 310 -3.85 40.19 12.31
C PRO B 310 -3.35 41.62 12.09
N GLU B 311 -2.20 41.78 11.43
CA GLU B 311 -1.57 43.07 11.24
C GLU B 311 -1.56 43.55 9.79
N PHE B 312 -1.48 42.67 8.81
CA PHE B 312 -1.43 43.10 7.42
C PHE B 312 -2.65 42.70 6.61
N GLY B 313 -3.70 42.17 7.25
CA GLY B 313 -4.91 41.75 6.56
C GLY B 313 -5.41 42.76 5.54
N ALA B 314 -5.70 43.99 5.99
CA ALA B 314 -6.16 45.01 5.07
C ALA B 314 -5.10 45.31 4.01
N HIS B 315 -3.83 45.39 4.41
CA HIS B 315 -2.76 45.59 3.44
C HIS B 315 -2.85 44.56 2.32
N ASN B 316 -3.04 43.29 2.70
CA ASN B 316 -3.02 42.22 1.71
C ASN B 316 -4.27 42.25 0.84
N ARG B 317 -5.40 42.70 1.40
CA ARG B 317 -6.63 42.77 0.63
C ARG B 317 -6.53 43.81 -0.49
N THR B 318 -5.91 44.96 -0.23
CA THR B 318 -5.72 45.93 -1.32
C THR B 318 -5.11 45.23 -2.52
N PHE B 319 -3.95 44.58 -2.33
CA PHE B 319 -3.34 43.86 -3.44
C PHE B 319 -4.24 42.73 -3.93
N LEU B 320 -4.84 41.96 -3.03
CA LEU B 320 -5.71 40.89 -3.47
C LEU B 320 -6.85 41.43 -4.33
N ASN B 321 -7.44 42.55 -3.93
CA ASN B 321 -8.49 43.13 -4.77
C ASN B 321 -7.91 43.70 -6.06
N ALA B 322 -6.73 44.31 -5.98
CA ALA B 322 -6.09 44.78 -7.20
C ALA B 322 -5.92 43.62 -8.19
N TRP B 323 -5.37 42.50 -7.70
CA TRP B 323 -5.09 41.38 -8.59
C TRP B 323 -6.36 40.87 -9.22
N THR B 324 -7.42 40.74 -8.40
CA THR B 324 -8.64 40.10 -8.87
C THR B 324 -9.27 40.89 -10.01
N GLU B 325 -9.38 42.21 -9.83
CA GLU B 325 -9.83 43.11 -10.90
C GLU B 325 -9.12 42.78 -12.21
N HIS B 326 -7.78 42.83 -12.19
CA HIS B 326 -7.04 42.62 -13.42
C HIS B 326 -7.30 41.24 -14.00
N TYR B 327 -7.07 40.19 -13.20
CA TYR B 327 -7.19 38.83 -13.74
C TYR B 327 -8.64 38.38 -13.93
N LEU B 328 -9.58 38.90 -13.14
CA LEU B 328 -10.98 38.70 -13.53
C LEU B 328 -11.23 39.23 -14.93
N ALA B 329 -10.67 40.40 -15.24
CA ALA B 329 -10.79 40.98 -16.58
C ALA B 329 -10.24 40.05 -17.64
N ARG B 330 -9.03 39.51 -17.42
CA ARG B 330 -8.48 38.55 -18.38
C ARG B 330 -9.36 37.31 -18.47
N SER B 331 -9.98 36.92 -17.37
CA SER B 331 -10.82 35.72 -17.36
C SER B 331 -12.06 35.91 -18.22
N VAL B 332 -12.79 37.01 -17.99
CA VAL B 332 -13.91 37.37 -18.84
C VAL B 332 -13.50 37.36 -20.31
N THR B 333 -12.39 38.05 -20.63
CA THR B 333 -11.90 38.03 -22.00
C THR B 333 -11.72 36.60 -22.49
N ALA B 334 -11.06 35.77 -21.67
CA ALA B 334 -10.82 34.38 -22.06
C ALA B 334 -12.14 33.64 -22.22
N LEU B 335 -13.08 33.85 -21.31
CA LEU B 335 -14.39 33.24 -21.47
C LEU B 335 -15.10 33.78 -22.71
N LYS B 336 -14.96 35.09 -22.99
CA LYS B 336 -15.64 35.67 -24.13
C LYS B 336 -15.11 35.09 -25.44
N ASP B 337 -13.79 34.98 -25.59
CA ASP B 337 -13.26 34.24 -26.72
C ASP B 337 -13.81 32.82 -26.74
N PHE B 338 -13.78 32.15 -25.59
CA PHE B 338 -14.05 30.72 -25.58
C PHE B 338 -15.48 30.41 -26.03
N VAL B 339 -16.47 31.19 -25.57
CA VAL B 339 -17.86 30.86 -25.85
C VAL B 339 -18.16 30.83 -27.35
N GLY B 340 -17.29 31.40 -28.17
CA GLY B 340 -17.41 31.23 -29.60
C GLY B 340 -17.48 29.77 -30.00
N ILE B 341 -16.95 28.88 -29.18
CA ILE B 341 -16.91 27.48 -29.58
C ILE B 341 -18.31 26.95 -29.81
N TYR B 342 -19.30 27.49 -29.10
CA TYR B 342 -20.67 27.02 -29.26
C TYR B 342 -21.14 27.12 -30.70
N ALA B 343 -20.65 28.11 -31.44
CA ALA B 343 -21.04 28.23 -32.84
C ALA B 343 -20.63 27.02 -33.71
N LYS B 344 -19.91 26.02 -33.19
CA LYS B 344 -19.58 24.87 -34.02
C LYS B 344 -20.01 23.54 -33.42
N VAL B 345 -20.72 23.56 -32.29
CA VAL B 345 -21.31 22.35 -31.73
C VAL B 345 -22.78 22.32 -32.10
N GLU B 346 -23.35 21.10 -32.17
CA GLU B 346 -24.76 20.94 -32.45
C GLU B 346 -25.61 21.53 -31.33
N LYS B 347 -26.78 22.05 -31.71
CA LYS B 347 -27.58 22.77 -30.74
C LYS B 347 -28.43 21.78 -29.96
N VAL B 348 -28.41 21.92 -28.64
CA VAL B 348 -29.21 21.10 -27.75
C VAL B 348 -29.87 22.05 -26.76
N ALA B 349 -31.18 22.09 -26.79
CA ALA B 349 -31.92 23.01 -25.93
C ALA B 349 -31.49 22.83 -24.48
N GLY B 350 -31.19 23.93 -23.81
CA GLY B 350 -30.79 23.89 -22.41
C GLY B 350 -29.30 23.75 -22.15
N ALA B 351 -28.53 23.22 -23.09
CA ALA B 351 -27.08 23.11 -22.96
C ALA B 351 -26.30 24.06 -23.88
N THR B 352 -26.64 24.16 -25.17
CA THR B 352 -25.86 25.00 -26.09
C THR B 352 -26.59 26.24 -26.62
N ASP B 353 -27.86 26.44 -26.28
CA ASP B 353 -28.50 27.69 -26.68
C ASP B 353 -28.08 28.80 -25.71
N ARG B 354 -28.56 30.03 -25.96
CA ARG B 354 -28.10 31.15 -25.13
C ARG B 354 -28.54 31.01 -23.68
N ALA B 355 -29.66 30.34 -23.42
CA ALA B 355 -30.11 30.22 -22.04
C ALA B 355 -29.30 29.19 -21.27
N GLY B 356 -28.79 28.17 -21.97
CA GLY B 356 -27.94 27.20 -21.32
C GLY B 356 -26.58 27.79 -20.97
N VAL B 357 -25.94 28.44 -21.95
CA VAL B 357 -24.65 29.07 -21.66
C VAL B 357 -24.80 30.12 -20.58
N SER B 358 -25.84 30.96 -20.67
CA SER B 358 -26.07 31.92 -19.61
C SER B 358 -26.10 31.26 -18.24
N GLU B 359 -26.88 30.18 -18.10
CA GLU B 359 -26.99 29.52 -16.80
C GLU B 359 -25.66 28.91 -16.36
N ALA B 360 -24.91 28.33 -17.29
CA ALA B 360 -23.53 27.90 -17.02
C ALA B 360 -22.70 29.06 -16.50
N LEU B 361 -22.73 30.22 -17.20
CA LEU B 361 -21.98 31.37 -16.73
C LEU B 361 -22.45 31.83 -15.35
N GLN B 362 -23.75 31.72 -15.08
CA GLN B 362 -24.22 32.10 -13.75
C GLN B 362 -23.66 31.18 -12.68
N ARG B 363 -23.50 29.89 -12.99
CA ARG B 363 -22.89 28.98 -12.01
C ARG B 363 -21.44 29.35 -11.75
N VAL B 364 -20.63 29.47 -12.81
CA VAL B 364 -19.22 29.81 -12.62
C VAL B 364 -19.08 31.11 -11.82
N PHE B 365 -19.74 32.19 -12.26
CA PHE B 365 -19.52 33.48 -11.60
C PHE B 365 -20.20 33.51 -10.23
N GLY B 366 -21.39 32.92 -10.10
CA GLY B 366 -22.03 32.89 -8.80
C GLY B 366 -21.26 32.04 -7.81
N ASP B 367 -20.87 30.84 -8.22
CA ASP B 367 -19.97 30.04 -7.40
C ASP B 367 -18.74 30.85 -7.00
N TRP B 368 -18.09 31.50 -7.99
CA TRP B 368 -16.84 32.19 -7.70
C TRP B 368 -17.04 33.33 -6.71
N LYS B 369 -18.16 34.05 -6.83
CA LYS B 369 -18.45 35.11 -5.86
C LYS B 369 -18.47 34.58 -4.43
N VAL B 370 -19.28 33.53 -4.20
CA VAL B 370 -19.37 32.90 -2.89
C VAL B 370 -18.01 32.38 -2.44
N ASP B 371 -17.39 31.53 -3.25
CA ASP B 371 -16.19 30.83 -2.81
C ASP B 371 -15.00 31.78 -2.63
N TYR B 372 -14.91 32.83 -3.44
CA TYR B 372 -13.74 33.70 -3.28
C TYR B 372 -14.06 35.18 -3.08
N ALA B 373 -14.84 35.77 -3.99
CA ALA B 373 -15.02 37.21 -3.98
C ALA B 373 -15.48 37.69 -2.62
N ASP B 374 -16.58 37.14 -2.12
CA ASP B 374 -17.12 37.65 -0.87
C ASP B 374 -16.13 37.52 0.28
N LYS B 375 -15.13 36.63 0.15
CA LYS B 375 -14.29 36.31 1.29
C LYS B 375 -13.13 37.27 1.44
N ILE B 376 -12.81 38.03 0.41
CA ILE B 376 -11.86 39.13 0.50
C ILE B 376 -12.54 40.47 0.28
N GLY B 377 -13.85 40.47 0.13
CA GLY B 377 -14.58 41.69 -0.12
C GLY B 377 -14.36 42.29 -1.50
N PHE B 378 -14.37 41.46 -2.53
CA PHE B 378 -14.33 41.95 -3.91
C PHE B 378 -15.73 41.88 -4.50
N ASN B 379 -16.20 43.02 -5.02
CA ASN B 379 -17.56 43.13 -5.52
C ASN B 379 -17.61 42.74 -6.98
N ILE B 380 -18.45 41.77 -7.28
CA ILE B 380 -18.71 41.33 -8.65
C ILE B 380 -20.22 41.36 -8.85
N ASP B 381 -20.65 41.90 -9.98
CA ASP B 381 -22.06 41.86 -10.35
C ASP B 381 -22.17 40.68 -11.31
N VAL B 382 -22.67 39.56 -10.79
CA VAL B 382 -22.65 38.31 -11.55
C VAL B 382 -23.37 38.47 -12.89
N ASP B 383 -24.51 39.17 -12.90
CA ASP B 383 -25.23 39.35 -14.15
C ASP B 383 -24.42 40.15 -15.15
N GLN B 384 -23.72 41.18 -14.67
CA GLN B 384 -22.91 42.00 -15.55
C GLN B 384 -21.76 41.21 -16.15
N LYS B 385 -21.08 40.39 -15.34
CA LYS B 385 -20.00 39.55 -15.88
C LYS B 385 -20.55 38.57 -16.91
N VAL B 386 -21.70 37.95 -16.63
CA VAL B 386 -22.30 37.02 -17.58
C VAL B 386 -22.60 37.71 -18.90
N ASP B 387 -23.24 38.88 -18.84
CA ASP B 387 -23.61 39.57 -20.05
C ASP B 387 -22.37 40.01 -20.82
N ALA B 388 -21.32 40.40 -20.09
CA ALA B 388 -20.03 40.65 -20.73
C ALA B 388 -19.58 39.46 -21.58
N VAL B 389 -19.61 38.25 -21.02
CA VAL B 389 -19.13 37.07 -21.75
C VAL B 389 -20.06 36.75 -22.90
N LEU B 390 -21.36 36.78 -22.66
CA LEU B 390 -22.32 36.40 -23.70
C LEU B 390 -22.17 37.27 -24.96
N ALA B 391 -21.76 38.53 -24.79
CA ALA B 391 -21.48 39.38 -25.95
C ALA B 391 -20.61 38.68 -27.00
N GLY B 392 -19.88 37.62 -26.62
CA GLY B 392 -19.15 36.77 -27.55
C GLY B 392 -19.90 35.55 -28.03
N PHE B 393 -21.15 35.41 -27.60
CA PHE B 393 -22.00 34.26 -27.91
C PHE B 393 -22.93 34.57 -29.08
N LYS B 394 -22.98 33.63 -30.03
CA LYS B 394 -23.64 33.82 -31.32
C LYS B 394 -24.95 33.02 -31.33
N ASN B 395 -26.06 33.71 -31.12
CA ASN B 395 -27.38 33.08 -31.02
C ASN B 395 -28.36 34.04 -30.34
N GLU C 5 24.94 42.95 22.45
CA GLU C 5 23.56 42.82 22.88
C GLU C 5 22.86 41.61 22.23
N PRO C 6 21.68 41.26 22.73
CA PRO C 6 21.00 40.03 22.27
C PRO C 6 20.76 40.01 20.77
N ILE C 7 20.66 38.78 20.23
CA ILE C 7 20.55 38.58 18.79
C ILE C 7 19.30 39.26 18.24
N HIS C 8 18.13 38.86 18.75
CA HIS C 8 16.82 39.13 18.14
C HIS C 8 16.08 40.34 18.73
N GLU C 9 16.12 40.53 20.06
CA GLU C 9 15.40 41.62 20.73
C GLU C 9 16.42 42.62 21.26
N ASN C 10 16.42 43.84 20.71
CA ASN C 10 17.40 44.87 21.05
C ASN C 10 16.72 46.09 21.66
N SER C 11 17.57 46.99 22.16
CA SER C 11 17.17 48.36 22.47
C SER C 11 17.37 49.27 21.28
N THR C 12 18.40 49.02 20.48
CA THR C 12 18.58 49.77 19.23
C THR C 12 17.46 49.47 18.25
N ARG C 13 16.95 48.23 18.25
CA ARG C 13 15.79 47.91 17.43
C ARG C 13 14.55 48.65 17.89
N THR C 14 14.30 48.66 19.21
CA THR C 14 13.07 49.27 19.72
C THR C 14 13.04 50.78 19.44
N GLU C 15 14.20 51.43 19.53
CA GLU C 15 14.27 52.85 19.24
C GLU C 15 13.98 53.13 17.77
N TRP C 16 14.55 52.32 16.88
CA TRP C 16 14.31 52.50 15.44
C TRP C 16 12.86 52.23 15.09
N GLU C 17 12.22 51.28 15.78
CA GLU C 17 10.80 51.07 15.60
C GLU C 17 10.02 52.34 15.90
N GLY C 18 10.16 52.87 17.12
CA GLY C 18 9.52 54.13 17.47
C GLY C 18 9.67 55.17 16.37
N LYS C 19 10.87 55.27 15.82
CA LYS C 19 11.14 56.23 14.76
C LYS C 19 10.40 55.87 13.48
N ILE C 20 10.40 54.58 13.12
CA ILE C 20 9.74 54.11 11.89
C ILE C 20 8.24 54.36 11.94
N ALA C 21 7.66 54.43 13.15
CA ALA C 21 6.23 54.54 13.33
C ALA C 21 5.71 55.96 13.11
N LYS C 22 6.58 56.96 13.15
CA LYS C 22 6.15 58.32 12.86
C LYS C 22 6.25 58.67 11.38
N LEU C 23 6.68 57.73 10.54
CA LEU C 23 6.59 57.91 9.09
C LEU C 23 5.12 57.93 8.68
N ASN C 24 4.71 58.96 7.95
CA ASN C 24 3.30 59.09 7.59
C ASN C 24 3.03 59.30 6.11
N SER C 25 4.02 59.64 5.30
CA SER C 25 3.82 59.81 3.86
C SER C 25 4.64 58.78 3.09
N VAL C 26 4.16 58.45 1.90
CA VAL C 26 4.96 57.58 1.04
C VAL C 26 6.31 58.20 0.76
N ASP C 27 6.37 59.54 0.61
CA ASP C 27 7.63 60.20 0.31
C ASP C 27 8.57 60.15 1.50
N GLN C 28 8.07 60.47 2.68
CA GLN C 28 8.86 60.35 3.89
C GLN C 28 9.42 58.93 4.02
N ALA C 29 8.55 57.92 3.90
CA ALA C 29 9.00 56.53 4.02
C ALA C 29 9.96 56.15 2.89
N THR C 30 9.70 56.58 1.66
CA THR C 30 10.64 56.32 0.59
C THR C 30 12.02 56.88 0.93
N LYS C 31 12.06 58.16 1.32
CA LYS C 31 13.34 58.76 1.65
C LYS C 31 13.99 58.04 2.82
N PHE C 32 13.18 57.67 3.82
CA PHE C 32 13.71 56.95 4.95
C PHE C 32 14.28 55.59 4.53
N ILE C 33 13.59 54.88 3.65
CA ILE C 33 14.08 53.54 3.32
C ILE C 33 15.30 53.64 2.40
N GLN C 34 15.26 54.54 1.41
CA GLN C 34 16.44 54.70 0.55
C GLN C 34 17.67 55.11 1.36
N ASP C 35 17.54 56.13 2.23
CA ASP C 35 18.72 56.58 2.98
C ASP C 35 19.27 55.50 3.89
N PHE C 36 18.40 54.60 4.37
CA PHE C 36 18.82 53.54 5.29
C PHE C 36 19.55 52.42 4.55
N ARG C 37 19.03 52.04 3.39
CA ARG C 37 19.64 50.98 2.58
C ARG C 37 21.00 51.44 2.05
N VAL C 38 21.12 52.73 1.73
CA VAL C 38 22.40 53.24 1.25
C VAL C 38 23.39 53.33 2.39
N ALA C 39 22.91 53.66 3.54
CA ALA C 39 23.76 53.74 4.67
C ALA C 39 24.31 52.47 5.26
N TYR C 40 23.48 51.46 5.38
CA TYR C 40 23.85 50.23 6.05
C TYR C 40 23.86 48.90 5.33
N SER C 41 23.70 48.88 4.04
CA SER C 41 23.68 47.62 3.34
C SER C 41 24.68 47.66 2.23
N SER C 42 25.14 46.49 1.86
CA SER C 42 26.14 46.18 0.83
C SER C 42 27.55 46.39 1.30
N PRO C 43 28.50 46.11 0.43
CA PRO C 43 29.91 46.29 0.71
C PRO C 43 30.38 47.70 0.51
N PHE C 44 29.54 48.57 0.03
CA PHE C 44 29.79 49.96 -0.14
C PHE C 44 28.99 50.77 0.86
N ARG C 45 28.55 50.14 1.91
CA ARG C 45 27.77 50.82 2.89
C ARG C 45 28.53 51.87 3.65
N LYS C 46 27.85 52.90 4.06
CA LYS C 46 28.48 53.95 4.82
C LYS C 46 28.96 53.48 6.16
N SER C 47 28.19 52.65 6.83
CA SER C 47 28.56 52.21 8.15
C SER C 47 28.21 50.80 8.51
N TYR C 48 28.99 50.19 9.36
CA TYR C 48 28.72 48.83 9.73
C TYR C 48 28.21 48.89 11.11
N ASP C 49 27.65 50.02 11.49
CA ASP C 49 27.24 50.23 12.88
C ASP C 49 25.95 49.47 13.19
N LEU C 50 25.06 49.33 12.22
CA LEU C 50 23.87 48.48 12.34
C LEU C 50 24.07 47.09 11.72
N ASP C 51 25.33 46.71 11.46
CA ASP C 51 25.62 45.47 10.77
C ASP C 51 24.82 44.29 11.34
N VAL C 52 24.56 44.30 12.65
CA VAL C 52 23.90 43.17 13.31
C VAL C 52 22.39 43.35 13.43
N ASP C 53 21.85 44.53 13.05
CA ASP C 53 20.42 44.78 13.17
C ASP C 53 19.78 45.40 11.94
N TYR C 54 20.55 45.67 10.88
CA TYR C 54 19.99 46.41 9.76
C TYR C 54 19.04 45.59 8.90
N GLN C 55 18.91 44.30 9.17
CA GLN C 55 18.00 43.49 8.38
C GLN C 55 16.63 43.42 9.02
N TYR C 56 16.57 43.33 10.34
CA TYR C 56 15.29 43.41 11.03
C TYR C 56 14.66 44.78 10.83
N ILE C 57 15.47 45.84 11.00
CA ILE C 57 14.96 47.20 10.89
C ILE C 57 14.50 47.49 9.46
N GLU C 58 15.32 47.13 8.47
CA GLU C 58 14.88 47.24 7.09
C GLU C 58 13.50 46.63 6.92
N ARG C 59 13.32 45.42 7.48
CA ARG C 59 12.01 44.77 7.42
C ARG C 59 10.92 45.69 7.97
N LYS C 60 11.15 46.25 9.16
CA LYS C 60 10.16 47.14 9.77
C LYS C 60 9.88 48.33 8.86
N ILE C 61 10.93 48.99 8.36
CA ILE C 61 10.73 50.10 7.44
C ILE C 61 9.90 49.67 6.24
N GLU C 62 10.29 48.53 5.62
CA GLU C 62 9.55 48.00 4.47
C GLU C 62 8.08 47.84 4.78
N GLU C 63 7.77 47.30 5.97
CA GLU C 63 6.39 47.11 6.37
C GLU C 63 5.65 48.44 6.44
N ARG C 64 6.30 49.44 7.04
CA ARG C 64 5.70 50.77 7.17
C ARG C 64 5.40 51.36 5.79
N LEU C 65 6.38 51.36 4.89
CA LEU C 65 6.22 51.93 3.56
C LEU C 65 5.19 51.17 2.75
N SER C 66 5.12 49.84 2.92
CA SER C 66 4.15 49.04 2.18
C SER C 66 2.73 49.38 2.60
N VAL C 67 2.50 49.47 3.91
CA VAL C 67 1.16 49.83 4.39
C VAL C 67 0.78 51.23 3.94
N LEU C 68 1.68 52.21 4.12
CA LEU C 68 1.40 53.55 3.61
C LEU C 68 1.13 53.53 2.10
N LYS C 69 1.81 52.64 1.36
CA LYS C 69 1.55 52.53 -0.07
C LYS C 69 0.09 52.15 -0.33
N THR C 70 -0.37 51.07 0.29
CA THR C 70 -1.76 50.67 0.07
C THR C 70 -2.72 51.70 0.64
N GLU C 71 -2.30 52.42 1.69
CA GLU C 71 -3.22 53.34 2.36
C GLU C 71 -3.36 54.65 1.60
N LYS C 72 -2.36 55.07 0.82
CA LYS C 72 -2.37 56.40 0.24
C LYS C 72 -2.22 56.45 -1.28
N LEU C 73 -2.06 55.33 -1.98
CA LEU C 73 -1.80 55.36 -3.41
C LEU C 73 -2.90 54.61 -4.16
N SER C 74 -3.19 55.06 -5.38
CA SER C 74 -4.18 54.36 -6.16
C SER C 74 -3.63 53.00 -6.60
N VAL C 75 -4.47 52.19 -7.23
CA VAL C 75 -3.97 50.94 -7.78
C VAL C 75 -3.00 51.22 -8.93
N ALA C 76 -3.35 52.14 -9.83
CA ALA C 76 -2.46 52.39 -10.97
C ALA C 76 -1.05 52.74 -10.49
N ASP C 77 -0.95 53.49 -9.39
CA ASP C 77 0.38 53.79 -8.85
C ASP C 77 1.09 52.51 -8.44
N LEU C 78 0.39 51.64 -7.69
CA LEU C 78 0.98 50.41 -7.20
C LEU C 78 1.50 49.53 -8.34
N VAL C 79 0.79 49.49 -9.46
CA VAL C 79 1.22 48.62 -10.56
C VAL C 79 2.24 49.26 -11.48
N THR C 80 2.31 50.60 -11.56
CA THR C 80 3.05 51.27 -12.62
C THR C 80 4.14 52.22 -12.15
N LYS C 81 4.14 52.65 -10.90
CA LYS C 81 5.07 53.68 -10.45
C LYS C 81 5.91 53.19 -9.28
N ALA C 82 7.07 53.81 -9.12
CA ALA C 82 7.83 53.64 -7.89
C ALA C 82 7.34 54.64 -6.86
N THR C 83 7.64 54.37 -5.60
CA THR C 83 7.24 55.31 -4.56
C THR C 83 8.04 56.61 -4.63
N THR C 84 9.02 56.68 -5.53
CA THR C 84 9.64 57.96 -5.82
C THR C 84 8.75 58.83 -6.69
N GLY C 85 7.78 58.25 -7.38
CA GLY C 85 7.04 58.96 -8.40
C GLY C 85 7.47 58.63 -9.82
N GLU C 86 8.63 58.00 -9.98
CA GLU C 86 9.07 57.65 -11.32
C GLU C 86 8.13 56.62 -11.94
N ASP C 87 8.20 56.53 -13.27
CA ASP C 87 7.49 55.49 -14.00
C ASP C 87 8.29 54.20 -13.90
N ALA C 88 7.73 53.19 -13.22
CA ALA C 88 8.45 51.95 -13.00
C ALA C 88 9.11 51.42 -14.27
N ALA C 89 8.42 51.53 -15.41
CA ALA C 89 8.99 50.97 -16.64
C ALA C 89 10.18 51.81 -17.12
N ALA C 90 10.15 53.13 -16.89
CA ALA C 90 11.30 53.95 -17.24
C ALA C 90 12.49 53.63 -16.32
N VAL C 91 12.20 53.40 -15.03
CA VAL C 91 13.25 53.02 -14.09
C VAL C 91 13.99 51.80 -14.60
N GLU C 92 13.24 50.77 -14.98
CA GLU C 92 13.83 49.57 -15.55
C GLU C 92 14.68 49.93 -16.74
N ALA C 93 14.08 50.64 -17.69
CA ALA C 93 14.80 51.00 -18.91
C ALA C 93 16.09 51.74 -18.60
N ALA C 94 16.01 52.77 -17.75
CA ALA C 94 17.19 53.59 -17.48
C ALA C 94 18.30 52.75 -16.87
N TRP C 95 17.95 51.87 -15.93
CA TRP C 95 19.01 51.20 -15.18
C TRP C 95 19.65 50.08 -15.98
N ILE C 96 18.89 49.38 -16.81
CA ILE C 96 19.51 48.39 -17.69
C ILE C 96 20.38 49.10 -18.74
N ALA C 97 19.94 50.25 -19.24
CA ALA C 97 20.77 51.01 -20.17
C ALA C 97 22.06 51.43 -19.51
N LYS C 98 21.98 51.97 -18.30
CA LYS C 98 23.21 52.28 -17.58
C LYS C 98 24.08 51.03 -17.50
N MET C 99 23.50 49.91 -17.06
CA MET C 99 24.27 48.68 -16.85
C MET C 99 24.87 48.18 -18.15
N LYS C 100 24.12 48.24 -19.25
CA LYS C 100 24.63 47.83 -20.56
C LYS C 100 25.79 48.69 -21.01
N ALA C 101 25.81 49.96 -20.63
CA ALA C 101 26.86 50.89 -21.05
C ALA C 101 28.10 50.78 -20.20
N ALA C 102 28.03 50.13 -19.03
CA ALA C 102 29.12 50.12 -18.07
C ALA C 102 30.43 49.66 -18.73
N GLU C 103 31.51 50.33 -18.36
CA GLU C 103 32.83 50.14 -18.95
C GLU C 103 33.49 48.85 -18.46
N SER C 104 33.27 48.48 -17.21
CA SER C 104 33.96 47.36 -16.60
C SER C 104 33.07 46.70 -15.55
N LYS C 105 33.47 45.48 -15.14
CA LYS C 105 32.75 44.76 -14.10
C LYS C 105 32.62 45.60 -12.83
N TYR C 106 33.66 46.34 -12.47
CA TYR C 106 33.54 47.18 -11.28
C TYR C 106 32.51 48.28 -11.48
N ALA C 107 32.45 48.87 -12.67
CA ALA C 107 31.42 49.87 -12.90
C ALA C 107 30.04 49.23 -12.85
N ALA C 108 29.86 48.12 -13.58
CA ALA C 108 28.58 47.42 -13.57
C ALA C 108 28.21 46.97 -12.16
N GLU C 109 29.18 46.50 -11.39
CA GLU C 109 28.94 46.08 -10.01
C GLU C 109 28.29 47.20 -9.20
N ARG C 110 28.84 48.41 -9.25
CA ARG C 110 28.24 49.52 -8.51
C ARG C 110 26.85 49.83 -9.01
N ILE C 111 26.65 49.80 -10.33
CA ILE C 111 25.32 50.03 -10.88
C ILE C 111 24.30 49.09 -10.23
N HIS C 112 24.59 47.78 -10.24
CA HIS C 112 23.63 46.80 -9.74
C HIS C 112 23.40 46.95 -8.23
N ILE C 113 24.48 47.11 -7.47
CA ILE C 113 24.33 47.26 -6.02
C ILE C 113 23.50 48.49 -5.68
N GLU C 114 23.77 49.61 -6.38
CA GLU C 114 23.04 50.84 -6.05
C GLU C 114 21.58 50.76 -6.49
N PHE C 115 21.30 50.15 -7.65
CA PHE C 115 19.92 49.93 -8.03
C PHE C 115 19.16 49.20 -6.95
N ARG C 116 19.78 48.20 -6.34
CA ARG C 116 19.10 47.47 -5.27
C ARG C 116 18.85 48.38 -4.08
N GLN C 117 19.82 49.22 -3.75
CA GLN C 117 19.69 50.08 -2.57
C GLN C 117 18.52 51.04 -2.71
N LEU C 118 18.32 51.57 -3.91
CA LEU C 118 17.33 52.62 -4.15
C LEU C 118 15.95 52.09 -4.44
N TYR C 119 15.87 50.98 -5.18
CA TYR C 119 14.59 50.58 -5.77
C TYR C 119 14.04 49.25 -5.27
N LYS C 120 14.75 48.58 -4.36
CA LYS C 120 14.21 47.37 -3.77
C LYS C 120 12.80 47.63 -3.25
N PRO C 121 11.86 46.70 -3.44
CA PRO C 121 10.51 46.88 -2.91
C PRO C 121 10.56 47.10 -1.41
N PRO C 122 9.55 47.76 -0.83
CA PRO C 122 8.36 48.24 -1.56
C PRO C 122 8.51 49.50 -2.43
N VAL C 123 9.74 49.95 -2.77
CA VAL C 123 9.91 51.21 -3.50
C VAL C 123 9.55 51.03 -4.97
N LEU C 124 9.88 49.86 -5.54
CA LEU C 124 9.42 49.45 -6.88
C LEU C 124 8.39 48.34 -6.74
N PRO C 125 7.50 48.19 -7.72
CA PRO C 125 6.59 47.04 -7.69
C PRO C 125 7.41 45.78 -7.89
N VAL C 126 7.09 44.76 -7.08
CA VAL C 126 7.90 43.54 -7.02
C VAL C 126 8.19 43.01 -8.42
N ASN C 127 7.15 42.90 -9.26
CA ASN C 127 7.38 42.34 -10.59
C ASN C 127 8.44 43.14 -11.34
N VAL C 128 8.29 44.46 -11.41
CA VAL C 128 9.30 45.24 -12.12
C VAL C 128 10.66 45.07 -11.46
N PHE C 129 10.70 45.11 -10.12
CA PHE C 129 11.99 44.99 -9.44
C PHE C 129 12.69 43.69 -9.81
N LEU C 130 11.98 42.55 -9.73
CA LEU C 130 12.62 41.25 -9.94
C LEU C 130 13.09 41.08 -11.38
N ARG C 131 12.22 41.36 -12.34
CA ARG C 131 12.60 41.38 -13.75
C ARG C 131 13.91 42.13 -13.99
N THR C 132 14.08 43.29 -13.36
CA THR C 132 15.22 44.16 -13.64
C THR C 132 16.49 43.66 -12.97
N ASP C 133 16.35 43.23 -11.71
CA ASP C 133 17.47 42.62 -11.01
C ASP C 133 17.97 41.37 -11.75
N ALA C 134 17.05 40.58 -12.28
CA ALA C 134 17.44 39.46 -13.14
C ALA C 134 18.30 39.93 -14.30
N ALA C 135 17.83 40.93 -15.04
CA ALA C 135 18.58 41.43 -16.20
C ALA C 135 19.89 42.07 -15.78
N LEU C 136 19.90 42.83 -14.68
CA LEU C 136 21.16 43.39 -14.20
C LEU C 136 22.16 42.27 -13.88
N GLY C 137 21.73 41.29 -13.07
CA GLY C 137 22.64 40.21 -12.67
C GLY C 137 23.18 39.38 -13.84
N THR C 138 22.41 39.26 -14.92
CA THR C 138 22.92 38.55 -16.08
C THR C 138 24.19 39.22 -16.60
N ILE C 139 24.10 40.53 -16.86
CA ILE C 139 25.25 41.29 -17.32
C ILE C 139 26.37 41.24 -16.29
N LEU C 140 26.04 41.41 -15.01
CA LEU C 140 27.08 41.41 -13.98
C LEU C 140 27.87 40.12 -14.01
N MET C 141 27.20 38.98 -14.23
CA MET C 141 27.91 37.70 -14.27
C MET C 141 28.68 37.54 -15.57
N GLU C 142 28.09 37.97 -16.70
CA GLU C 142 28.79 37.84 -17.98
C GLU C 142 30.10 38.62 -17.99
N LEU C 143 30.09 39.83 -17.43
CA LEU C 143 31.33 40.58 -17.28
C LEU C 143 32.27 39.89 -16.29
N ARG C 144 31.78 39.62 -15.06
CA ARG C 144 32.65 39.13 -14.00
C ARG C 144 33.29 37.80 -14.34
N ASN C 145 32.57 36.92 -15.05
CA ASN C 145 33.01 35.55 -15.26
C ASN C 145 33.79 35.35 -16.56
N THR C 146 34.14 36.42 -17.28
CA THR C 146 35.11 36.33 -18.37
C THR C 146 36.53 36.28 -17.83
N ASP C 147 37.33 35.32 -18.27
CA ASP C 147 38.74 35.24 -17.88
C ASP C 147 38.90 35.38 -16.36
N TYR C 148 38.14 34.56 -15.63
CA TYR C 148 37.90 34.79 -14.21
C TYR C 148 39.16 34.65 -13.37
N TYR C 149 40.14 33.87 -13.84
CA TYR C 149 41.36 33.58 -13.10
C TYR C 149 42.60 34.24 -13.71
N ALA C 150 42.40 35.06 -14.76
CA ALA C 150 43.53 35.67 -15.47
C ALA C 150 44.34 36.60 -14.57
N THR C 151 43.68 37.40 -13.74
CA THR C 151 44.40 38.39 -12.92
C THR C 151 45.00 37.72 -11.69
N PRO C 152 46.29 37.89 -11.41
CA PRO C 152 46.85 37.25 -10.22
C PRO C 152 46.33 37.90 -8.94
N LEU C 153 46.31 37.11 -7.88
CA LEU C 153 45.72 37.54 -6.61
C LEU C 153 46.23 38.93 -6.22
N GLU C 154 47.51 39.22 -6.47
CA GLU C 154 48.08 40.52 -6.10
C GLU C 154 47.49 41.65 -6.93
N GLY C 155 47.28 41.39 -8.22
CA GLY C 155 46.63 42.39 -9.04
C GLY C 155 45.19 42.62 -8.64
N LEU C 156 44.46 41.53 -8.34
CA LEU C 156 43.05 41.62 -8.00
C LEU C 156 42.83 42.33 -6.66
N ARG C 157 43.66 42.02 -5.66
CA ARG C 157 43.63 42.80 -4.42
C ARG C 157 43.75 44.29 -4.71
N LYS C 158 44.58 44.66 -5.70
CA LYS C 158 44.76 46.08 -6.04
C LYS C 158 43.55 46.63 -6.80
N GLU C 159 43.00 45.86 -7.74
CA GLU C 159 41.77 46.30 -8.40
C GLU C 159 40.64 46.47 -7.41
N ARG C 160 40.49 45.51 -6.48
CA ARG C 160 39.44 45.64 -5.48
C ARG C 160 39.65 46.85 -4.60
N GLY C 161 40.90 47.23 -4.34
CA GLY C 161 41.17 48.34 -3.45
C GLY C 161 41.27 47.97 -2.00
N VAL C 162 41.67 46.77 -1.68
CA VAL C 162 41.78 46.40 -0.28
C VAL C 162 43.11 46.88 0.28
N LYS C 163 43.13 47.13 1.59
CA LYS C 163 44.38 47.30 2.33
C LYS C 163 44.78 45.94 2.89
N VAL C 164 45.84 45.35 2.36
CA VAL C 164 46.30 44.07 2.89
C VAL C 164 46.93 44.31 4.25
N LEU C 165 46.37 43.65 5.27
CA LEU C 165 46.90 43.76 6.63
C LEU C 165 47.69 42.54 7.06
N HIS C 166 47.53 41.40 6.39
CA HIS C 166 48.32 40.23 6.75
C HIS C 166 48.24 39.22 5.62
N LEU C 167 49.40 38.78 5.13
CA LEU C 167 49.49 37.60 4.30
C LEU C 167 50.40 36.62 5.02
N GLN C 168 49.84 35.46 5.39
CA GLN C 168 50.60 34.42 6.07
C GLN C 168 51.68 33.85 5.17
N ALA C 169 52.79 33.45 5.79
CA ALA C 169 53.84 32.70 5.07
C ALA C 169 53.45 31.24 4.90
N SER D 15 23.90 -6.12 -20.85
CA SER D 15 25.20 -5.57 -20.46
C SER D 15 25.35 -5.55 -18.93
N ARG D 16 24.73 -6.51 -18.26
CA ARG D 16 24.76 -6.63 -16.82
C ARG D 16 25.99 -7.43 -16.38
N ILE D 17 26.67 -6.97 -15.34
CA ILE D 17 27.91 -7.58 -14.86
C ILE D 17 27.71 -8.03 -13.43
N LEU D 18 27.90 -9.32 -13.19
CA LEU D 18 27.78 -9.88 -11.84
C LEU D 18 29.05 -9.54 -11.06
N ILE D 19 28.90 -8.88 -9.92
CA ILE D 19 30.04 -8.49 -9.11
C ILE D 19 30.02 -9.11 -7.73
N HIS D 20 28.95 -9.80 -7.34
CA HIS D 20 28.95 -10.51 -6.07
C HIS D 20 28.04 -11.72 -6.15
N SER D 21 28.45 -12.82 -5.52
CA SER D 21 27.67 -14.06 -5.58
C SER D 21 28.10 -14.98 -4.46
N ASP D 22 27.18 -15.28 -3.56
CA ASP D 22 27.48 -16.21 -2.47
C ASP D 22 26.19 -16.96 -2.18
N ALA D 23 26.18 -17.67 -1.04
CA ALA D 23 25.02 -18.47 -0.67
C ALA D 23 23.70 -17.72 -0.83
N ARG D 24 23.69 -16.42 -0.55
CA ARG D 24 22.44 -15.69 -0.36
C ARG D 24 22.33 -14.39 -1.17
N TYR D 25 23.44 -13.69 -1.39
CA TYR D 25 23.40 -12.38 -2.03
C TYR D 25 24.00 -12.44 -3.42
N GLU D 26 23.38 -11.69 -4.34
CA GLU D 26 23.91 -11.45 -5.67
C GLU D 26 23.83 -9.96 -5.95
N ALA D 27 24.79 -9.46 -6.71
CA ALA D 27 24.86 -8.05 -7.05
C ALA D 27 25.36 -7.91 -8.48
N PHE D 28 24.66 -7.10 -9.27
CA PHE D 28 25.04 -6.79 -10.64
C PHE D 28 25.23 -5.29 -10.80
N THR D 29 26.08 -4.88 -11.75
CA THR D 29 26.14 -3.50 -12.21
C THR D 29 25.97 -3.46 -13.72
N VAL D 30 25.56 -2.31 -14.22
CA VAL D 30 25.40 -2.09 -15.62
C VAL D 30 25.85 -0.69 -15.96
N ASP D 31 26.41 -0.47 -17.12
CA ASP D 31 26.87 0.82 -17.55
C ASP D 31 25.83 1.52 -18.37
N LEU D 32 25.44 2.68 -17.91
CA LEU D 32 24.47 3.44 -18.61
C LEU D 32 25.11 4.65 -19.17
N ASP D 33 26.39 4.58 -19.46
CA ASP D 33 27.20 5.68 -19.95
C ASP D 33 27.38 6.83 -18.97
N TYR D 34 26.36 7.57 -18.62
CA TYR D 34 26.51 8.65 -17.67
C TYR D 34 26.73 8.24 -16.25
N MET D 35 26.34 7.03 -15.91
CA MET D 35 26.40 6.51 -14.59
C MET D 35 26.31 5.00 -14.61
N TRP D 36 26.57 4.36 -13.49
CA TRP D 36 26.46 2.94 -13.41
C TRP D 36 25.33 2.60 -12.44
N ARG D 37 24.40 1.78 -12.83
CA ARG D 37 23.29 1.36 -11.98
C ARG D 37 23.60 -0.02 -11.44
N TRP D 38 23.54 -0.21 -10.13
CA TRP D 38 23.76 -1.51 -9.54
C TRP D 38 22.49 -1.96 -8.85
N GLU D 39 22.45 -3.26 -8.51
CA GLU D 39 21.32 -3.85 -7.83
C GLU D 39 21.81 -5.01 -6.98
N ILE D 40 21.05 -5.32 -5.94
CA ILE D 40 21.38 -6.40 -5.04
C ILE D 40 20.18 -7.32 -4.92
N LEU D 41 20.43 -8.63 -4.97
CA LEU D 41 19.41 -9.64 -4.79
C LEU D 41 19.69 -10.40 -3.51
N ARG D 42 18.66 -10.59 -2.69
CA ARG D 42 18.72 -11.56 -1.60
C ARG D 42 17.74 -12.69 -1.89
N ASP D 43 18.24 -13.91 -1.84
CA ASP D 43 17.47 -15.08 -2.22
C ASP D 43 16.65 -14.78 -3.46
N GLY D 44 17.35 -14.41 -4.52
CA GLY D 44 16.73 -14.19 -5.81
C GLY D 44 15.69 -13.09 -5.83
N GLU D 45 15.53 -12.37 -4.73
CA GLU D 45 14.57 -11.28 -4.64
C GLU D 45 15.29 -9.94 -4.74
N PHE D 46 15.00 -9.16 -5.79
CA PHE D 46 15.51 -7.80 -5.86
C PHE D 46 15.27 -7.08 -4.56
N VAL D 47 16.35 -6.55 -3.98
CA VAL D 47 16.33 -6.04 -2.62
C VAL D 47 16.62 -4.54 -2.59
N GLN D 48 17.56 -4.06 -3.40
CA GLN D 48 18.08 -2.69 -3.31
C GLN D 48 18.71 -2.26 -4.62
N GLU D 49 18.36 -1.06 -5.08
CA GLU D 49 18.90 -0.43 -6.27
C GLU D 49 19.81 0.74 -5.87
N GLY D 50 20.81 1.05 -6.72
CA GLY D 50 21.70 2.17 -6.48
C GLY D 50 22.46 2.59 -7.72
N CYS D 51 23.21 3.66 -7.63
CA CYS D 51 24.06 4.08 -8.74
C CYS D 51 25.42 4.53 -8.24
N SER D 52 26.42 4.39 -9.11
CA SER D 52 27.76 4.87 -8.82
C SER D 52 28.37 5.47 -10.08
N LEU D 53 29.43 6.27 -9.86
CA LEU D 53 30.12 6.92 -10.96
C LEU D 53 30.77 5.90 -11.90
N SER D 54 31.33 4.83 -11.35
CA SER D 54 32.15 3.92 -12.14
C SER D 54 31.84 2.49 -11.71
N PHE D 55 32.48 1.53 -12.39
CA PHE D 55 32.47 0.15 -11.92
C PHE D 55 33.08 0.05 -10.53
N ASP D 56 34.26 0.63 -10.35
CA ASP D 56 34.93 0.51 -9.05
C ASP D 56 34.02 1.00 -7.93
N SER D 57 33.43 2.19 -8.10
CA SER D 57 32.56 2.76 -7.06
C SER D 57 31.24 1.99 -6.93
N SER D 58 30.83 1.26 -7.97
CA SER D 58 29.73 0.31 -7.82
C SER D 58 30.09 -0.80 -6.84
N ARG D 59 31.29 -1.36 -6.97
CA ARG D 59 31.69 -2.45 -6.11
C ARG D 59 31.84 -1.97 -4.68
N LYS D 60 32.43 -0.79 -4.49
CA LYS D 60 32.58 -0.30 -3.14
C LYS D 60 31.22 -0.02 -2.53
N ALA D 61 30.27 0.47 -3.33
CA ALA D 61 28.94 0.75 -2.81
C ALA D 61 28.24 -0.54 -2.44
N VAL D 62 28.23 -1.51 -3.36
CA VAL D 62 27.64 -2.82 -3.10
C VAL D 62 28.27 -3.45 -1.87
N ALA D 63 29.59 -3.35 -1.74
CA ALA D 63 30.22 -3.96 -0.57
C ALA D 63 29.73 -3.31 0.72
N HIS D 64 29.59 -1.98 0.73
CA HIS D 64 29.08 -1.29 1.91
C HIS D 64 27.71 -1.81 2.33
N VAL D 65 26.78 -1.91 1.37
CA VAL D 65 25.42 -2.34 1.70
C VAL D 65 25.43 -3.80 2.14
N LEU D 66 26.15 -4.67 1.40
CA LEU D 66 26.24 -6.06 1.78
C LEU D 66 26.79 -6.23 3.18
N SER D 67 27.69 -5.34 3.60
CA SER D 67 28.20 -5.39 4.97
C SER D 67 27.08 -5.11 5.96
N HIS D 68 26.21 -4.15 5.63
CA HIS D 68 25.06 -3.84 6.47
C HIS D 68 24.06 -5.02 6.50
N PHE D 69 23.71 -5.55 5.32
CA PHE D 69 22.77 -6.67 5.26
C PHE D 69 23.29 -7.88 6.03
N LYS D 70 24.60 -8.14 5.96
CA LYS D 70 25.15 -9.30 6.66
C LYS D 70 25.25 -9.04 8.16
N ARG D 71 25.61 -7.82 8.56
CA ARG D 71 25.52 -7.47 9.97
C ARG D 71 24.13 -7.76 10.52
N GLN D 72 23.09 -7.47 9.73
CA GLN D 72 21.74 -7.82 10.13
C GLN D 72 21.56 -9.33 10.22
N ASP D 73 22.10 -10.07 9.26
CA ASP D 73 21.97 -11.51 9.33
C ASP D 73 22.71 -12.08 10.54
N GLU D 74 23.91 -11.56 10.82
CA GLU D 74 24.64 -12.00 12.01
C GLU D 74 23.81 -11.79 13.27
N ALA D 75 23.30 -10.57 13.46
CA ALA D 75 22.60 -10.23 14.69
C ALA D 75 21.32 -11.04 14.88
N ALA D 76 20.61 -11.35 13.78
CA ALA D 76 19.35 -12.09 13.85
C ALA D 76 19.55 -13.60 14.04
N GLN D 77 20.69 -14.01 14.62
CA GLN D 77 20.96 -15.40 14.95
C GLN D 77 21.71 -15.45 16.27
N ARG D 78 22.68 -14.57 16.44
CA ARG D 78 23.43 -14.44 17.68
C ARG D 78 23.02 -13.17 18.44
N THR E 11 -33.58 27.70 -7.59
CA THR E 11 -33.74 27.06 -8.89
C THR E 11 -32.76 25.89 -9.07
N ASP E 12 -33.25 24.80 -9.68
CA ASP E 12 -32.44 23.59 -9.86
C ASP E 12 -31.09 23.92 -10.49
N ALA E 13 -31.11 24.64 -11.61
CA ALA E 13 -29.89 24.86 -12.37
C ALA E 13 -28.88 25.77 -11.68
N LEU E 14 -29.25 26.42 -10.58
CA LEU E 14 -28.32 27.36 -9.97
C LEU E 14 -28.05 27.09 -8.50
N LYS E 15 -29.06 26.72 -7.73
CA LYS E 15 -28.93 26.59 -6.27
C LYS E 15 -28.76 25.12 -5.88
N VAL E 16 -27.84 24.87 -4.94
CA VAL E 16 -27.57 23.53 -4.43
C VAL E 16 -26.61 23.68 -3.26
N ASN E 17 -26.55 22.66 -2.41
CA ASN E 17 -25.58 22.62 -1.32
C ASN E 17 -24.25 22.11 -1.86
N ARG E 18 -23.21 22.92 -1.74
CA ARG E 18 -21.89 22.56 -2.25
C ARG E 18 -20.90 22.17 -1.16
N ALA E 19 -21.38 21.93 0.06
CA ALA E 19 -20.52 21.37 1.10
C ALA E 19 -19.98 20.01 0.66
N PRO E 20 -18.73 19.68 0.97
CA PRO E 20 -18.19 18.37 0.59
C PRO E 20 -18.86 17.27 1.39
N VAL E 21 -19.26 16.21 0.69
CA VAL E 21 -19.91 15.07 1.31
C VAL E 21 -19.57 13.82 0.52
N GLY E 22 -19.32 12.74 1.24
CA GLY E 22 -19.32 11.44 0.62
C GLY E 22 -20.48 10.61 1.12
N VAL E 23 -20.29 9.29 1.11
CA VAL E 23 -21.23 8.36 1.70
C VAL E 23 -20.41 7.40 2.54
N GLU E 24 -20.62 7.42 3.84
CA GLU E 24 -19.89 6.50 4.68
C GLU E 24 -20.53 5.10 4.68
N PRO E 25 -19.74 4.06 4.94
CA PRO E 25 -20.24 2.68 4.76
C PRO E 25 -21.44 2.31 5.62
N GLN E 26 -21.46 2.67 6.90
CA GLN E 26 -22.64 2.34 7.71
C GLN E 26 -23.89 2.97 7.13
N GLU E 27 -23.75 3.92 6.24
CA GLU E 27 -24.88 4.53 5.58
C GLU E 27 -25.41 3.61 4.51
N VAL E 28 -24.55 2.88 3.85
CA VAL E 28 -25.01 1.96 2.87
C VAL E 28 -25.43 0.66 3.54
N HIS E 29 -24.91 0.39 4.72
CA HIS E 29 -25.21 -0.83 5.44
C HIS E 29 -26.54 -0.83 6.11
N LYS E 30 -27.11 0.34 6.31
CA LYS E 30 -28.41 0.57 6.90
C LYS E 30 -29.53 -0.01 6.05
N TRP E 31 -29.34 -0.03 4.76
CA TRP E 31 -30.26 -0.55 3.83
C TRP E 31 -29.92 -1.93 3.24
N LEU E 32 -28.89 -2.58 3.73
CA LEU E 32 -28.49 -3.86 3.20
C LEU E 32 -29.48 -4.96 3.40
N GLN E 33 -30.12 -4.99 4.54
CA GLN E 33 -31.12 -5.99 4.85
C GLN E 33 -32.27 -6.08 3.89
N SER E 34 -32.69 -4.98 3.33
CA SER E 34 -33.73 -4.89 2.34
C SER E 34 -33.36 -5.26 0.92
N PHE E 35 -32.19 -5.79 0.67
CA PHE E 35 -31.75 -6.15 -0.63
C PHE E 35 -32.29 -7.48 -1.03
N ASN E 36 -32.71 -8.27 -0.07
CA ASN E 36 -33.30 -9.57 -0.34
C ASN E 36 -34.76 -9.41 -0.57
N TRP E 37 -35.35 -10.29 -1.30
CA TRP E 37 -36.79 -10.22 -1.53
C TRP E 37 -37.43 -11.61 -1.39
N ASP E 38 -38.75 -11.60 -1.16
CA ASP E 38 -39.50 -12.83 -0.93
C ASP E 38 -39.84 -13.51 -2.24
N PHE E 39 -39.36 -14.73 -2.42
CA PHE E 39 -39.93 -15.64 -3.42
C PHE E 39 -39.93 -17.05 -2.82
N LYS E 40 -40.86 -17.88 -3.29
CA LYS E 40 -41.12 -19.14 -2.61
C LYS E 40 -39.90 -20.06 -2.60
N GLU E 41 -39.13 -20.09 -3.69
CA GLU E 41 -37.93 -20.91 -3.76
C GLU E 41 -36.74 -20.32 -2.97
N ASN E 42 -36.93 -19.24 -2.19
CA ASN E 42 -35.81 -18.49 -1.63
C ASN E 42 -35.47 -19.08 -0.27
N ARG E 43 -34.59 -20.09 -0.28
CA ARG E 43 -34.18 -20.73 0.95
C ARG E 43 -32.96 -21.60 0.65
N THR E 44 -32.29 -22.04 1.72
CA THR E 44 -31.02 -22.70 1.55
C THR E 44 -31.16 -24.03 0.79
N LYS E 45 -30.17 -24.34 -0.01
CA LYS E 45 -30.17 -25.55 -0.81
C LYS E 45 -29.76 -26.79 -0.04
N TYR E 46 -29.32 -26.66 1.22
CA TYR E 46 -28.72 -27.77 1.95
C TYR E 46 -29.69 -28.36 2.97
N ALA E 47 -29.54 -29.66 3.19
CA ALA E 47 -30.31 -30.33 4.22
C ALA E 47 -30.03 -29.70 5.58
N THR E 48 -31.09 -29.29 6.29
CA THR E 48 -30.96 -28.72 7.63
C THR E 48 -32.23 -28.97 8.43
N LYS E 49 -32.05 -29.14 9.75
CA LYS E 49 -33.16 -29.24 10.68
C LYS E 49 -33.68 -27.88 11.13
N TYR E 50 -32.93 -26.79 10.87
CA TYR E 50 -33.18 -25.47 11.45
C TYR E 50 -33.51 -24.46 10.37
N HIS E 51 -34.11 -23.35 10.78
CA HIS E 51 -34.31 -22.20 9.90
C HIS E 51 -33.70 -20.95 10.55
N MET E 52 -32.59 -20.46 9.99
CA MET E 52 -32.02 -19.23 10.51
C MET E 52 -32.96 -18.07 10.19
N ALA E 53 -33.33 -17.31 11.23
CA ALA E 53 -34.42 -16.35 11.14
C ALA E 53 -34.08 -15.17 10.23
N ASN E 54 -35.08 -14.76 9.43
CA ASN E 54 -34.91 -13.77 8.36
C ASN E 54 -34.60 -12.37 8.86
N GLN E 55 -34.77 -12.09 10.15
CA GLN E 55 -34.52 -10.73 10.63
C GLN E 55 -33.20 -10.58 11.37
N THR E 56 -32.32 -11.57 11.35
CA THR E 56 -31.15 -11.49 12.23
C THR E 56 -30.13 -10.48 11.69
N LYS E 57 -29.34 -9.92 12.59
CA LYS E 57 -28.47 -8.81 12.30
C LYS E 57 -27.00 -9.24 12.33
N GLU E 58 -26.17 -8.34 11.82
CA GLU E 58 -24.73 -8.49 11.73
C GLU E 58 -24.09 -7.50 12.70
N GLN E 59 -23.00 -7.93 13.35
CA GLN E 59 -22.38 -7.05 14.34
C GLN E 59 -21.59 -5.92 13.72
N PHE E 60 -21.19 -6.02 12.47
CA PHE E 60 -20.30 -5.05 11.84
C PHE E 60 -20.91 -4.52 10.54
N LYS E 61 -20.92 -3.19 10.39
CA LYS E 61 -21.59 -2.53 9.26
C LYS E 61 -20.60 -2.25 8.13
N VAL E 62 -20.15 -3.34 7.50
CA VAL E 62 -19.06 -3.33 6.54
C VAL E 62 -19.60 -3.70 5.15
N ILE E 63 -19.42 -2.81 4.19
CA ILE E 63 -19.75 -3.10 2.81
C ILE E 63 -18.46 -3.50 2.09
N ALA E 64 -18.62 -4.05 0.87
CA ALA E 64 -17.46 -4.55 0.12
C ALA E 64 -16.33 -3.53 0.05
N LYS E 65 -16.62 -2.28 -0.33
CA LYS E 65 -15.53 -1.30 -0.43
C LYS E 65 -14.81 -1.13 0.91
N GLU E 66 -15.56 -1.04 2.01
CA GLU E 66 -14.94 -0.87 3.33
C GLU E 66 -14.13 -2.11 3.71
N TYR E 67 -14.64 -3.31 3.41
CA TYR E 67 -13.85 -4.52 3.63
C TYR E 67 -12.49 -4.38 2.94
N ALA E 68 -12.49 -4.12 1.63
CA ALA E 68 -11.23 -3.96 0.90
C ALA E 68 -10.33 -2.90 1.51
N ARG E 69 -10.89 -1.76 1.92
CA ARG E 69 -10.06 -0.69 2.47
C ARG E 69 -9.38 -1.12 3.77
N MET E 70 -10.13 -1.73 4.68
CA MET E 70 -9.56 -2.15 5.95
C MET E 70 -8.51 -3.24 5.79
N GLU E 71 -8.77 -4.20 4.89
CA GLU E 71 -7.86 -5.33 4.75
C GLU E 71 -6.66 -4.99 3.88
N ALA E 72 -6.85 -4.16 2.85
CA ALA E 72 -5.68 -3.72 2.09
C ALA E 72 -4.69 -3.02 3.00
N ALA E 73 -5.21 -2.30 4.00
CA ALA E 73 -4.34 -1.56 4.91
C ALA E 73 -3.53 -2.50 5.79
N LYS E 74 -4.19 -3.42 6.49
CA LYS E 74 -3.47 -4.44 7.25
C LYS E 74 -2.41 -5.12 6.39
N ASP E 75 -2.78 -5.64 5.22
CA ASP E 75 -1.80 -6.38 4.41
C ASP E 75 -0.60 -5.52 4.10
N GLU E 76 -0.82 -4.22 3.88
CA GLU E 76 0.28 -3.30 3.63
C GLU E 76 1.43 -3.61 4.57
N ARG E 77 1.24 -3.36 5.88
CA ARG E 77 2.37 -3.56 6.79
C ARG E 77 2.57 -5.01 7.21
N GLN E 78 1.50 -5.82 7.29
CA GLN E 78 1.67 -7.21 7.73
C GLN E 78 2.58 -7.99 6.78
N PHE E 79 2.37 -7.86 5.47
CA PHE E 79 3.26 -8.54 4.52
C PHE E 79 4.68 -7.99 4.60
N GLY E 80 4.84 -6.68 4.82
CA GLY E 80 6.17 -6.15 5.01
C GLY E 80 6.86 -6.82 6.18
N THR E 81 6.18 -6.88 7.33
CA THR E 81 6.74 -7.51 8.52
C THR E 81 7.02 -8.99 8.28
N LEU E 82 6.18 -9.65 7.50
CA LEU E 82 6.39 -11.08 7.24
C LEU E 82 7.64 -11.31 6.41
N LEU E 83 7.86 -10.47 5.38
CA LEU E 83 9.09 -10.57 4.60
C LEU E 83 10.33 -10.41 5.46
N ASP E 84 10.34 -9.38 6.32
CA ASP E 84 11.48 -9.16 7.20
C ASP E 84 11.73 -10.38 8.08
N GLY E 85 10.68 -11.03 8.56
CA GLY E 85 10.87 -12.21 9.38
C GLY E 85 11.46 -13.37 8.60
N LEU E 86 11.06 -13.52 7.33
CA LEU E 86 11.54 -14.62 6.51
C LEU E 86 13.00 -14.42 6.10
N THR E 87 13.42 -13.18 5.82
CA THR E 87 14.83 -12.96 5.48
C THR E 87 15.73 -13.15 6.71
N ARG E 88 15.29 -12.69 7.89
CA ARG E 88 16.08 -12.88 9.10
C ARG E 88 16.22 -14.36 9.44
N LEU E 89 15.15 -15.13 9.25
CA LEU E 89 15.21 -16.56 9.49
C LEU E 89 16.01 -17.29 8.41
N GLY E 90 16.11 -16.72 7.22
CA GLY E 90 16.90 -17.34 6.18
C GLY E 90 18.39 -17.27 6.37
N ALA E 91 18.86 -16.62 7.44
CA ALA E 91 20.28 -16.39 7.65
C ALA E 91 20.87 -17.38 8.65
N GLY E 92 20.48 -17.26 9.92
CA GLY E 92 21.08 -18.04 10.98
C GLY E 92 20.36 -19.35 11.22
N ASN E 93 20.92 -20.13 12.16
CA ASN E 93 20.21 -21.29 12.68
C ASN E 93 18.86 -20.88 13.23
N LYS E 94 18.84 -19.79 13.97
CA LYS E 94 17.57 -19.31 14.43
C LYS E 94 16.95 -20.39 15.25
N VAL E 95 15.76 -20.80 14.81
CA VAL E 95 14.82 -21.57 15.61
C VAL E 95 15.46 -22.85 16.16
N HIS E 96 15.07 -23.19 17.38
CA HIS E 96 15.41 -24.51 17.95
C HIS E 96 14.91 -25.61 17.02
N PRO E 97 15.67 -26.70 16.86
CA PRO E 97 15.31 -27.71 15.83
C PRO E 97 13.96 -28.35 16.06
N ARG E 98 13.66 -28.70 17.31
CA ARG E 98 12.42 -29.39 17.63
C ARG E 98 11.20 -28.54 17.25
N TRP E 99 11.19 -27.26 17.66
CA TRP E 99 10.14 -26.36 17.18
C TRP E 99 10.21 -26.17 15.68
N GLY E 100 11.43 -26.19 15.11
CA GLY E 100 11.56 -26.09 13.68
C GLY E 100 10.73 -27.12 12.94
N GLU E 101 10.63 -28.32 13.50
CA GLU E 101 9.77 -29.34 12.92
C GLU E 101 8.28 -29.03 13.19
N THR E 102 7.95 -28.68 14.44
CA THR E 102 6.56 -28.36 14.77
C THR E 102 6.02 -27.23 13.91
N MET E 103 6.88 -26.31 13.48
CA MET E 103 6.45 -25.24 12.58
C MET E 103 5.88 -25.82 11.28
N LYS E 104 6.63 -26.73 10.65
CA LYS E 104 6.20 -27.24 9.35
C LYS E 104 4.86 -27.94 9.47
N VAL E 105 4.61 -28.61 10.59
CA VAL E 105 3.33 -29.27 10.76
C VAL E 105 2.24 -28.25 11.01
N ILE E 106 2.51 -27.27 11.88
CA ILE E 106 1.52 -26.22 12.17
C ILE E 106 1.08 -25.54 10.87
N SER E 107 2.04 -25.10 10.06
CA SER E 107 1.69 -24.36 8.84
C SER E 107 0.95 -25.25 7.85
N ASN E 108 1.36 -26.51 7.72
CA ASN E 108 0.65 -27.38 6.79
C ASN E 108 -0.78 -27.63 7.24
N PHE E 109 -0.99 -27.87 8.53
CA PHE E 109 -2.34 -28.05 9.06
C PHE E 109 -3.16 -26.77 8.97
N LEU E 110 -2.55 -25.61 9.23
CA LEU E 110 -3.32 -24.37 9.17
C LEU E 110 -3.89 -24.16 7.78
N GLU E 111 -3.07 -24.38 6.76
CA GLU E 111 -3.52 -24.18 5.40
C GLU E 111 -4.75 -25.04 5.09
N VAL E 112 -4.70 -26.32 5.47
CA VAL E 112 -5.86 -27.20 5.27
C VAL E 112 -7.11 -26.58 5.87
N GLY E 113 -6.99 -26.07 7.10
CA GLY E 113 -8.17 -25.58 7.79
C GLY E 113 -8.66 -24.27 7.22
N GLU E 114 -7.74 -23.40 6.84
CA GLU E 114 -8.19 -22.12 6.31
C GLU E 114 -8.86 -22.33 4.95
N TYR E 115 -8.32 -23.24 4.14
CA TYR E 115 -8.96 -23.51 2.87
C TYR E 115 -10.37 -24.07 3.07
N ASN E 116 -10.50 -25.11 3.90
CA ASN E 116 -11.84 -25.70 4.02
C ASN E 116 -12.79 -24.73 4.71
N ALA E 117 -12.29 -23.84 5.55
CA ALA E 117 -13.16 -22.87 6.18
C ALA E 117 -13.80 -21.96 5.16
N ILE E 118 -13.11 -21.71 4.03
CA ILE E 118 -13.70 -20.89 2.97
C ILE E 118 -15.04 -21.45 2.56
N ALA E 119 -15.09 -22.78 2.40
CA ALA E 119 -16.29 -23.44 1.92
C ALA E 119 -17.30 -23.64 3.03
N ALA E 120 -16.84 -23.85 4.27
CA ALA E 120 -17.78 -23.90 5.38
C ALA E 120 -18.51 -22.57 5.53
N SER E 121 -17.78 -21.46 5.40
CA SER E 121 -18.42 -20.16 5.55
C SER E 121 -19.36 -19.86 4.38
N ALA E 122 -18.99 -20.28 3.17
CA ALA E 122 -19.89 -20.18 2.03
C ALA E 122 -21.18 -20.97 2.26
N MET E 123 -21.06 -22.18 2.81
CA MET E 123 -22.26 -22.95 3.13
C MET E 123 -23.16 -22.20 4.10
N LEU E 124 -22.56 -21.56 5.10
CA LEU E 124 -23.33 -20.83 6.12
C LEU E 124 -24.01 -19.60 5.51
N TRP E 125 -23.30 -18.86 4.66
CA TRP E 125 -23.91 -17.77 3.91
C TRP E 125 -25.13 -18.28 3.12
N ASP E 126 -25.04 -19.47 2.56
CA ASP E 126 -26.19 -20.04 1.86
C ASP E 126 -27.32 -20.39 2.82
N SER E 127 -26.97 -20.75 4.06
CA SER E 127 -27.96 -21.16 5.04
C SER E 127 -28.78 -19.98 5.56
N ALA E 128 -28.18 -18.79 5.61
CA ALA E 128 -28.86 -17.65 6.17
C ALA E 128 -29.85 -17.09 5.17
N THR E 129 -30.88 -16.41 5.66
CA THR E 129 -31.75 -15.65 4.78
C THR E 129 -31.65 -14.14 4.95
N ALA E 130 -31.32 -13.63 6.14
CA ALA E 130 -31.04 -12.20 6.30
C ALA E 130 -29.78 -11.77 5.54
N ALA E 131 -29.91 -10.73 4.72
CA ALA E 131 -28.73 -10.16 4.05
C ALA E 131 -27.60 -9.89 5.03
N GLU E 132 -27.92 -9.42 6.24
CA GLU E 132 -26.87 -9.08 7.20
C GLU E 132 -26.12 -10.32 7.69
N GLN E 133 -26.83 -11.41 7.95
CA GLN E 133 -26.15 -12.61 8.38
C GLN E 133 -25.38 -13.24 7.24
N LYS E 134 -25.91 -13.16 6.02
CA LYS E 134 -25.15 -13.55 4.84
C LYS E 134 -23.84 -12.76 4.77
N ASN E 135 -23.94 -11.43 4.95
CA ASN E 135 -22.76 -10.57 4.92
C ASN E 135 -21.72 -11.01 5.93
N GLY E 136 -22.13 -11.22 7.18
CA GLY E 136 -21.21 -11.71 8.19
C GLY E 136 -20.50 -12.99 7.76
N TYR E 137 -21.26 -13.98 7.27
CA TYR E 137 -20.59 -15.19 6.79
C TYR E 137 -19.66 -14.86 5.64
N LEU E 138 -20.16 -14.10 4.67
CA LEU E 138 -19.34 -13.69 3.52
C LEU E 138 -17.99 -13.16 3.96
N ALA E 139 -18.00 -12.33 5.01
CA ALA E 139 -16.75 -11.71 5.46
C ALA E 139 -15.77 -12.76 5.97
N GLN E 140 -16.27 -13.85 6.57
CA GLN E 140 -15.35 -14.90 6.99
C GLN E 140 -14.81 -15.65 5.77
N VAL E 141 -15.65 -15.91 4.76
CA VAL E 141 -15.12 -16.49 3.51
C VAL E 141 -13.89 -15.70 3.08
N LEU E 142 -14.06 -14.39 2.89
CA LEU E 142 -12.97 -13.53 2.44
C LEU E 142 -11.76 -13.60 3.39
N ASP E 143 -11.99 -13.65 4.70
CA ASP E 143 -10.88 -13.76 5.64
C ASP E 143 -10.12 -15.07 5.46
N GLU E 144 -10.85 -16.20 5.40
CA GLU E 144 -10.17 -17.48 5.23
C GLU E 144 -9.34 -17.48 3.94
N ILE E 145 -9.88 -16.88 2.86
CA ILE E 145 -9.10 -16.72 1.63
C ILE E 145 -7.82 -15.93 1.89
N ARG E 146 -7.94 -14.75 2.52
CA ARG E 146 -6.74 -13.95 2.77
C ARG E 146 -5.67 -14.77 3.46
N HIS E 147 -6.06 -15.62 4.36
CA HIS E 147 -5.08 -16.30 5.17
C HIS E 147 -4.50 -17.52 4.50
N THR E 148 -5.29 -18.28 3.74
CA THR E 148 -4.70 -19.33 2.91
C THR E 148 -3.65 -18.75 1.98
N HIS E 149 -3.88 -17.54 1.47
CA HIS E 149 -2.87 -16.89 0.66
C HIS E 149 -1.62 -16.57 1.49
N GLN E 150 -1.81 -16.18 2.76
CA GLN E 150 -0.63 -16.01 3.63
C GLN E 150 0.11 -17.31 3.80
N CYS E 151 -0.61 -18.42 3.87
CA CYS E 151 0.03 -19.70 4.05
C CYS E 151 0.75 -20.15 2.79
N ALA E 152 0.18 -19.85 1.62
CA ALA E 152 0.88 -20.15 0.37
C ALA E 152 2.24 -19.48 0.36
N PHE E 153 2.26 -18.17 0.64
CA PHE E 153 3.50 -17.41 0.72
C PHE E 153 4.47 -18.03 1.73
N ILE E 154 4.02 -18.29 2.95
CA ILE E 154 4.85 -18.88 3.99
C ILE E 154 5.39 -20.23 3.52
N ASN E 155 4.49 -21.21 3.31
CA ASN E 155 4.92 -22.54 2.91
C ASN E 155 5.72 -22.54 1.62
N HIS E 156 5.69 -21.45 0.85
CA HIS E 156 6.49 -21.39 -0.37
C HIS E 156 7.98 -21.36 -0.08
N TYR E 157 8.39 -20.78 1.05
CA TYR E 157 9.80 -20.69 1.44
C TYR E 157 10.26 -21.98 2.12
N TYR E 158 9.60 -22.36 3.21
CA TYR E 158 9.96 -23.54 4.01
C TYR E 158 10.54 -24.71 3.21
N ARG E 172 2.76 -32.84 -1.04
CA ARG E 172 1.29 -32.85 -1.07
C ARG E 172 0.75 -34.26 -0.84
N ARG E 173 1.12 -35.19 -1.69
CA ARG E 173 0.83 -36.61 -1.44
C ARG E 173 1.73 -37.19 -0.35
N THR E 174 2.63 -36.38 0.20
CA THR E 174 3.54 -36.80 1.26
C THR E 174 2.94 -36.68 2.66
N ARG E 175 1.90 -35.87 2.83
CA ARG E 175 1.24 -35.77 4.13
C ARG E 175 0.09 -36.76 4.29
N ALA E 176 -0.50 -37.19 3.16
CA ALA E 176 -1.56 -38.19 3.17
C ALA E 176 -1.08 -39.57 3.61
N ILE E 177 0.24 -39.77 3.65
CA ILE E 177 0.81 -41.06 4.05
C ILE E 177 0.52 -41.35 5.53
N GLY E 178 0.57 -40.32 6.38
CA GLY E 178 0.63 -40.52 7.81
C GLY E 178 -0.72 -40.85 8.42
N PRO E 179 -0.69 -41.17 9.72
CA PRO E 179 -1.94 -41.46 10.45
C PRO E 179 -2.61 -40.32 11.22
N LEU E 180 -1.84 -39.29 11.59
CA LEU E 180 -2.39 -38.05 12.14
C LEU E 180 -3.09 -37.21 11.07
N TRP E 181 -2.64 -37.25 9.83
CA TRP E 181 -3.28 -36.41 8.83
C TRP E 181 -4.77 -36.73 8.71
N LYS E 182 -5.16 -37.98 8.99
CA LYS E 182 -6.56 -38.36 8.80
C LYS E 182 -7.45 -37.75 9.87
N GLY E 183 -7.04 -37.82 11.15
CA GLY E 183 -7.79 -37.17 12.20
C GLY E 183 -7.86 -35.67 11.99
N MET E 184 -6.73 -35.07 11.68
CA MET E 184 -6.66 -33.69 11.25
C MET E 184 -7.73 -33.36 10.21
N LYS E 185 -7.92 -34.25 9.22
CA LYS E 185 -8.87 -33.95 8.16
C LYS E 185 -10.31 -33.94 8.64
N ARG E 186 -10.62 -34.57 9.78
CA ARG E 186 -11.99 -34.52 10.29
C ARG E 186 -12.30 -33.18 10.93
N VAL E 187 -11.46 -32.75 11.87
CA VAL E 187 -11.74 -31.55 12.66
C VAL E 187 -11.42 -30.27 11.92
N PHE E 188 -10.60 -30.34 10.85
CA PHE E 188 -10.21 -29.16 10.09
C PHE E 188 -10.92 -29.07 8.74
N ALA E 189 -11.45 -30.18 8.22
CA ALA E 189 -11.97 -30.20 6.86
C ALA E 189 -13.36 -30.82 6.73
N ASP E 190 -13.50 -32.13 6.97
CA ASP E 190 -14.82 -32.73 6.75
C ASP E 190 -15.84 -32.24 7.78
N GLY E 191 -15.40 -32.03 9.02
CA GLY E 191 -16.31 -31.53 10.03
C GLY E 191 -16.88 -30.15 9.72
N PHE E 192 -16.16 -29.36 8.91
CA PHE E 192 -16.59 -28.00 8.61
C PHE E 192 -17.69 -27.95 7.56
N ILE E 193 -17.82 -28.97 6.70
CA ILE E 193 -18.63 -28.85 5.47
C ILE E 193 -19.62 -29.99 5.21
N SER E 194 -19.62 -31.06 6.01
CA SER E 194 -20.42 -32.24 5.69
C SER E 194 -21.34 -32.61 6.86
N GLY E 195 -22.60 -32.20 6.76
CA GLY E 195 -23.54 -32.27 7.86
C GLY E 195 -24.53 -31.12 7.76
N ASP E 196 -25.45 -31.10 8.73
CA ASP E 196 -26.27 -29.90 8.90
C ASP E 196 -25.37 -28.67 9.05
N ALA E 197 -25.70 -27.59 8.31
CA ALA E 197 -24.91 -26.37 8.41
C ALA E 197 -24.75 -25.94 9.86
N VAL E 198 -25.81 -26.05 10.66
CA VAL E 198 -25.69 -25.72 12.08
C VAL E 198 -24.64 -26.59 12.75
N GLU E 199 -24.68 -27.90 12.52
CA GLU E 199 -23.65 -28.74 13.10
C GLU E 199 -22.26 -28.34 12.58
N CYS E 200 -22.18 -27.94 11.31
CA CYS E 200 -20.88 -27.50 10.79
C CYS E 200 -20.43 -26.20 11.43
N SER E 201 -21.38 -25.30 11.73
CA SER E 201 -21.03 -24.09 12.45
C SER E 201 -20.44 -24.45 13.80
N VAL E 202 -21.04 -25.41 14.50
CA VAL E 202 -20.52 -25.78 15.80
C VAL E 202 -19.09 -26.32 15.65
N ASN E 203 -18.85 -27.17 14.65
CA ASN E 203 -17.50 -27.65 14.38
C ASN E 203 -16.51 -26.50 14.10
N LEU E 204 -16.98 -25.43 13.45
CA LEU E 204 -16.08 -24.39 12.95
C LEU E 204 -15.91 -23.24 13.95
N GLN E 205 -17.00 -22.56 14.31
CA GLN E 205 -16.95 -21.35 15.13
C GLN E 205 -17.22 -21.61 16.61
N LEU E 206 -18.35 -22.25 16.96
CA LEU E 206 -18.73 -22.38 18.36
C LEU E 206 -17.77 -23.26 19.16
N VAL E 207 -17.16 -24.26 18.56
CA VAL E 207 -16.22 -25.11 19.27
C VAL E 207 -14.81 -24.96 18.70
N GLY E 208 -14.64 -25.33 17.42
CA GLY E 208 -13.36 -25.19 16.76
C GLY E 208 -12.59 -23.92 17.10
N GLU E 209 -13.17 -22.76 16.79
CA GLU E 209 -12.45 -21.49 16.97
C GLU E 209 -12.58 -20.97 18.40
N ALA E 210 -13.81 -20.98 18.95
CA ALA E 210 -14.02 -20.38 20.27
C ALA E 210 -13.30 -21.15 21.36
N CYS E 211 -13.30 -22.47 21.27
CA CYS E 211 -12.77 -23.28 22.36
C CYS E 211 -11.30 -23.65 22.17
N PHE E 212 -10.87 -23.94 20.93
CA PHE E 212 -9.51 -24.42 20.70
C PHE E 212 -8.64 -23.44 19.93
N THR E 213 -9.01 -23.07 18.71
CA THR E 213 -8.00 -22.45 17.86
C THR E 213 -7.77 -20.99 18.21
N ASN E 214 -8.81 -20.23 18.54
CA ASN E 214 -8.56 -18.85 18.97
C ASN E 214 -7.65 -18.79 20.20
N PRO E 215 -7.91 -19.52 21.28
CA PRO E 215 -6.91 -19.58 22.36
C PRO E 215 -5.58 -20.07 21.85
N LEU E 216 -5.61 -21.05 20.94
CA LEU E 216 -4.39 -21.67 20.47
C LEU E 216 -3.45 -20.66 19.82
N ILE E 217 -3.96 -19.82 18.90
CA ILE E 217 -3.02 -19.01 18.12
C ILE E 217 -2.32 -17.97 19.01
N VAL E 218 -2.98 -17.46 20.07
CA VAL E 218 -2.26 -16.53 20.95
C VAL E 218 -1.23 -17.27 21.78
N ALA E 219 -1.55 -18.49 22.23
CA ALA E 219 -0.59 -19.23 23.04
C ALA E 219 0.62 -19.65 22.22
N VAL E 220 0.39 -20.09 20.97
CA VAL E 220 1.52 -20.49 20.12
C VAL E 220 2.45 -19.30 19.91
N THR E 221 1.90 -18.09 19.90
CA THR E 221 2.71 -16.89 19.79
C THR E 221 3.81 -16.85 20.85
N GLU E 222 3.48 -17.18 22.11
CA GLU E 222 4.52 -17.21 23.13
C GLU E 222 5.45 -18.40 22.95
N TRP E 223 4.89 -19.60 22.80
CA TRP E 223 5.75 -20.78 22.69
C TRP E 223 6.71 -20.66 21.53
N ALA E 224 6.18 -20.35 20.33
CA ALA E 224 7.03 -20.21 19.16
C ALA E 224 8.11 -19.16 19.38
N SER E 225 7.71 -17.97 19.87
CA SER E 225 8.67 -16.91 20.11
C SER E 225 9.78 -17.36 21.05
N ALA E 226 9.47 -18.20 22.03
CA ALA E 226 10.49 -18.65 22.97
C ALA E 226 11.48 -19.61 22.29
N ASN E 227 11.09 -20.23 21.18
CA ASN E 227 11.99 -21.06 20.41
C ASN E 227 12.65 -20.30 19.23
N GLY E 228 12.57 -18.97 19.21
CA GLY E 228 13.17 -18.20 18.14
C GLY E 228 12.43 -18.17 16.81
N ASP E 229 11.18 -18.65 16.77
CA ASP E 229 10.38 -18.64 15.54
C ASP E 229 9.68 -17.29 15.46
N GLU E 230 10.10 -16.45 14.52
CA GLU E 230 9.42 -15.18 14.35
C GLU E 230 8.20 -15.26 13.44
N ILE E 231 8.11 -16.28 12.58
CA ILE E 231 7.11 -16.27 11.51
C ILE E 231 5.74 -16.65 12.04
N THR E 232 5.64 -17.71 12.85
CA THR E 232 4.32 -18.09 13.35
C THR E 232 3.65 -17.00 14.18
N PRO E 233 4.34 -16.30 15.08
CA PRO E 233 3.69 -15.17 15.76
C PRO E 233 3.14 -14.14 14.78
N THR E 234 3.90 -13.81 13.75
CA THR E 234 3.44 -12.81 12.79
C THR E 234 2.16 -13.25 12.09
N VAL E 235 2.18 -14.48 11.55
CA VAL E 235 1.02 -15.01 10.81
C VAL E 235 -0.17 -15.14 11.76
N PHE E 236 0.06 -15.74 12.92
CA PHE E 236 -1.01 -16.00 13.88
C PHE E 236 -1.63 -14.72 14.44
N LEU E 237 -0.82 -13.69 14.71
CA LEU E 237 -1.41 -12.42 15.15
C LEU E 237 -2.23 -11.78 14.04
N SER E 238 -1.81 -11.96 12.79
CA SER E 238 -2.60 -11.42 11.70
C SER E 238 -3.95 -12.11 11.65
N VAL E 239 -3.96 -13.42 11.85
CA VAL E 239 -5.21 -14.17 11.95
C VAL E 239 -6.01 -13.67 13.15
N GLU E 240 -5.35 -13.48 14.30
CA GLU E 240 -6.07 -13.04 15.51
C GLU E 240 -6.82 -11.73 15.28
N THR E 241 -6.38 -10.91 14.32
CA THR E 241 -7.08 -9.66 14.09
C THR E 241 -8.52 -9.93 13.67
N ASP E 242 -8.78 -11.07 13.03
CA ASP E 242 -10.10 -11.32 12.45
C ASP E 242 -11.03 -12.13 13.33
N GLU E 243 -10.52 -12.78 14.38
CA GLU E 243 -11.32 -13.83 15.00
C GLU E 243 -12.58 -13.32 15.68
N LEU E 244 -12.64 -12.05 16.07
CA LEU E 244 -13.84 -11.55 16.72
C LEU E 244 -15.03 -11.59 15.76
N ARG E 245 -14.78 -11.45 14.46
CA ARG E 245 -15.84 -11.57 13.48
C ARG E 245 -16.30 -13.01 13.35
N HIS E 246 -15.37 -13.96 13.47
CA HIS E 246 -15.72 -15.37 13.38
C HIS E 246 -16.52 -15.82 14.61
N MET E 247 -16.11 -15.36 15.79
CA MET E 247 -16.88 -15.69 16.98
C MET E 247 -18.26 -15.05 16.95
N ALA E 248 -18.39 -13.89 16.28
CA ALA E 248 -19.72 -13.31 16.10
C ALA E 248 -20.57 -14.17 15.18
N ASN E 249 -19.96 -14.69 14.09
CA ASN E 249 -20.67 -15.60 13.21
C ASN E 249 -21.18 -16.81 13.98
N GLY E 250 -20.32 -17.42 14.78
CA GLY E 250 -20.75 -18.55 15.59
C GLY E 250 -21.93 -18.20 16.48
N TYR E 251 -21.82 -17.09 17.22
CA TYR E 251 -22.90 -16.62 18.06
C TYR E 251 -24.18 -16.40 17.26
N GLN E 252 -24.08 -15.80 16.07
CA GLN E 252 -25.30 -15.51 15.30
C GLN E 252 -25.94 -16.79 14.75
N THR E 253 -25.15 -17.83 14.50
CA THR E 253 -25.76 -19.11 14.20
C THR E 253 -26.77 -19.46 15.29
N VAL E 254 -26.30 -19.49 16.54
CA VAL E 254 -27.17 -19.91 17.64
C VAL E 254 -28.33 -18.94 17.78
N VAL E 255 -28.05 -17.64 17.70
CA VAL E 255 -29.11 -16.66 17.90
C VAL E 255 -30.15 -16.77 16.80
N SER E 256 -29.71 -16.86 15.55
CA SER E 256 -30.67 -16.89 14.44
C SER E 256 -31.60 -18.10 14.50
N ILE E 257 -31.27 -19.13 15.27
CA ILE E 257 -32.12 -20.33 15.31
C ILE E 257 -32.78 -20.52 16.66
N ALA E 258 -32.56 -19.61 17.62
CA ALA E 258 -33.04 -19.86 18.97
C ALA E 258 -34.57 -19.73 19.11
N ASN E 259 -35.25 -19.11 18.17
CA ASN E 259 -36.70 -19.13 18.24
C ASN E 259 -37.32 -20.26 17.43
N ASP E 260 -36.51 -21.09 16.83
CA ASP E 260 -36.99 -22.23 16.09
C ASP E 260 -37.21 -23.41 17.04
N PRO E 261 -38.41 -24.03 17.04
CA PRO E 261 -38.62 -25.20 17.92
C PRO E 261 -37.67 -26.35 17.64
N ALA E 262 -37.19 -26.46 16.40
CA ALA E 262 -36.11 -27.40 16.12
C ALA E 262 -34.94 -27.18 17.07
N ALA E 263 -34.74 -25.96 17.56
CA ALA E 263 -33.55 -25.72 18.37
C ALA E 263 -33.63 -26.49 19.68
N ALA E 264 -34.76 -26.37 20.39
CA ALA E 264 -34.91 -27.10 21.64
C ALA E 264 -34.78 -28.60 21.42
N LYS E 265 -35.27 -29.10 20.27
CA LYS E 265 -35.16 -30.51 19.93
C LYS E 265 -33.71 -30.90 19.63
N TYR E 266 -32.97 -30.09 18.87
CA TYR E 266 -31.75 -30.57 18.23
C TYR E 266 -30.46 -29.85 18.63
N LEU E 267 -30.48 -28.54 18.86
CA LEU E 267 -29.22 -27.79 18.91
C LEU E 267 -28.22 -28.41 19.87
N ASN E 268 -28.68 -28.96 21.00
CA ASN E 268 -27.71 -29.41 21.99
C ASN E 268 -27.08 -30.76 21.64
N THR E 269 -27.77 -31.60 20.84
CA THR E 269 -27.17 -32.81 20.31
C THR E 269 -26.11 -32.49 19.27
N ASP E 270 -26.46 -31.63 18.30
CA ASP E 270 -25.47 -31.20 17.33
C ASP E 270 -24.26 -30.58 18.06
N LEU E 271 -24.50 -29.69 19.02
CA LEU E 271 -23.40 -29.09 19.77
C LEU E 271 -22.52 -30.16 20.44
N ASN E 272 -23.14 -31.03 21.23
CA ASN E 272 -22.37 -32.04 21.97
C ASN E 272 -21.57 -32.92 21.02
N ASN E 273 -22.21 -33.40 19.95
CA ASN E 273 -21.51 -34.28 19.00
C ASN E 273 -20.33 -33.56 18.36
N ALA E 274 -20.52 -32.30 17.97
CA ALA E 274 -19.45 -31.55 17.36
C ALA E 274 -18.38 -31.18 18.39
N PHE E 275 -18.79 -30.86 19.62
CA PHE E 275 -17.77 -30.67 20.64
C PHE E 275 -16.92 -31.94 20.79
N TRP E 276 -17.56 -33.11 20.76
CA TRP E 276 -16.76 -34.32 20.94
C TRP E 276 -15.82 -34.55 19.76
N THR E 277 -16.31 -34.33 18.53
CA THR E 277 -15.45 -34.44 17.35
C THR E 277 -14.21 -33.57 17.49
N GLN E 278 -14.39 -32.32 17.92
CA GLN E 278 -13.25 -31.41 17.97
C GLN E 278 -12.31 -31.80 19.08
N GLN E 279 -12.83 -32.13 20.27
CA GLN E 279 -11.92 -32.42 21.38
C GLN E 279 -11.23 -33.75 21.18
N LYS E 280 -11.86 -34.69 20.47
CA LYS E 280 -11.24 -35.98 20.22
C LYS E 280 -9.89 -35.84 19.52
N TYR E 281 -9.78 -34.90 18.59
CA TYR E 281 -8.48 -34.72 17.95
C TYR E 281 -7.61 -33.68 18.67
N PHE E 282 -8.18 -32.57 19.13
CA PHE E 282 -7.32 -31.50 19.61
C PHE E 282 -6.82 -31.77 21.02
N THR E 283 -7.60 -32.48 21.85
CA THR E 283 -7.14 -32.76 23.21
C THR E 283 -5.83 -33.52 23.23
N PRO E 284 -5.65 -34.63 22.50
CA PRO E 284 -4.32 -35.26 22.44
C PRO E 284 -3.36 -34.57 21.48
N ALA E 285 -3.89 -34.02 20.38
CA ALA E 285 -3.06 -33.45 19.34
C ALA E 285 -2.28 -32.24 19.86
N LEU E 286 -2.99 -31.24 20.37
CA LEU E 286 -2.33 -30.02 20.82
C LEU E 286 -1.33 -30.34 21.93
N GLY E 287 -1.73 -31.17 22.89
CA GLY E 287 -0.83 -31.52 23.99
C GLY E 287 0.45 -32.19 23.50
N TYR E 288 0.32 -33.06 22.51
CA TYR E 288 1.50 -33.61 21.87
C TYR E 288 2.34 -32.51 21.27
N LEU E 289 1.72 -31.62 20.50
CA LEU E 289 2.40 -30.46 19.92
C LEU E 289 3.20 -29.71 20.97
N PHE E 290 2.53 -29.21 22.00
CA PHE E 290 3.18 -28.36 22.98
C PHE E 290 4.31 -29.09 23.69
N GLU E 291 3.99 -30.23 24.32
CA GLU E 291 4.90 -30.87 25.24
C GLU E 291 5.97 -31.70 24.55
N TYR E 292 5.72 -32.19 23.32
CA TYR E 292 6.76 -32.92 22.62
C TYR E 292 7.35 -32.18 21.44
N GLY E 293 6.64 -31.22 20.88
CA GLY E 293 7.17 -30.45 19.77
C GLY E 293 7.90 -29.19 20.16
N SER E 294 8.07 -28.94 21.46
CA SER E 294 8.88 -27.83 21.94
C SER E 294 9.80 -28.33 23.05
N LYS E 295 11.02 -27.79 23.07
CA LYS E 295 11.90 -27.99 24.21
C LYS E 295 11.40 -27.19 25.41
N PHE E 296 11.28 -25.88 25.26
CA PHE E 296 10.76 -25.03 26.31
C PHE E 296 9.26 -25.26 26.51
N LYS E 297 8.84 -25.40 27.77
CA LYS E 297 7.45 -25.70 28.15
C LYS E 297 6.88 -24.60 29.03
N VAL E 298 5.88 -23.88 28.50
CA VAL E 298 5.27 -22.74 29.21
C VAL E 298 4.58 -23.20 30.51
N GLU E 299 3.74 -24.25 30.42
CA GLU E 299 2.99 -24.88 31.51
C GLU E 299 2.42 -26.19 30.98
N PRO E 300 2.15 -27.17 31.83
CA PRO E 300 1.70 -28.48 31.33
C PRO E 300 0.32 -28.44 30.70
N TRP E 301 0.15 -29.23 29.64
CA TRP E 301 -1.03 -29.14 28.80
C TRP E 301 -2.31 -29.44 29.55
N VAL E 302 -2.24 -30.26 30.59
CA VAL E 302 -3.48 -30.68 31.26
C VAL E 302 -4.07 -29.52 32.04
N LYS E 303 -3.23 -28.71 32.68
CA LYS E 303 -3.73 -27.49 33.29
C LYS E 303 -4.27 -26.53 32.23
N THR E 304 -3.53 -26.34 31.13
CA THR E 304 -4.06 -25.53 30.03
C THR E 304 -5.42 -26.03 29.59
N TRP E 305 -5.51 -27.33 29.30
CA TRP E 305 -6.76 -27.87 28.78
C TRP E 305 -7.92 -27.49 29.69
N ASN E 306 -7.75 -27.70 31.01
CA ASN E 306 -8.86 -27.50 31.92
C ASN E 306 -9.24 -26.04 32.04
N ARG E 307 -8.28 -25.15 31.81
CA ARG E 307 -8.57 -23.73 31.78
C ARG E 307 -9.35 -23.35 30.51
N TRP E 308 -8.86 -23.75 29.31
CA TRP E 308 -9.54 -23.39 28.05
C TRP E 308 -10.91 -24.04 27.97
N VAL E 309 -10.96 -25.37 28.05
CA VAL E 309 -12.16 -26.12 27.66
C VAL E 309 -13.16 -26.17 28.79
N TYR E 310 -12.71 -26.63 29.97
CA TYR E 310 -13.62 -26.92 31.07
C TYR E 310 -14.13 -25.65 31.72
N GLU E 311 -13.22 -24.78 32.16
CA GLU E 311 -13.58 -23.54 32.83
C GLU E 311 -14.02 -22.45 31.86
N ASP E 312 -13.12 -22.01 30.98
CA ASP E 312 -13.40 -20.81 30.16
C ASP E 312 -14.50 -21.07 29.11
N TRP E 313 -14.30 -22.07 28.25
CA TRP E 313 -15.30 -22.35 27.22
C TRP E 313 -16.53 -22.99 27.84
N GLY E 314 -16.35 -24.14 28.50
CA GLY E 314 -17.49 -24.89 29.02
C GLY E 314 -18.19 -24.20 30.18
N GLY E 315 -17.42 -23.56 31.05
CA GLY E 315 -18.01 -22.84 32.15
C GLY E 315 -18.60 -21.49 31.80
N ILE E 316 -17.72 -20.54 31.47
CA ILE E 316 -18.15 -19.15 31.29
C ILE E 316 -18.90 -18.96 29.98
N TRP E 317 -18.23 -19.23 28.85
CA TRP E 317 -18.80 -18.85 27.57
C TRP E 317 -20.09 -19.62 27.27
N ILE E 318 -20.03 -20.97 27.30
CA ILE E 318 -21.27 -21.71 27.10
C ILE E 318 -22.32 -21.30 28.13
N GLY E 319 -21.87 -21.03 29.36
CA GLY E 319 -22.79 -20.50 30.36
C GLY E 319 -23.57 -19.31 29.86
N ARG E 320 -22.89 -18.35 29.21
CA ARG E 320 -23.59 -17.15 28.77
C ARG E 320 -24.45 -17.42 27.54
N LEU E 321 -24.23 -18.53 26.84
CA LEU E 321 -25.12 -18.94 25.75
C LEU E 321 -26.38 -19.64 26.23
N GLY E 322 -26.46 -20.06 27.49
CA GLY E 322 -27.71 -20.58 28.02
C GLY E 322 -28.89 -19.67 27.75
N LYS E 323 -28.65 -18.36 27.57
CA LYS E 323 -29.72 -17.44 27.22
C LYS E 323 -30.54 -18.00 26.07
N TYR E 324 -29.87 -18.66 25.13
CA TYR E 324 -30.54 -19.20 23.95
C TYR E 324 -30.75 -20.71 24.01
N GLY E 325 -30.68 -21.33 25.18
CA GLY E 325 -31.00 -22.73 25.27
C GLY E 325 -29.86 -23.68 25.01
N VAL E 326 -28.62 -23.19 25.05
CA VAL E 326 -27.41 -23.99 24.90
C VAL E 326 -27.03 -24.54 26.26
N GLU E 327 -26.67 -25.82 26.32
CA GLU E 327 -26.19 -26.46 27.53
C GLU E 327 -24.78 -26.98 27.30
N SER E 328 -23.97 -26.99 28.34
CA SER E 328 -22.65 -27.60 28.26
C SER E 328 -22.75 -29.01 27.68
N PRO E 329 -21.86 -29.40 26.77
CA PRO E 329 -21.87 -30.78 26.28
C PRO E 329 -21.99 -31.78 27.41
N ARG E 330 -22.92 -32.72 27.25
CA ARG E 330 -23.01 -33.82 28.22
C ARG E 330 -21.74 -34.67 28.23
N SER E 331 -20.93 -34.62 27.18
CA SER E 331 -19.69 -35.40 27.16
C SER E 331 -18.48 -34.64 27.69
N LEU E 332 -18.68 -33.48 28.31
CA LEU E 332 -17.54 -32.70 28.77
C LEU E 332 -16.74 -33.44 29.84
N ARG E 333 -17.44 -34.23 30.68
CA ARG E 333 -16.77 -34.91 31.79
C ARG E 333 -15.91 -36.07 31.31
N ASP E 334 -16.39 -36.82 30.32
CA ASP E 334 -15.54 -37.83 29.69
C ASP E 334 -14.31 -37.16 29.06
N ALA E 335 -14.52 -36.03 28.38
CA ALA E 335 -13.40 -35.34 27.74
C ALA E 335 -12.36 -34.96 28.77
N LYS E 336 -12.79 -34.50 29.95
CA LYS E 336 -11.84 -34.18 31.01
C LYS E 336 -11.08 -35.41 31.46
N THR E 337 -11.79 -36.53 31.65
CA THR E 337 -11.13 -37.74 32.12
C THR E 337 -10.00 -38.14 31.17
N ASP E 338 -10.15 -37.85 29.89
CA ASP E 338 -9.18 -38.28 28.90
C ASP E 338 -8.04 -37.28 28.75
N ALA E 339 -8.33 -35.99 29.00
CA ALA E 339 -7.32 -34.95 28.84
C ALA E 339 -6.08 -35.17 29.70
N TYR E 340 -6.11 -36.09 30.66
CA TYR E 340 -4.93 -36.18 31.52
C TYR E 340 -3.80 -36.95 30.85
N TRP E 341 -4.10 -38.03 30.12
CA TRP E 341 -3.06 -38.82 29.48
C TRP E 341 -3.17 -38.89 27.97
N ALA E 342 -4.23 -38.36 27.36
CA ALA E 342 -4.46 -38.63 25.95
C ALA E 342 -3.26 -38.23 25.09
N HIS E 343 -2.70 -37.03 25.33
CA HIS E 343 -1.60 -36.59 24.48
C HIS E 343 -0.33 -37.42 24.68
N HIS E 344 -0.12 -38.00 25.87
CA HIS E 344 1.01 -38.91 26.03
C HIS E 344 0.77 -40.23 25.29
N ASP E 345 -0.47 -40.74 25.34
CA ASP E 345 -0.81 -41.91 24.54
C ASP E 345 -0.60 -41.63 23.07
N LEU E 346 -1.16 -40.53 22.56
CA LEU E 346 -0.96 -40.18 21.16
C LEU E 346 0.52 -40.11 20.81
N ALA E 347 1.34 -39.55 21.71
CA ALA E 347 2.76 -39.38 21.42
C ALA E 347 3.43 -40.74 21.23
N LEU E 348 3.03 -41.73 22.02
CA LEU E 348 3.48 -43.11 21.78
C LEU E 348 3.23 -43.52 20.34
N ALA E 349 1.98 -43.34 19.87
CA ALA E 349 1.65 -43.74 18.51
C ALA E 349 2.47 -42.98 17.49
N ALA E 350 2.64 -41.67 17.69
CA ALA E 350 3.38 -40.87 16.71
C ALA E 350 4.84 -41.30 16.66
N TYR E 351 5.46 -41.46 17.83
CA TYR E 351 6.83 -41.99 17.89
C TYR E 351 6.92 -43.40 17.30
N ALA E 352 5.95 -44.26 17.59
CA ALA E 352 6.08 -45.63 17.10
C ALA E 352 5.98 -45.70 15.57
N LEU E 353 5.53 -44.63 14.90
CA LEU E 353 5.18 -44.73 13.49
C LEU E 353 5.90 -43.69 12.65
N TRP E 354 7.00 -43.12 13.17
CA TRP E 354 7.66 -41.94 12.61
C TRP E 354 7.90 -42.06 11.11
N PRO E 355 8.20 -43.24 10.56
CA PRO E 355 8.46 -43.32 9.12
C PRO E 355 7.28 -42.92 8.24
N LEU E 356 6.05 -42.98 8.75
CA LEU E 356 4.88 -42.59 7.95
C LEU E 356 4.65 -41.08 7.95
N GLY E 357 5.32 -40.33 8.81
CA GLY E 357 5.08 -38.91 8.93
C GLY E 357 5.90 -38.08 7.96
N PHE E 358 5.85 -36.76 8.15
CA PHE E 358 6.57 -35.82 7.30
C PHE E 358 7.45 -34.86 8.08
N ALA E 359 7.84 -35.21 9.31
CA ALA E 359 8.72 -34.36 10.10
C ALA E 359 9.61 -35.22 10.99
N ARG E 360 10.60 -34.58 11.59
CA ARG E 360 11.62 -35.29 12.37
C ARG E 360 11.29 -35.21 13.85
N LEU E 361 11.25 -36.37 14.51
CA LEU E 361 10.88 -36.45 15.91
C LEU E 361 12.10 -36.41 16.82
N ALA E 362 11.86 -36.03 18.08
CA ALA E 362 12.88 -35.98 19.12
C ALA E 362 12.34 -36.71 20.34
N LEU E 363 13.00 -37.80 20.74
CA LEU E 363 12.62 -38.44 21.99
C LEU E 363 12.85 -37.45 23.13
N PRO E 364 12.06 -37.51 24.18
CA PRO E 364 12.31 -36.66 25.35
C PRO E 364 13.74 -36.88 25.86
N ASP E 365 14.43 -35.78 26.15
CA ASP E 365 15.78 -35.86 26.73
C ASP E 365 15.66 -35.98 28.24
N GLU E 366 16.80 -35.92 28.94
CA GLU E 366 16.81 -36.17 30.37
C GLU E 366 15.96 -35.15 31.13
N GLU E 367 16.01 -33.88 30.73
CA GLU E 367 15.18 -32.93 31.47
C GLU E 367 13.73 -32.97 31.01
N ASP E 368 13.49 -33.18 29.71
CA ASP E 368 12.13 -33.50 29.27
C ASP E 368 11.51 -34.53 30.21
N GLN E 369 12.23 -35.61 30.50
CA GLN E 369 11.71 -36.66 31.35
C GLN E 369 11.46 -36.15 32.75
N GLU E 370 12.43 -35.43 33.32
CA GLU E 370 12.26 -34.80 34.62
C GLU E 370 10.99 -33.98 34.67
N TRP E 371 10.86 -33.03 33.72
CA TRP E 371 9.67 -32.20 33.61
C TRP E 371 8.40 -33.06 33.51
N PHE E 372 8.45 -34.10 32.68
CA PHE E 372 7.28 -34.96 32.52
C PHE E 372 6.92 -35.62 33.84
N GLU E 373 7.87 -36.31 34.46
CA GLU E 373 7.59 -36.95 35.74
C GLU E 373 7.06 -35.94 36.74
N ALA E 374 7.73 -34.79 36.82
CA ALA E 374 7.34 -33.74 37.75
C ALA E 374 5.85 -33.43 37.64
N ASN E 375 5.35 -33.25 36.41
CA ASN E 375 4.00 -32.77 36.13
C ASN E 375 2.98 -33.88 35.89
N TYR E 376 3.41 -35.07 35.48
CA TYR E 376 2.51 -36.21 35.29
C TYR E 376 3.06 -37.40 36.07
N PRO E 377 3.00 -37.36 37.41
CA PRO E 377 3.51 -38.48 38.23
C PRO E 377 3.03 -39.82 37.71
N GLY E 378 3.97 -40.70 37.37
CA GLY E 378 3.70 -41.95 36.69
C GLY E 378 4.26 -41.99 35.29
N TRP E 379 4.68 -40.85 34.75
CA TRP E 379 5.17 -40.82 33.38
C TRP E 379 6.42 -41.68 33.22
N ALA E 380 7.30 -41.67 34.23
CA ALA E 380 8.58 -42.34 34.10
C ALA E 380 8.40 -43.85 34.11
N ASP E 381 7.57 -44.37 35.02
CA ASP E 381 7.37 -45.81 35.07
C ASP E 381 6.76 -46.34 33.79
N HIS E 382 6.15 -45.47 32.97
CA HIS E 382 5.41 -45.95 31.81
C HIS E 382 6.06 -45.52 30.51
N TYR E 383 5.77 -44.28 30.07
CA TYR E 383 6.30 -43.79 28.80
C TYR E 383 7.82 -43.62 28.87
N GLY E 384 8.31 -43.05 29.97
CA GLY E 384 9.75 -42.87 30.11
C GLY E 384 10.52 -44.14 29.83
N LYS E 385 10.06 -45.27 30.39
CA LYS E 385 10.82 -46.50 30.23
C LYS E 385 10.69 -47.03 28.80
N ILE E 386 9.51 -46.92 28.20
CA ILE E 386 9.32 -47.37 26.81
C ILE E 386 10.28 -46.64 25.87
N TYR E 387 10.26 -45.30 25.90
CA TYR E 387 11.17 -44.55 25.04
C TYR E 387 12.63 -44.90 25.35
N ASN E 388 12.97 -45.09 26.63
CA ASN E 388 14.35 -45.48 26.94
C ASN E 388 14.68 -46.81 26.27
N GLU E 389 13.80 -47.78 26.39
CA GLU E 389 14.04 -49.07 25.76
C GLU E 389 14.14 -48.94 24.25
N TRP E 390 13.29 -48.10 23.64
CA TRP E 390 13.37 -47.89 22.20
C TRP E 390 14.71 -47.29 21.81
N LYS E 391 15.20 -46.33 22.60
CA LYS E 391 16.53 -45.78 22.32
C LYS E 391 17.57 -46.88 22.42
N LYS E 392 17.48 -47.71 23.46
CA LYS E 392 18.38 -48.84 23.63
C LYS E 392 18.33 -49.79 22.43
N LEU E 393 17.12 -50.25 22.06
CA LEU E 393 16.94 -51.11 20.89
C LEU E 393 17.27 -50.45 19.55
N GLY E 394 17.79 -49.23 19.48
CA GLY E 394 18.17 -48.61 18.23
C GLY E 394 17.15 -47.70 17.58
N TYR E 395 16.27 -47.06 18.36
CA TYR E 395 15.29 -46.14 17.77
C TYR E 395 15.94 -45.15 16.81
N GLU E 396 17.03 -44.50 17.24
CA GLU E 396 17.63 -43.46 16.42
C GLU E 396 18.70 -43.95 15.45
N ASP E 397 19.25 -45.15 15.66
CA ASP E 397 20.36 -45.62 14.84
C ASP E 397 19.86 -46.18 13.50
N PRO E 398 20.20 -45.52 12.38
CA PRO E 398 19.72 -46.01 11.07
C PRO E 398 20.30 -47.34 10.67
N LYS E 399 21.31 -47.84 11.39
CA LYS E 399 21.88 -49.15 11.11
C LYS E 399 21.20 -50.25 11.91
N SER E 400 20.22 -49.91 12.73
CA SER E 400 19.61 -50.87 13.64
C SER E 400 18.50 -51.70 12.99
N GLY E 401 18.00 -51.27 11.83
CA GLY E 401 16.87 -51.91 11.18
C GLY E 401 15.67 -52.03 12.11
N PHE E 402 15.60 -51.15 13.11
CA PHE E 402 14.57 -51.19 14.13
C PHE E 402 13.47 -50.19 13.81
N ILE E 403 12.22 -50.66 13.80
CA ILE E 403 11.04 -49.82 13.69
C ILE E 403 10.19 -50.07 14.94
N PRO E 404 9.91 -49.05 15.74
CA PRO E 404 9.25 -49.31 17.03
C PRO E 404 7.80 -49.76 16.88
N TYR E 405 7.18 -49.58 15.72
CA TYR E 405 5.87 -50.18 15.50
C TYR E 405 5.96 -51.70 15.46
N ALA E 406 7.06 -52.23 14.90
CA ALA E 406 7.27 -53.67 14.89
C ALA E 406 7.42 -54.21 16.30
N TRP E 407 8.29 -53.59 17.11
CA TRP E 407 8.37 -53.94 18.52
C TRP E 407 6.99 -53.93 19.16
N LEU E 408 6.14 -52.99 18.75
CA LEU E 408 4.78 -52.93 19.26
C LEU E 408 3.99 -54.20 18.94
N LEU E 409 3.81 -54.48 17.64
CA LEU E 409 3.16 -55.73 17.27
C LEU E 409 3.83 -56.92 17.95
N ALA E 410 5.16 -56.96 17.92
CA ALA E 410 5.92 -58.12 18.39
C ALA E 410 5.81 -58.33 19.90
N ASN E 411 5.21 -57.39 20.63
CA ASN E 411 4.92 -57.55 22.05
C ASN E 411 3.42 -57.44 22.33
N GLY E 412 2.58 -57.74 21.33
CA GLY E 412 1.14 -57.69 21.52
C GLY E 412 0.55 -56.31 21.71
N HIS E 413 1.22 -55.26 21.24
CA HIS E 413 0.75 -53.89 21.44
C HIS E 413 0.21 -53.33 20.13
N ASP E 414 -0.92 -53.90 19.69
CA ASP E 414 -1.49 -53.49 18.42
C ASP E 414 -1.93 -52.03 18.47
N VAL E 415 -1.97 -51.41 17.30
CA VAL E 415 -2.50 -50.06 17.12
C VAL E 415 -3.82 -50.17 16.36
N TYR E 416 -4.86 -49.53 16.88
CA TYR E 416 -6.14 -49.41 16.17
C TYR E 416 -6.40 -47.96 15.74
N ILE E 417 -7.38 -47.79 14.85
CA ILE E 417 -7.81 -46.50 14.31
C ILE E 417 -9.32 -46.37 14.52
N ASP E 418 -9.73 -45.39 15.34
CA ASP E 418 -11.16 -45.09 15.50
C ASP E 418 -11.86 -44.88 14.16
N ARG E 419 -12.83 -45.74 13.83
CA ARG E 419 -13.53 -45.60 12.57
C ARG E 419 -14.11 -44.19 12.38
N VAL E 420 -14.48 -43.52 13.47
CA VAL E 420 -15.14 -42.22 13.35
C VAL E 420 -14.13 -41.07 13.37
N SER E 421 -13.35 -40.96 14.46
CA SER E 421 -12.47 -39.80 14.62
C SER E 421 -11.16 -39.94 13.86
N GLN E 422 -10.72 -41.17 13.62
CA GLN E 422 -9.44 -41.52 12.98
C GLN E 422 -8.28 -41.43 13.98
N VAL E 423 -8.53 -41.18 15.26
CA VAL E 423 -7.42 -41.01 16.21
C VAL E 423 -6.87 -42.38 16.57
N PRO E 424 -5.56 -42.59 16.52
CA PRO E 424 -4.99 -43.87 16.92
C PRO E 424 -5.26 -44.20 18.38
N PHE E 425 -5.33 -45.49 18.66
CA PHE E 425 -5.61 -46.01 19.99
C PHE E 425 -4.75 -47.24 20.22
N ILE E 426 -4.06 -47.28 21.36
CA ILE E 426 -3.24 -48.44 21.72
C ILE E 426 -3.72 -48.97 23.07
N PRO E 427 -4.70 -49.89 23.09
CA PRO E 427 -5.32 -50.26 24.38
C PRO E 427 -4.36 -50.84 25.41
N SER E 428 -3.36 -51.61 25.00
CA SER E 428 -2.45 -52.21 25.97
C SER E 428 -1.58 -51.17 26.66
N LEU E 429 -1.21 -50.09 25.98
CA LEU E 429 -0.34 -49.07 26.56
C LEU E 429 -1.07 -47.81 26.97
N ALA E 430 -2.36 -47.67 26.64
CA ALA E 430 -3.08 -46.41 26.89
C ALA E 430 -3.40 -46.26 28.37
N LYS E 431 -3.02 -45.10 28.93
CA LYS E 431 -3.46 -44.71 30.26
C LYS E 431 -4.69 -43.81 30.23
N GLY E 432 -5.25 -43.56 29.05
CA GLY E 432 -6.40 -42.69 28.94
C GLY E 432 -7.68 -43.40 29.28
N SER E 433 -8.79 -42.82 28.83
CA SER E 433 -10.13 -43.26 29.21
C SER E 433 -10.88 -43.95 28.08
N GLY E 434 -10.23 -44.23 26.96
CA GLY E 434 -10.89 -44.87 25.83
C GLY E 434 -10.74 -46.39 25.88
N SER E 435 -11.79 -47.09 25.41
CA SER E 435 -11.82 -48.54 25.37
C SER E 435 -12.24 -49.02 23.99
N LEU E 436 -11.67 -50.16 23.57
CA LEU E 436 -11.92 -50.71 22.25
C LEU E 436 -13.31 -51.36 22.19
N ARG E 437 -14.07 -51.00 21.17
CA ARG E 437 -15.23 -51.77 20.74
C ARG E 437 -14.99 -52.21 19.31
N VAL E 438 -14.94 -53.53 19.06
CA VAL E 438 -14.81 -54.08 17.73
C VAL E 438 -16.14 -54.73 17.36
N HIS E 439 -16.82 -54.17 16.36
CA HIS E 439 -18.07 -54.68 15.86
C HIS E 439 -17.89 -55.21 14.45
N GLU E 440 -18.82 -56.07 14.04
CA GLU E 440 -18.87 -56.58 12.68
C GLU E 440 -20.25 -56.26 12.12
N PHE E 441 -20.28 -55.57 10.98
CA PHE E 441 -21.55 -55.22 10.34
C PHE E 441 -21.45 -55.56 8.88
N ASN E 442 -22.48 -56.24 8.37
CA ASN E 442 -22.59 -56.55 6.94
C ASN E 442 -21.23 -56.89 6.34
N GLY E 443 -20.51 -57.77 7.04
CA GLY E 443 -19.29 -58.34 6.48
C GLY E 443 -18.04 -57.49 6.59
N LYS E 444 -18.01 -56.54 7.51
CA LYS E 444 -16.85 -55.67 7.70
C LYS E 444 -16.67 -55.40 9.19
N LYS E 445 -15.42 -55.52 9.66
CA LYS E 445 -15.12 -55.30 11.08
C LYS E 445 -14.69 -53.86 11.29
N HIS E 446 -15.20 -53.24 12.35
CA HIS E 446 -14.96 -51.85 12.68
C HIS E 446 -14.44 -51.74 14.11
N SER E 447 -13.50 -50.82 14.34
CA SER E 447 -13.02 -50.52 15.69
C SER E 447 -13.40 -49.11 16.09
N LEU E 448 -14.04 -49.00 17.26
CA LEU E 448 -14.42 -47.73 17.87
C LEU E 448 -13.79 -47.65 19.25
N THR E 449 -13.55 -46.42 19.73
CA THR E 449 -12.70 -46.26 20.90
C THR E 449 -13.30 -45.41 22.02
N ASP E 450 -14.58 -45.01 21.95
CA ASP E 450 -15.20 -44.34 23.09
C ASP E 450 -16.72 -44.37 22.92
N ASP E 451 -17.43 -43.87 23.93
CA ASP E 451 -18.89 -44.03 23.95
C ASP E 451 -19.60 -43.07 23.02
N TRP E 452 -18.96 -41.97 22.63
CA TRP E 452 -19.62 -40.95 21.82
C TRP E 452 -19.40 -41.20 20.33
N GLY E 453 -18.15 -41.51 19.95
CA GLY E 453 -17.92 -42.03 18.61
C GLY E 453 -18.77 -43.24 18.29
N GLU E 454 -18.85 -44.21 19.22
CA GLU E 454 -19.57 -45.44 18.89
C GLU E 454 -21.05 -45.15 18.63
N ARG E 455 -21.65 -44.25 19.39
CA ARG E 455 -23.02 -43.87 19.07
C ARG E 455 -23.10 -43.20 17.70
N MET E 456 -22.13 -42.34 17.38
CA MET E 456 -22.15 -41.69 16.06
C MET E 456 -22.15 -42.73 14.94
N TRP E 457 -21.31 -43.76 15.05
CA TRP E 457 -21.18 -44.76 13.99
C TRP E 457 -22.38 -45.70 13.98
N LEU E 458 -22.89 -46.07 15.16
CA LEU E 458 -24.10 -46.89 15.21
C LEU E 458 -25.30 -46.16 14.64
N SER E 459 -25.41 -44.86 14.93
CA SER E 459 -26.56 -44.10 14.46
C SER E 459 -26.47 -43.79 12.98
N GLU E 460 -25.25 -43.73 12.43
CA GLU E 460 -24.98 -43.07 11.15
C GLU E 460 -23.86 -43.75 10.38
N PRO E 461 -23.95 -45.06 10.16
CA PRO E 461 -22.85 -45.76 9.47
C PRO E 461 -22.42 -45.13 8.15
N GLU E 462 -23.34 -44.52 7.41
CA GLU E 462 -23.03 -44.07 6.06
C GLU E 462 -22.30 -42.73 6.04
N ARG E 463 -22.22 -42.05 7.19
CA ARG E 463 -21.38 -40.87 7.30
C ARG E 463 -19.94 -41.24 7.56
N TYR E 464 -19.69 -42.46 8.04
CA TYR E 464 -18.39 -42.83 8.58
C TYR E 464 -17.90 -44.12 7.92
N GLU E 465 -17.37 -43.97 6.71
CA GLU E 465 -16.75 -45.07 5.98
C GLU E 465 -15.28 -44.82 5.68
N CYS E 466 -14.63 -43.94 6.43
CA CYS E 466 -13.28 -43.58 6.04
C CYS E 466 -12.35 -44.78 6.21
N HIS E 467 -11.63 -45.12 5.15
CA HIS E 467 -10.63 -46.17 5.22
C HIS E 467 -9.48 -45.71 6.10
N ASN E 468 -9.04 -46.57 7.02
CA ASN E 468 -7.81 -46.28 7.73
C ASN E 468 -6.62 -46.87 6.97
N LEU E 469 -5.41 -46.47 7.38
CA LEU E 469 -4.22 -46.86 6.61
C LEU E 469 -3.94 -48.36 6.67
N PHE E 470 -4.25 -49.02 7.79
CA PHE E 470 -4.07 -50.46 7.81
C PHE E 470 -4.87 -51.15 6.71
N GLU E 471 -6.00 -50.57 6.31
CA GLU E 471 -6.79 -51.13 5.22
C GLU E 471 -6.20 -50.79 3.87
N GLN E 472 -5.66 -49.58 3.69
CA GLN E 472 -5.14 -49.20 2.37
C GLN E 472 -3.78 -49.85 2.09
N TYR E 473 -2.99 -50.09 3.13
CA TYR E 473 -1.61 -50.57 3.01
C TYR E 473 -1.45 -52.01 3.46
N GLU E 474 -2.55 -52.77 3.55
CA GLU E 474 -2.50 -54.08 4.22
C GLU E 474 -1.45 -54.97 3.59
N GLY E 475 -0.63 -55.58 4.43
CA GLY E 475 0.36 -56.53 3.95
C GLY E 475 1.24 -55.95 2.87
N ARG E 476 1.71 -54.72 3.08
CA ARG E 476 2.73 -54.11 2.25
C ARG E 476 3.93 -53.80 3.13
N GLU E 477 5.11 -53.76 2.51
CA GLU E 477 6.28 -53.40 3.28
C GLU E 477 6.29 -51.90 3.51
N LEU E 478 6.80 -51.51 4.68
CA LEU E 478 6.82 -50.11 5.09
C LEU E 478 7.52 -49.23 4.05
N SER E 479 8.66 -49.69 3.54
CA SER E 479 9.48 -48.84 2.67
C SER E 479 8.78 -48.54 1.35
N GLU E 480 8.05 -49.51 0.79
CA GLU E 480 7.38 -49.24 -0.48
C GLU E 480 6.23 -48.25 -0.29
N VAL E 481 5.59 -48.26 0.88
CA VAL E 481 4.52 -47.30 1.14
C VAL E 481 5.08 -45.89 1.23
N ILE E 482 6.17 -45.72 1.98
CA ILE E 482 6.86 -44.43 2.04
C ILE E 482 7.24 -43.97 0.62
N ALA E 483 7.97 -44.81 -0.11
CA ALA E 483 8.52 -44.41 -1.41
C ALA E 483 7.42 -44.03 -2.39
N GLU E 484 6.39 -44.87 -2.50
CA GLU E 484 5.26 -44.50 -3.36
C GLU E 484 4.70 -43.13 -2.99
N GLY E 485 4.70 -42.79 -1.71
CA GLY E 485 4.18 -41.53 -1.22
C GLY E 485 5.06 -40.32 -1.46
N HIS E 486 6.26 -40.52 -2.01
CA HIS E 486 7.23 -39.47 -2.27
C HIS E 486 7.86 -38.92 -0.99
N GLY E 487 7.80 -39.65 0.11
CA GLY E 487 8.38 -39.17 1.35
C GLY E 487 9.90 -39.31 1.43
N VAL E 488 10.59 -38.99 0.33
CA VAL E 488 12.05 -39.07 0.27
C VAL E 488 12.56 -37.76 -0.28
N ARG E 489 13.71 -37.31 0.24
CA ARG E 489 14.24 -36.01 -0.14
C ARG E 489 14.66 -36.03 -1.61
N SER E 490 15.03 -34.84 -2.11
CA SER E 490 15.52 -34.74 -3.48
C SER E 490 16.61 -35.77 -3.74
N ASP E 491 17.43 -36.06 -2.72
CA ASP E 491 18.31 -37.22 -2.70
C ASP E 491 17.75 -38.36 -3.54
N GLY E 492 16.56 -38.85 -3.17
CA GLY E 492 15.95 -40.01 -3.78
C GLY E 492 15.96 -41.23 -2.90
N LYS E 493 16.75 -41.23 -1.83
CA LYS E 493 16.82 -42.36 -0.91
C LYS E 493 16.64 -41.97 0.55
N THR E 494 16.91 -40.73 0.94
CA THR E 494 16.83 -40.28 2.32
C THR E 494 15.41 -39.84 2.66
N LEU E 495 14.89 -40.33 3.78
CA LEU E 495 13.52 -40.06 4.18
C LEU E 495 13.36 -38.64 4.73
N ILE E 496 12.29 -37.97 4.31
CA ILE E 496 11.85 -36.75 4.98
C ILE E 496 11.69 -37.00 6.48
N ALA E 497 10.93 -38.04 6.84
CA ALA E 497 10.78 -38.39 8.24
C ALA E 497 12.10 -38.86 8.84
N GLN E 498 12.29 -38.56 10.12
CA GLN E 498 13.51 -39.00 10.78
C GLN E 498 13.26 -39.19 12.26
N PRO E 499 13.86 -40.20 12.87
CA PRO E 499 13.71 -40.41 14.32
C PRO E 499 14.59 -39.51 15.18
N HIS E 500 15.20 -38.49 14.61
CA HIS E 500 16.05 -37.57 15.37
C HIS E 500 16.18 -36.29 14.57
N VAL E 501 16.71 -35.26 15.21
CA VAL E 501 16.79 -33.94 14.59
C VAL E 501 18.22 -33.50 14.31
N ARG E 502 19.22 -34.33 14.62
CA ARG E 502 20.59 -34.01 14.26
C ARG E 502 20.84 -34.30 12.78
N GLY E 503 21.87 -33.65 12.23
CA GLY E 503 22.14 -33.71 10.81
C GLY E 503 23.03 -34.87 10.42
N ASP E 504 23.17 -35.82 11.33
CA ASP E 504 24.04 -36.97 11.20
C ASP E 504 23.23 -38.26 11.23
N ASN E 505 23.66 -39.26 10.47
CA ASN E 505 23.07 -40.61 10.53
C ASN E 505 21.59 -40.62 10.12
N LEU E 506 21.33 -40.22 8.88
CA LEU E 506 19.97 -40.09 8.39
C LEU E 506 19.48 -41.40 7.78
N TRP E 507 18.19 -41.69 7.97
CA TRP E 507 17.59 -42.93 7.49
C TRP E 507 17.18 -42.84 6.02
N THR E 508 17.48 -43.89 5.26
CA THR E 508 17.07 -44.04 3.87
C THR E 508 16.10 -45.20 3.72
N LEU E 509 15.45 -45.25 2.55
CA LEU E 509 14.52 -46.33 2.26
C LEU E 509 15.12 -47.69 2.57
N GLU E 510 16.39 -47.88 2.23
CA GLU E 510 17.05 -49.16 2.50
C GLU E 510 17.02 -49.49 3.98
N ASP E 511 17.25 -48.50 4.85
CA ASP E 511 17.28 -48.76 6.29
C ASP E 511 15.92 -49.18 6.81
N ILE E 512 14.84 -48.61 6.27
CA ILE E 512 13.50 -49.04 6.62
C ILE E 512 13.24 -50.44 6.09
N LYS E 513 13.67 -50.71 4.85
CA LYS E 513 13.41 -52.02 4.24
C LYS E 513 14.10 -53.13 5.03
N ARG E 514 15.31 -52.85 5.55
CA ARG E 514 16.01 -53.83 6.39
C ARG E 514 15.10 -54.35 7.50
N ALA E 515 14.28 -53.47 8.08
CA ALA E 515 13.37 -53.85 9.15
C ALA E 515 12.36 -54.91 8.72
N GLY E 516 12.07 -55.00 7.43
CA GLY E 516 11.08 -55.95 6.95
C GLY E 516 9.75 -55.75 7.63
N CYS E 517 9.22 -54.53 7.55
CA CYS E 517 7.98 -54.18 8.22
C CYS E 517 6.85 -54.24 7.20
N VAL E 518 5.79 -54.96 7.55
CA VAL E 518 4.64 -55.18 6.68
C VAL E 518 3.39 -54.92 7.49
N PHE E 519 2.45 -54.16 6.91
CA PHE E 519 1.27 -53.76 7.65
C PHE E 519 0.33 -54.95 7.86
N PRO E 520 -0.14 -55.18 9.09
CA PRO E 520 -1.16 -56.22 9.31
C PRO E 520 -2.58 -55.68 9.15
N ASN E 521 -3.58 -56.55 9.39
CA ASN E 521 -4.95 -56.15 9.66
C ASN E 521 -5.18 -56.30 11.16
N PRO E 522 -5.20 -55.22 11.93
CA PRO E 522 -5.30 -55.36 13.40
C PRO E 522 -6.61 -55.98 13.85
N LEU E 523 -7.63 -56.05 13.00
CA LEU E 523 -8.90 -56.66 13.38
C LEU E 523 -9.01 -58.11 12.88
N ALA E 524 -7.90 -58.72 12.47
CA ALA E 524 -7.98 -60.09 11.99
C ALA E 524 -8.30 -61.07 13.11
N LYS E 525 -7.85 -60.78 14.35
CA LYS E 525 -7.98 -61.68 15.49
C LYS E 525 -9.39 -61.76 16.07
N PHE E 526 -10.33 -60.93 15.64
CA PHE E 526 -11.66 -60.91 16.26
C PHE E 526 -12.66 -61.59 15.36
N CYS F 57 -3.61 -22.61 -4.86
CA CYS F 57 -3.83 -23.33 -6.11
C CYS F 57 -4.16 -24.83 -5.93
N TYR F 58 -3.52 -25.49 -4.96
CA TYR F 58 -3.73 -26.92 -4.69
C TYR F 58 -3.78 -27.17 -3.17
N ALA F 59 -4.74 -26.53 -2.50
CA ALA F 59 -5.01 -26.76 -1.08
C ALA F 59 -6.12 -27.77 -0.82
N GLN F 60 -7.12 -27.87 -1.71
CA GLN F 60 -8.30 -28.70 -1.45
C GLN F 60 -7.93 -30.17 -1.34
N PRO F 61 -8.30 -30.85 -0.25
CA PRO F 61 -7.86 -32.23 0.02
C PRO F 61 -8.64 -33.27 -0.79
N ASN F 62 -8.52 -33.21 -2.13
CA ASN F 62 -9.33 -34.01 -3.06
C ASN F 62 -8.68 -35.36 -3.31
N PRO F 63 -9.44 -36.45 -3.24
CA PRO F 63 -8.89 -37.78 -3.51
C PRO F 63 -8.79 -38.07 -5.00
N ASP F 64 -8.22 -39.23 -5.31
CA ASP F 64 -8.00 -39.59 -6.70
C ASP F 64 -9.29 -39.92 -7.45
N TRP F 65 -10.41 -40.13 -6.74
CA TRP F 65 -11.66 -40.37 -7.44
C TRP F 65 -12.39 -39.07 -7.80
N ILE F 66 -11.70 -37.94 -7.72
CA ILE F 66 -12.15 -36.66 -8.26
C ILE F 66 -11.01 -36.14 -9.13
N ALA F 67 -11.33 -35.77 -10.36
CA ALA F 67 -10.31 -35.44 -11.35
C ALA F 67 -9.36 -34.34 -10.87
N GLY F 68 -8.10 -34.73 -10.60
CA GLY F 68 -7.09 -33.84 -10.07
C GLY F 68 -6.64 -34.20 -8.66
N GLY F 69 -7.51 -34.86 -7.89
CA GLY F 69 -7.18 -35.17 -6.51
C GLY F 69 -5.97 -36.09 -6.38
N LEU F 70 -5.19 -35.84 -5.32
CA LEU F 70 -3.97 -36.60 -5.02
C LEU F 70 -4.05 -37.39 -3.73
N ASP F 71 -5.08 -37.20 -2.91
CA ASP F 71 -5.25 -37.97 -1.70
C ASP F 71 -5.86 -39.34 -2.04
N TRP F 72 -6.06 -40.15 -1.01
CA TRP F 72 -6.67 -41.48 -1.13
C TRP F 72 -7.69 -41.69 -0.03
N GLY F 73 -8.63 -42.58 -0.28
CA GLY F 73 -9.61 -42.97 0.72
C GLY F 73 -10.91 -42.18 0.62
N ASP F 74 -11.89 -42.67 1.37
CA ASP F 74 -13.14 -41.94 1.50
C ASP F 74 -12.94 -40.75 2.44
N TRP F 75 -13.87 -39.81 2.36
CA TRP F 75 -13.86 -38.70 3.29
C TRP F 75 -13.97 -39.19 4.74
N THR F 76 -13.44 -38.36 5.63
CA THR F 76 -13.42 -38.65 7.05
C THR F 76 -14.82 -38.66 7.68
N GLN F 77 -15.77 -37.95 7.08
CA GLN F 77 -17.12 -37.70 7.62
C GLN F 77 -17.96 -37.11 6.49
N LYS F 78 -19.13 -37.66 6.23
CA LYS F 78 -19.98 -37.19 5.15
C LYS F 78 -21.31 -36.69 5.69
N PHE F 79 -22.11 -36.17 4.76
CA PHE F 79 -23.52 -35.86 5.06
C PHE F 79 -24.28 -37.12 5.48
N HIS F 80 -25.28 -36.93 6.34
CA HIS F 80 -26.34 -37.93 6.44
C HIS F 80 -26.80 -38.29 5.02
N GLY F 81 -26.99 -39.58 4.78
CA GLY F 81 -27.31 -40.07 3.48
C GLY F 81 -26.10 -40.56 2.70
N GLY F 82 -24.95 -39.92 2.88
CA GLY F 82 -23.75 -40.34 2.19
C GLY F 82 -23.16 -39.35 1.20
N ARG F 83 -23.78 -38.18 0.97
CA ARG F 83 -23.18 -37.16 0.14
C ARG F 83 -21.74 -36.91 0.58
N PRO F 84 -20.77 -36.95 -0.33
CA PRO F 84 -19.37 -36.73 0.05
C PRO F 84 -19.10 -35.27 0.35
N SER F 85 -18.00 -35.03 1.08
CA SER F 85 -17.60 -33.65 1.32
C SER F 85 -17.57 -32.84 0.02
N TRP F 86 -16.86 -33.34 -0.99
CA TRP F 86 -16.94 -32.85 -2.35
C TRP F 86 -17.08 -34.05 -3.26
N GLY F 87 -17.82 -33.90 -4.35
CA GLY F 87 -18.00 -35.05 -5.22
C GLY F 87 -18.45 -34.70 -6.61
N ASN F 88 -18.27 -35.67 -7.52
CA ASN F 88 -18.59 -35.46 -8.92
C ASN F 88 -20.09 -35.18 -9.14
N GLU F 89 -20.95 -35.65 -8.23
CA GLU F 89 -22.39 -35.42 -8.38
C GLU F 89 -22.78 -33.96 -8.31
N SER F 90 -21.83 -33.07 -7.99
CA SER F 90 -22.11 -31.66 -7.81
C SER F 90 -22.25 -30.91 -9.13
N THR F 91 -21.84 -31.53 -10.24
CA THR F 91 -21.89 -30.89 -11.56
C THR F 91 -22.02 -31.94 -12.66
N GLU F 92 -22.65 -31.53 -13.75
CA GLU F 92 -22.76 -32.36 -14.95
C GLU F 92 -21.53 -32.27 -15.86
N LEU F 93 -20.62 -31.34 -15.63
CA LEU F 93 -19.45 -31.24 -16.48
C LEU F 93 -18.36 -32.18 -15.97
N ARG F 94 -17.43 -32.54 -16.86
CA ARG F 94 -16.38 -33.47 -16.51
C ARG F 94 -15.07 -32.98 -17.06
N THR F 95 -13.98 -33.46 -16.48
CA THR F 95 -12.66 -32.98 -16.86
C THR F 95 -11.63 -33.97 -16.36
N THR F 96 -10.45 -33.91 -16.98
CA THR F 96 -9.32 -34.68 -16.50
C THR F 96 -8.57 -33.99 -15.35
N ASP F 97 -8.83 -32.69 -15.11
CA ASP F 97 -8.14 -31.98 -14.04
C ASP F 97 -8.94 -30.77 -13.60
N TRP F 98 -9.60 -30.85 -12.44
CA TRP F 98 -10.37 -29.72 -11.95
C TRP F 98 -9.51 -28.54 -11.51
N TYR F 99 -8.20 -28.74 -11.35
CA TYR F 99 -7.32 -27.67 -10.92
C TYR F 99 -6.73 -26.87 -12.09
N ARG F 100 -7.16 -27.11 -13.32
CA ARG F 100 -6.51 -26.49 -14.46
C ARG F 100 -6.80 -24.99 -14.55
N HIS F 101 -7.95 -24.56 -14.05
CA HIS F 101 -8.34 -23.15 -14.17
C HIS F 101 -7.31 -22.22 -13.53
N ARG F 102 -7.03 -21.12 -14.24
CA ARG F 102 -6.18 -20.05 -13.75
C ARG F 102 -6.87 -18.73 -14.07
N ASP F 103 -7.11 -17.92 -13.06
CA ASP F 103 -7.63 -16.59 -13.32
C ASP F 103 -6.66 -15.85 -14.23
N PRO F 104 -7.09 -15.39 -15.41
CA PRO F 104 -6.18 -14.64 -16.28
C PRO F 104 -5.68 -13.34 -15.66
N ALA F 105 -6.33 -12.85 -14.61
CA ALA F 105 -5.91 -11.65 -13.90
C ALA F 105 -5.00 -11.94 -12.72
N ARG F 106 -4.74 -13.21 -12.42
CA ARG F 106 -3.90 -13.60 -11.30
C ARG F 106 -4.42 -13.05 -9.97
N ARG F 107 -5.72 -12.72 -9.91
CA ARG F 107 -6.35 -12.12 -8.73
C ARG F 107 -6.29 -13.04 -7.53
N TRP F 108 -5.40 -12.76 -6.59
CA TRP F 108 -5.52 -13.36 -5.27
C TRP F 108 -5.79 -12.24 -4.27
N HIS F 109 -6.00 -12.64 -3.01
CA HIS F 109 -6.52 -11.71 -2.02
C HIS F 109 -5.76 -10.37 -2.05
N ALA F 110 -4.42 -10.41 -1.90
CA ALA F 110 -3.63 -9.18 -1.82
C ALA F 110 -3.85 -8.25 -3.01
N PRO F 111 -3.77 -8.71 -4.27
CA PRO F 111 -4.13 -7.80 -5.38
C PRO F 111 -5.61 -7.48 -5.45
N TYR F 112 -6.48 -8.49 -5.28
CA TYR F 112 -7.92 -8.23 -5.36
C TYR F 112 -8.37 -7.19 -4.33
N VAL F 113 -7.91 -7.34 -3.09
CA VAL F 113 -8.29 -6.40 -2.04
C VAL F 113 -7.62 -5.04 -2.26
N LYS F 114 -6.34 -5.04 -2.67
CA LYS F 114 -5.65 -3.80 -3.00
C LYS F 114 -6.43 -2.97 -4.02
N ASP F 115 -6.74 -3.56 -5.17
CA ASP F 115 -7.47 -2.82 -6.20
C ASP F 115 -8.79 -2.29 -5.66
N LYS F 116 -9.57 -3.12 -4.95
CA LYS F 116 -10.88 -2.64 -4.54
C LYS F 116 -10.74 -1.49 -3.55
N SER F 117 -9.66 -1.50 -2.78
CA SER F 117 -9.39 -0.42 -1.82
C SER F 117 -9.14 0.88 -2.55
N GLU F 118 -8.31 0.82 -3.59
CA GLU F 118 -8.07 2.01 -4.41
C GLU F 118 -9.38 2.59 -4.89
N GLU F 119 -10.24 1.76 -5.44
CA GLU F 119 -11.49 2.28 -5.95
C GLU F 119 -12.37 2.79 -4.81
N ALA F 120 -12.26 2.18 -3.64
CA ALA F 120 -13.02 2.68 -2.49
C ALA F 120 -12.57 4.08 -2.09
N ARG F 121 -11.27 4.28 -1.92
CA ARG F 121 -10.81 5.58 -1.45
C ARG F 121 -11.02 6.65 -2.53
N TYR F 122 -10.70 6.32 -3.78
CA TYR F 122 -10.94 7.31 -4.83
C TYR F 122 -12.42 7.68 -4.88
N THR F 123 -13.33 6.69 -4.80
CA THR F 123 -14.77 7.00 -4.82
C THR F 123 -15.13 8.08 -3.80
N GLN F 124 -14.59 8.03 -2.59
CA GLN F 124 -14.99 9.04 -1.64
C GLN F 124 -14.38 10.40 -1.98
N ARG F 125 -13.11 10.43 -2.39
CA ARG F 125 -12.51 11.69 -2.82
C ARG F 125 -13.31 12.27 -3.97
N PHE F 126 -13.73 11.43 -4.92
CA PHE F 126 -14.49 11.96 -6.05
C PHE F 126 -15.85 12.46 -5.61
N LEU F 127 -16.45 11.84 -4.59
CA LEU F 127 -17.76 12.31 -4.18
C LEU F 127 -17.65 13.64 -3.46
N ALA F 128 -16.67 13.76 -2.56
CA ALA F 128 -16.44 15.03 -1.88
C ALA F 128 -16.23 16.17 -2.86
N ALA F 129 -15.47 15.91 -3.94
CA ALA F 129 -15.22 16.94 -4.93
C ALA F 129 -16.44 17.20 -5.80
N TYR F 130 -17.23 16.16 -6.07
CA TYR F 130 -18.42 16.30 -6.91
C TYR F 130 -19.49 17.15 -6.23
N SER F 131 -19.80 16.86 -4.97
CA SER F 131 -20.75 17.72 -4.27
C SER F 131 -20.21 19.13 -4.15
N SER F 132 -18.89 19.30 -4.03
CA SER F 132 -18.34 20.65 -3.95
C SER F 132 -18.53 21.38 -5.26
N GLU F 133 -18.41 20.67 -6.38
CA GLU F 133 -18.54 21.30 -7.69
C GLU F 133 -19.96 21.78 -7.95
N GLY F 134 -20.96 21.13 -7.36
CA GLY F 134 -22.34 21.38 -7.72
C GLY F 134 -22.76 20.80 -9.07
N SER F 135 -22.00 19.87 -9.62
CA SER F 135 -22.31 19.40 -10.98
C SER F 135 -23.63 18.64 -11.09
N ILE F 136 -24.34 18.42 -9.97
CA ILE F 136 -25.61 17.70 -10.03
C ILE F 136 -26.68 18.64 -10.56
N ARG F 137 -26.32 19.91 -10.72
CA ARG F 137 -27.26 20.96 -11.09
C ARG F 137 -27.76 20.80 -12.52
N THR F 138 -26.94 20.27 -13.43
CA THR F 138 -27.37 20.09 -14.81
C THR F 138 -27.97 18.72 -15.11
N ILE F 139 -28.06 17.83 -14.12
CA ILE F 139 -28.72 16.55 -14.39
C ILE F 139 -30.13 16.84 -14.87
N ASP F 140 -30.58 16.08 -15.85
CA ASP F 140 -31.98 16.19 -16.28
C ASP F 140 -32.90 15.63 -15.18
N ALA F 141 -33.86 16.44 -14.73
CA ALA F 141 -34.57 16.11 -13.48
C ALA F 141 -35.51 14.92 -13.65
N TYR F 142 -36.04 14.71 -14.84
CA TYR F 142 -36.91 13.56 -15.03
C TYR F 142 -36.12 12.27 -14.99
N TRP F 143 -35.09 12.15 -15.85
CA TRP F 143 -34.14 11.05 -15.77
C TRP F 143 -33.71 10.76 -14.33
N ARG F 144 -33.47 11.81 -13.56
CA ARG F 144 -32.95 11.63 -12.21
C ARG F 144 -33.99 11.05 -11.27
N ASP F 145 -35.22 11.56 -11.33
CA ASP F 145 -36.26 11.16 -10.39
C ASP F 145 -37.09 10.00 -10.88
N GLU F 146 -37.34 9.93 -12.18
CA GLU F 146 -38.26 8.96 -12.76
C GLU F 146 -37.57 7.70 -13.29
N ILE F 147 -36.35 7.83 -13.81
CA ILE F 147 -35.64 6.70 -14.40
C ILE F 147 -34.47 6.26 -13.53
N LEU F 148 -33.59 7.19 -13.16
CA LEU F 148 -32.42 6.79 -12.38
C LEU F 148 -32.83 6.36 -10.98
N ASN F 149 -33.41 7.27 -10.21
CA ASN F 149 -33.72 6.92 -8.83
C ASN F 149 -34.44 5.59 -8.74
N LYS F 150 -35.41 5.34 -9.63
CA LYS F 150 -36.33 4.20 -9.54
C LYS F 150 -35.80 2.95 -10.22
N TYR F 151 -35.50 3.04 -11.52
CA TYR F 151 -35.17 1.83 -12.28
C TYR F 151 -33.69 1.45 -12.20
N TYR F 152 -32.81 2.40 -11.95
CA TYR F 152 -31.43 2.06 -11.73
C TYR F 152 -31.38 1.49 -10.33
N GLY F 153 -32.26 1.84 -9.40
CA GLY F 153 -32.26 1.18 -8.08
C GLY F 153 -32.74 -0.28 -8.08
N ALA F 154 -33.73 -0.52 -8.91
CA ALA F 154 -34.26 -1.86 -9.09
C ALA F 154 -33.22 -2.87 -9.60
N LEU F 155 -32.28 -2.39 -10.38
CA LEU F 155 -31.12 -3.07 -10.83
C LEU F 155 -30.20 -3.46 -9.65
N LEU F 156 -30.23 -2.78 -8.52
CA LEU F 156 -29.48 -3.22 -7.36
C LEU F 156 -30.06 -4.53 -7.00
N TYR F 157 -31.38 -4.65 -6.93
CA TYR F 157 -31.90 -6.04 -6.68
C TYR F 157 -31.42 -7.08 -7.70
N ASN F 158 -31.39 -6.72 -8.97
CA ASN F 158 -30.81 -7.65 -9.92
C ASN F 158 -29.37 -8.08 -9.61
N GLU F 159 -28.49 -7.15 -9.29
CA GLU F 159 -27.11 -7.52 -8.99
C GLU F 159 -26.99 -8.25 -7.68
N TYR F 160 -27.87 -7.98 -6.75
CA TYR F 160 -27.83 -8.67 -5.52
C TYR F 160 -28.14 -10.11 -5.74
N GLY F 161 -29.11 -10.42 -6.57
CA GLY F 161 -29.42 -11.79 -6.78
C GLY F 161 -28.32 -12.58 -7.41
N LEU F 162 -27.56 -11.96 -8.27
CA LEU F 162 -26.46 -12.63 -8.94
C LEU F 162 -25.33 -12.90 -7.97
N PHE F 163 -25.15 -12.03 -6.97
CA PHE F 163 -24.12 -12.27 -5.97
C PHE F 163 -24.46 -13.51 -5.14
N ASN F 164 -25.73 -13.64 -4.74
CA ASN F 164 -26.12 -14.78 -3.89
C ASN F 164 -26.12 -16.10 -4.63
N ALA F 165 -26.17 -16.10 -5.97
CA ALA F 165 -26.01 -17.37 -6.67
C ALA F 165 -24.65 -17.99 -6.39
N HIS F 166 -23.67 -17.19 -6.02
CA HIS F 166 -22.34 -17.74 -5.81
C HIS F 166 -22.24 -18.52 -4.49
N SER F 167 -23.17 -18.33 -3.55
CA SER F 167 -23.00 -18.93 -2.23
C SER F 167 -22.87 -20.46 -2.33
N SER F 168 -23.78 -21.11 -3.06
CA SER F 168 -23.65 -22.56 -3.17
C SER F 168 -22.45 -22.92 -4.05
N VAL F 169 -22.06 -22.02 -4.96
CA VAL F 169 -20.88 -22.27 -5.79
C VAL F 169 -19.64 -22.39 -4.91
N GLY F 170 -19.44 -21.42 -4.01
CA GLY F 170 -18.32 -21.41 -3.10
C GLY F 170 -18.28 -22.61 -2.15
N ARG F 171 -19.43 -23.20 -1.84
CA ARG F 171 -19.42 -24.45 -1.10
C ARG F 171 -19.10 -25.66 -1.97
N ASP F 172 -19.67 -25.77 -3.18
CA ASP F 172 -19.65 -27.05 -3.88
C ASP F 172 -18.50 -27.21 -4.87
N CYS F 173 -17.97 -26.14 -5.46
CA CYS F 173 -17.05 -26.32 -6.59
C CYS F 173 -15.78 -27.05 -6.14
N LEU F 174 -15.04 -27.56 -7.12
CA LEU F 174 -14.08 -28.63 -6.87
C LEU F 174 -12.63 -28.20 -6.99
N SER F 175 -12.33 -26.91 -7.02
CA SER F 175 -10.94 -26.53 -7.04
C SER F 175 -10.80 -25.19 -6.35
N ASP F 176 -9.59 -24.93 -5.87
CA ASP F 176 -9.38 -23.71 -5.09
C ASP F 176 -9.42 -22.48 -5.98
N THR F 177 -8.80 -22.55 -7.16
CA THR F 177 -8.82 -21.36 -8.00
C THR F 177 -10.24 -21.06 -8.48
N ILE F 178 -11.08 -22.08 -8.66
CA ILE F 178 -12.47 -21.82 -9.05
C ILE F 178 -13.25 -21.24 -7.87
N ARG F 179 -12.98 -21.72 -6.66
CA ARG F 179 -13.58 -21.13 -5.47
C ARG F 179 -13.17 -19.68 -5.29
N GLN F 180 -11.89 -19.38 -5.56
CA GLN F 180 -11.37 -18.01 -5.47
C GLN F 180 -12.01 -17.08 -6.50
N SER F 181 -11.98 -17.47 -7.79
CA SER F 181 -12.65 -16.66 -8.81
C SER F 181 -14.15 -16.50 -8.51
N ALA F 182 -14.80 -17.58 -8.11
CA ALA F 182 -16.23 -17.51 -7.84
C ALA F 182 -16.53 -16.45 -6.78
N THR F 183 -15.76 -16.47 -5.68
CA THR F 183 -16.03 -15.59 -4.56
C THR F 183 -15.82 -14.12 -4.95
N PHE F 184 -14.68 -13.79 -5.59
CA PHE F 184 -14.47 -12.43 -6.06
C PHE F 184 -15.50 -12.02 -7.10
N ALA F 185 -15.91 -12.95 -7.96
CA ALA F 185 -17.01 -12.66 -8.87
C ALA F 185 -18.27 -12.28 -8.11
N GLY F 186 -18.56 -13.00 -7.03
CA GLY F 186 -19.75 -12.70 -6.26
C GLY F 186 -19.59 -11.49 -5.37
N LEU F 187 -18.37 -11.22 -4.90
CA LEU F 187 -18.18 -10.03 -4.08
C LEU F 187 -18.34 -8.77 -4.93
N ASP F 188 -17.80 -8.78 -6.15
CA ASP F 188 -18.02 -7.63 -7.02
C ASP F 188 -19.51 -7.38 -7.24
N LYS F 189 -20.32 -8.43 -7.31
CA LYS F 189 -21.74 -8.20 -7.63
C LYS F 189 -22.46 -7.55 -6.46
N VAL F 190 -22.14 -7.96 -5.24
CA VAL F 190 -22.72 -7.25 -4.11
C VAL F 190 -22.12 -5.85 -4.03
N ASP F 191 -20.88 -5.68 -4.49
CA ASP F 191 -20.33 -4.34 -4.64
C ASP F 191 -21.23 -3.50 -5.55
N ASN F 192 -21.52 -4.02 -6.75
CA ASN F 192 -22.44 -3.37 -7.68
C ASN F 192 -23.71 -2.91 -6.97
N ALA F 193 -24.35 -3.83 -6.24
CA ALA F 193 -25.58 -3.48 -5.56
C ALA F 193 -25.36 -2.36 -4.56
N GLN F 194 -24.33 -2.51 -3.70
CA GLN F 194 -24.05 -1.51 -2.69
C GLN F 194 -23.70 -0.17 -3.35
N MET F 195 -22.99 -0.22 -4.48
CA MET F 195 -22.60 1.01 -5.14
C MET F 195 -23.80 1.75 -5.70
N ILE F 196 -24.75 1.05 -6.33
CA ILE F 196 -25.96 1.74 -6.79
C ILE F 196 -26.63 2.45 -5.62
N GLN F 197 -26.74 1.76 -4.48
CA GLN F 197 -27.38 2.37 -3.33
C GLN F 197 -26.56 3.55 -2.81
N MET F 198 -25.23 3.45 -2.89
CA MET F 198 -24.39 4.57 -2.49
C MET F 198 -24.66 5.79 -3.35
N GLU F 199 -24.80 5.58 -4.66
CA GLU F 199 -25.14 6.70 -5.54
C GLU F 199 -26.43 7.35 -5.09
N ARG F 200 -27.48 6.56 -4.93
CA ARG F 200 -28.78 7.11 -4.57
C ARG F 200 -28.69 7.89 -3.26
N LEU F 201 -27.99 7.35 -2.25
CA LEU F 201 -27.87 8.09 -0.99
C LEU F 201 -27.09 9.38 -1.15
N PHE F 202 -26.15 9.42 -2.11
CA PHE F 202 -25.40 10.63 -2.38
C PHE F 202 -26.28 11.69 -3.02
N ILE F 203 -26.97 11.34 -4.12
CA ILE F 203 -27.91 12.27 -4.74
C ILE F 203 -28.91 12.77 -3.71
N ALA F 204 -29.40 11.89 -2.85
CA ALA F 204 -30.30 12.30 -1.78
C ALA F 204 -29.71 13.42 -0.95
N LYS F 205 -28.38 13.47 -0.83
CA LYS F 205 -27.77 14.50 0.01
C LYS F 205 -27.67 15.85 -0.70
N LEU F 206 -27.77 15.87 -2.03
CA LEU F 206 -27.65 17.10 -2.81
C LEU F 206 -28.99 17.68 -3.20
N VAL F 207 -30.04 16.87 -3.22
CA VAL F 207 -31.29 17.21 -3.89
C VAL F 207 -32.43 17.03 -2.90
N PRO F 208 -32.94 18.10 -2.31
CA PRO F 208 -33.93 17.94 -1.24
C PRO F 208 -35.20 17.33 -1.78
N GLY F 209 -35.77 16.40 -1.01
CA GLY F 209 -36.94 15.65 -1.44
C GLY F 209 -36.64 14.38 -2.20
N PHE F 210 -35.38 14.17 -2.58
CA PHE F 210 -34.97 12.95 -3.26
C PHE F 210 -34.90 11.82 -2.23
N ASP F 211 -35.77 10.80 -2.40
CA ASP F 211 -35.92 9.71 -1.44
C ASP F 211 -35.04 8.53 -1.87
N ALA F 212 -33.99 8.29 -1.08
CA ALA F 212 -33.03 7.23 -1.37
C ALA F 212 -33.35 5.94 -0.64
N SER F 213 -34.55 5.83 -0.06
CA SER F 213 -35.03 4.55 0.46
C SER F 213 -35.20 3.55 -0.68
N THR F 214 -35.07 2.26 -0.36
CA THR F 214 -35.15 1.19 -1.35
C THR F 214 -36.58 0.70 -1.60
N ASP F 215 -37.55 1.16 -0.81
CA ASP F 215 -38.95 0.74 -0.93
C ASP F 215 -39.43 0.77 -2.39
N VAL F 216 -39.37 1.94 -3.03
CA VAL F 216 -39.83 2.04 -4.42
C VAL F 216 -39.01 1.13 -5.32
N PRO F 217 -37.67 1.18 -5.32
CA PRO F 217 -36.93 0.26 -6.21
C PRO F 217 -37.27 -1.20 -5.98
N LYS F 218 -37.53 -1.59 -4.73
CA LYS F 218 -37.88 -2.98 -4.48
C LYS F 218 -39.27 -3.32 -5.00
N LYS F 219 -40.25 -2.46 -4.74
CA LYS F 219 -41.57 -2.63 -5.36
C LYS F 219 -41.44 -2.74 -6.89
N ILE F 220 -40.60 -1.91 -7.50
CA ILE F 220 -40.43 -1.99 -8.94
C ILE F 220 -39.77 -3.31 -9.35
N TRP F 221 -38.75 -3.76 -8.60
CA TRP F 221 -38.09 -5.00 -8.99
C TRP F 221 -38.98 -6.22 -8.77
N THR F 222 -39.95 -6.14 -7.85
CA THR F 222 -40.77 -7.31 -7.53
C THR F 222 -42.11 -7.35 -8.25
N THR F 223 -42.59 -6.25 -8.82
CA THR F 223 -43.94 -6.22 -9.32
C THR F 223 -44.05 -5.61 -10.72
N ASP F 224 -43.11 -4.72 -11.07
CA ASP F 224 -43.17 -3.99 -12.34
C ASP F 224 -42.79 -4.88 -13.51
N PRO F 225 -43.66 -5.05 -14.51
CA PRO F 225 -43.37 -5.99 -15.61
C PRO F 225 -42.05 -5.78 -16.31
N ILE F 226 -41.54 -4.55 -16.38
CA ILE F 226 -40.25 -4.28 -17.02
C ILE F 226 -39.18 -5.25 -16.51
N TYR F 227 -39.19 -5.52 -15.21
CA TYR F 227 -38.18 -6.36 -14.59
C TYR F 227 -38.69 -7.76 -14.23
N ALA F 228 -39.91 -8.13 -14.65
CA ALA F 228 -40.42 -9.45 -14.31
C ALA F 228 -39.55 -10.56 -14.90
N GLY F 229 -39.17 -10.41 -16.18
CA GLY F 229 -38.39 -11.45 -16.82
C GLY F 229 -36.98 -11.52 -16.27
N ALA F 230 -36.39 -10.36 -15.98
CA ALA F 230 -35.12 -10.34 -15.25
C ALA F 230 -35.26 -11.06 -13.91
N ARG F 231 -36.12 -10.55 -13.03
CA ARG F 231 -36.31 -11.18 -11.72
C ARG F 231 -36.52 -12.69 -11.85
N GLY F 232 -37.21 -13.12 -12.90
CA GLY F 232 -37.35 -14.55 -13.13
C GLY F 232 -36.04 -15.22 -13.46
N ALA F 233 -35.27 -14.62 -14.36
CA ALA F 233 -33.97 -15.20 -14.71
C ALA F 233 -33.10 -15.35 -13.46
N VAL F 234 -32.99 -14.29 -12.66
CA VAL F 234 -32.08 -14.29 -11.52
C VAL F 234 -32.52 -15.30 -10.47
N GLU F 235 -33.84 -15.37 -10.24
CA GLU F 235 -34.39 -16.31 -9.25
C GLU F 235 -34.12 -17.77 -9.63
N GLU F 236 -34.10 -18.08 -10.93
CA GLU F 236 -33.75 -19.44 -11.35
C GLU F 236 -32.24 -19.69 -11.27
N ILE F 237 -31.41 -18.71 -11.64
CA ILE F 237 -29.98 -18.92 -11.56
C ILE F 237 -29.52 -19.04 -10.11
N TRP F 238 -30.17 -18.31 -9.20
CA TRP F 238 -29.75 -18.30 -7.80
C TRP F 238 -30.29 -19.53 -7.07
N GLN F 239 -31.61 -19.64 -6.95
CA GLN F 239 -32.24 -20.58 -6.03
C GLN F 239 -32.90 -21.75 -6.74
N GLY F 240 -32.65 -21.92 -8.04
CA GLY F 240 -33.37 -22.90 -8.82
C GLY F 240 -32.52 -24.05 -9.32
N ILE F 241 -31.20 -23.92 -9.25
CA ILE F 241 -30.29 -24.98 -9.67
C ILE F 241 -29.19 -25.12 -8.62
N GLN F 242 -28.37 -26.16 -8.80
CA GLN F 242 -27.22 -26.30 -7.92
C GLN F 242 -25.96 -26.75 -8.64
N ASP F 243 -26.05 -27.21 -9.88
CA ASP F 243 -24.84 -27.45 -10.66
C ASP F 243 -24.01 -26.17 -10.64
N TRP F 244 -22.82 -26.24 -10.05
CA TRP F 244 -22.10 -24.98 -9.85
C TRP F 244 -21.47 -24.45 -11.15
N ASN F 245 -21.17 -25.33 -12.11
CA ASN F 245 -20.74 -24.85 -13.42
C ASN F 245 -21.91 -24.21 -14.15
N GLU F 246 -23.13 -24.74 -13.96
CA GLU F 246 -24.31 -24.16 -14.59
C GLU F 246 -24.63 -22.80 -13.99
N ILE F 247 -24.40 -22.63 -12.68
CA ILE F 247 -24.66 -21.32 -12.10
C ILE F 247 -23.71 -20.29 -12.69
N LEU F 248 -22.41 -20.61 -12.69
CA LEU F 248 -21.43 -19.66 -13.22
C LEU F 248 -21.64 -19.40 -14.71
N TRP F 249 -21.91 -20.46 -15.49
CA TRP F 249 -22.04 -20.26 -16.94
C TRP F 249 -23.32 -19.51 -17.30
N ALA F 250 -24.45 -19.89 -16.72
CA ALA F 250 -25.69 -19.16 -17.00
C ALA F 250 -25.64 -17.73 -16.45
N GLY F 251 -24.98 -17.50 -15.32
CA GLY F 251 -25.09 -16.20 -14.69
C GLY F 251 -24.22 -15.13 -15.31
N HIS F 252 -22.96 -15.47 -15.58
CA HIS F 252 -22.02 -14.52 -16.19
C HIS F 252 -21.99 -14.64 -17.71
N ALA F 253 -21.88 -15.86 -18.26
CA ALA F 253 -21.64 -16.02 -19.69
C ALA F 253 -22.90 -15.89 -20.55
N VAL F 254 -24.09 -16.04 -19.97
CA VAL F 254 -25.29 -15.93 -20.79
C VAL F 254 -26.15 -14.78 -20.30
N TYR F 255 -26.75 -14.94 -19.12
CA TYR F 255 -27.64 -13.90 -18.62
C TYR F 255 -26.92 -12.55 -18.48
N ASP F 256 -25.78 -12.54 -17.76
CA ASP F 256 -25.19 -11.24 -17.44
C ASP F 256 -24.53 -10.60 -18.66
N ALA F 257 -24.04 -11.42 -19.60
CA ALA F 257 -23.39 -10.86 -20.78
C ALA F 257 -24.39 -10.36 -21.82
N THR F 258 -25.68 -10.62 -21.64
CA THR F 258 -26.70 -10.11 -22.55
C THR F 258 -27.61 -9.12 -21.82
N PHE F 259 -28.49 -9.57 -20.93
CA PHE F 259 -29.34 -8.61 -20.23
C PHE F 259 -28.51 -7.66 -19.38
N GLY F 260 -27.63 -8.21 -18.54
CA GLY F 260 -26.86 -7.36 -17.63
C GLY F 260 -26.06 -6.30 -18.37
N GLN F 261 -25.39 -6.69 -19.45
CA GLN F 261 -24.68 -5.70 -20.26
C GLN F 261 -25.65 -4.72 -20.91
N PHE F 262 -26.85 -5.16 -21.28
CA PHE F 262 -27.79 -4.20 -21.85
C PHE F 262 -28.20 -3.16 -20.81
N ALA F 263 -28.58 -3.63 -19.61
CA ALA F 263 -29.14 -2.72 -18.60
C ALA F 263 -28.08 -1.76 -18.06
N ARG F 264 -26.89 -2.28 -17.76
CA ARG F 264 -25.84 -1.42 -17.23
C ARG F 264 -25.24 -0.53 -18.32
N ARG F 265 -24.73 -1.14 -19.40
CA ARG F 265 -23.98 -0.39 -20.41
C ARG F 265 -24.90 0.33 -21.39
N GLU F 266 -25.79 -0.40 -22.06
CA GLU F 266 -26.61 0.20 -23.12
C GLU F 266 -27.68 1.15 -22.59
N PHE F 267 -28.22 0.91 -21.40
CA PHE F 267 -29.31 1.77 -20.95
C PHE F 267 -28.85 2.87 -19.99
N PHE F 268 -28.47 2.50 -18.76
CA PHE F 268 -28.18 3.52 -17.73
C PHE F 268 -26.89 4.29 -18.00
N GLN F 269 -25.82 3.61 -18.43
CA GLN F 269 -24.59 4.33 -18.75
C GLN F 269 -24.72 5.11 -20.05
N ARG F 270 -25.20 4.45 -21.10
CA ARG F 270 -25.37 5.16 -22.36
C ARG F 270 -26.33 6.34 -22.18
N LEU F 271 -27.51 6.10 -21.60
CA LEU F 271 -28.50 7.18 -21.53
C LEU F 271 -28.06 8.30 -20.62
N ALA F 272 -27.26 8.01 -19.58
CA ALA F 272 -26.80 9.09 -18.72
C ALA F 272 -25.93 10.06 -19.50
N THR F 273 -25.33 9.57 -20.57
CA THR F 273 -24.44 10.31 -21.45
C THR F 273 -25.19 11.07 -22.55
N VAL F 274 -26.52 11.01 -22.56
CA VAL F 274 -27.35 11.87 -23.42
C VAL F 274 -28.31 12.73 -22.61
N TYR F 275 -28.50 12.45 -21.32
CA TYR F 275 -29.37 13.26 -20.48
C TYR F 275 -28.59 14.15 -19.52
N GLY F 276 -27.31 14.39 -19.79
CA GLY F 276 -26.50 15.23 -18.91
C GLY F 276 -26.35 14.71 -17.50
N ASP F 277 -26.23 13.39 -17.33
CA ASP F 277 -26.00 12.75 -16.03
C ASP F 277 -24.49 12.60 -15.89
N THR F 278 -23.88 13.45 -15.08
CA THR F 278 -22.43 13.46 -14.91
C THR F 278 -21.98 12.57 -13.76
N LEU F 279 -22.92 11.96 -13.06
CA LEU F 279 -22.69 11.24 -11.82
C LEU F 279 -22.70 9.73 -12.02
N THR F 280 -23.71 9.23 -12.71
CA THR F 280 -23.86 7.78 -12.87
C THR F 280 -22.73 7.13 -13.67
N PRO F 281 -22.04 7.80 -14.59
CA PRO F 281 -20.95 7.11 -15.28
C PRO F 281 -19.80 6.77 -14.34
N PHE F 282 -19.55 7.60 -13.32
CA PHE F 282 -18.53 7.23 -12.35
C PHE F 282 -18.84 5.88 -11.71
N PHE F 283 -20.13 5.52 -11.60
CA PHE F 283 -20.51 4.27 -10.96
C PHE F 283 -20.58 3.11 -11.94
N THR F 284 -21.17 3.31 -13.13
CA THR F 284 -21.17 2.19 -14.06
C THR F 284 -19.79 1.87 -14.56
N ALA F 285 -18.85 2.80 -14.45
CA ALA F 285 -17.49 2.47 -14.82
C ALA F 285 -16.97 1.33 -13.97
N GLN F 286 -17.39 1.25 -12.70
CA GLN F 286 -16.89 0.20 -11.82
C GLN F 286 -17.56 -1.13 -12.11
N SER F 287 -18.88 -1.12 -12.29
CA SER F 287 -19.59 -2.35 -12.66
C SER F 287 -19.04 -2.92 -13.96
N GLN F 288 -18.76 -2.04 -14.93
CA GLN F 288 -18.30 -2.49 -16.23
C GLN F 288 -16.88 -3.03 -16.14
N THR F 289 -16.04 -2.39 -15.35
CA THR F 289 -14.71 -2.94 -15.11
C THR F 289 -14.81 -4.31 -14.43
N TYR F 290 -15.67 -4.42 -13.42
CA TYR F 290 -15.82 -5.71 -12.75
C TYR F 290 -16.37 -6.77 -13.70
N PHE F 291 -17.30 -6.39 -14.58
CA PHE F 291 -17.79 -7.39 -15.54
C PHE F 291 -16.65 -7.93 -16.40
N GLN F 292 -15.80 -7.05 -16.95
CA GLN F 292 -14.75 -7.50 -17.86
C GLN F 292 -13.71 -8.35 -17.13
N THR F 293 -13.34 -7.97 -15.89
CA THR F 293 -12.40 -8.80 -15.12
C THR F 293 -12.97 -10.20 -14.90
N THR F 294 -14.26 -10.27 -14.57
CA THR F 294 -14.88 -11.56 -14.32
C THR F 294 -15.04 -12.35 -15.62
N ARG F 295 -15.40 -11.66 -16.70
CA ARG F 295 -15.48 -12.38 -17.98
C ARG F 295 -14.17 -13.08 -18.28
N GLY F 296 -13.04 -12.42 -17.96
CA GLY F 296 -11.75 -13.03 -18.21
C GLY F 296 -11.63 -14.42 -17.63
N ALA F 297 -12.04 -14.59 -16.37
CA ALA F 297 -11.89 -15.86 -15.67
C ALA F 297 -12.96 -16.87 -16.09
N ILE F 298 -14.19 -16.41 -16.31
CA ILE F 298 -15.24 -17.28 -16.83
C ILE F 298 -14.80 -17.90 -18.15
N GLU F 299 -14.23 -17.08 -19.05
CA GLU F 299 -13.73 -17.57 -20.33
C GLU F 299 -12.69 -18.67 -20.16
N ASP F 300 -11.70 -18.46 -19.30
CA ASP F 300 -10.66 -19.48 -19.12
C ASP F 300 -11.27 -20.78 -18.61
N LEU F 301 -12.25 -20.69 -17.71
CA LEU F 301 -12.76 -21.91 -17.11
C LEU F 301 -13.62 -22.67 -18.11
N PHE F 302 -14.57 -22.00 -18.77
CA PHE F 302 -15.51 -22.73 -19.61
C PHE F 302 -15.03 -22.95 -21.03
N VAL F 303 -14.17 -22.07 -21.56
CA VAL F 303 -13.72 -22.25 -22.93
C VAL F 303 -12.41 -23.02 -22.98
N TYR F 304 -11.37 -22.49 -22.33
CA TYR F 304 -10.07 -23.15 -22.45
C TYR F 304 -10.02 -24.45 -21.63
N CYS F 305 -10.60 -24.46 -20.43
CA CYS F 305 -10.37 -25.59 -19.53
C CYS F 305 -11.38 -26.71 -19.70
N LEU F 306 -12.62 -26.39 -20.08
CA LEU F 306 -13.72 -27.34 -20.03
C LEU F 306 -14.27 -27.69 -21.40
N ALA F 307 -14.68 -26.69 -22.18
CA ALA F 307 -15.13 -26.99 -23.54
C ALA F 307 -14.00 -27.46 -24.44
N ASN F 308 -12.75 -27.37 -23.99
CA ASN F 308 -11.62 -27.92 -24.71
C ASN F 308 -10.86 -28.93 -23.86
N ASP F 309 -11.55 -29.61 -22.94
CA ASP F 309 -10.86 -30.64 -22.17
C ASP F 309 -10.37 -31.71 -23.12
N PRO F 310 -9.12 -32.17 -22.99
CA PRO F 310 -8.57 -33.14 -23.95
C PRO F 310 -9.36 -34.42 -24.07
N GLU F 311 -10.38 -34.62 -23.24
CA GLU F 311 -11.08 -35.89 -23.28
C GLU F 311 -12.57 -35.68 -23.19
N PHE F 312 -13.03 -34.62 -22.52
CA PHE F 312 -14.46 -34.40 -22.32
C PHE F 312 -14.97 -33.14 -22.99
N GLY F 313 -14.16 -32.50 -23.84
CA GLY F 313 -14.58 -31.32 -24.59
C GLY F 313 -15.95 -31.43 -25.23
N ALA F 314 -16.11 -32.36 -26.18
CA ALA F 314 -17.40 -32.53 -26.84
C ALA F 314 -18.51 -32.81 -25.83
N HIS F 315 -18.22 -33.61 -24.82
CA HIS F 315 -19.15 -33.82 -23.72
C HIS F 315 -19.59 -32.49 -23.12
N ASN F 316 -18.60 -31.68 -22.70
CA ASN F 316 -18.90 -30.42 -22.00
C ASN F 316 -19.61 -29.43 -22.90
N ARG F 317 -19.25 -29.41 -24.19
CA ARG F 317 -19.94 -28.50 -25.09
C ARG F 317 -21.43 -28.85 -25.20
N THR F 318 -21.77 -30.15 -25.25
CA THR F 318 -23.17 -30.56 -25.27
C THR F 318 -23.96 -29.91 -24.14
N PHE F 319 -23.50 -30.09 -22.90
CA PHE F 319 -24.15 -29.44 -21.77
C PHE F 319 -24.08 -27.92 -21.87
N LEU F 320 -22.93 -27.36 -22.29
CA LEU F 320 -22.87 -25.91 -22.44
C LEU F 320 -23.90 -25.42 -23.43
N ASN F 321 -24.05 -26.10 -24.57
CA ASN F 321 -25.00 -25.64 -25.58
C ASN F 321 -26.42 -25.72 -25.07
N ALA F 322 -26.79 -26.87 -24.48
CA ALA F 322 -28.11 -27.00 -23.86
C ALA F 322 -28.37 -25.87 -22.90
N TRP F 323 -27.48 -25.69 -21.92
CA TRP F 323 -27.59 -24.58 -20.97
C TRP F 323 -27.81 -23.26 -21.72
N THR F 324 -26.92 -22.95 -22.67
CA THR F 324 -26.99 -21.67 -23.35
C THR F 324 -28.34 -21.47 -24.02
N GLU F 325 -28.84 -22.53 -24.66
CA GLU F 325 -30.18 -22.50 -25.24
C GLU F 325 -31.21 -22.09 -24.19
N HIS F 326 -31.24 -22.79 -23.06
CA HIS F 326 -32.25 -22.48 -22.05
C HIS F 326 -32.15 -21.04 -21.56
N TYR F 327 -30.94 -20.60 -21.21
CA TYR F 327 -30.81 -19.28 -20.59
C TYR F 327 -30.73 -18.16 -21.60
N LEU F 328 -30.47 -18.47 -22.87
CA LEU F 328 -30.62 -17.44 -23.88
C LEU F 328 -32.09 -17.05 -24.02
N ALA F 329 -32.98 -18.03 -23.98
CA ALA F 329 -34.42 -17.73 -23.99
C ALA F 329 -34.80 -16.87 -22.78
N ARG F 330 -34.42 -17.32 -21.57
CA ARG F 330 -34.70 -16.53 -20.37
C ARG F 330 -34.16 -15.12 -20.51
N SER F 331 -32.96 -14.98 -21.12
CA SER F 331 -32.36 -13.66 -21.31
C SER F 331 -33.20 -12.80 -22.25
N VAL F 332 -33.61 -13.38 -23.38
CA VAL F 332 -34.44 -12.66 -24.35
C VAL F 332 -35.72 -12.16 -23.69
N THR F 333 -36.35 -13.00 -22.86
CA THR F 333 -37.56 -12.57 -22.16
C THR F 333 -37.29 -11.35 -21.31
N ALA F 334 -36.26 -11.43 -20.44
CA ALA F 334 -35.92 -10.33 -19.56
C ALA F 334 -35.73 -9.04 -20.34
N LEU F 335 -34.95 -9.11 -21.43
CA LEU F 335 -34.77 -7.96 -22.29
C LEU F 335 -36.11 -7.45 -22.83
N LYS F 336 -36.90 -8.35 -23.45
CA LYS F 336 -38.17 -7.93 -24.04
C LYS F 336 -39.06 -7.24 -23.02
N ASP F 337 -39.11 -7.76 -21.79
CA ASP F 337 -39.82 -7.03 -20.75
C ASP F 337 -39.12 -5.72 -20.43
N PHE F 338 -37.78 -5.72 -20.47
CA PHE F 338 -37.02 -4.57 -19.97
C PHE F 338 -37.12 -3.40 -20.94
N VAL F 339 -37.12 -3.68 -22.24
CA VAL F 339 -37.17 -2.67 -23.28
C VAL F 339 -38.45 -1.84 -23.24
N GLY F 340 -39.47 -2.27 -22.51
CA GLY F 340 -40.63 -1.42 -22.30
C GLY F 340 -40.34 -0.16 -21.51
N ILE F 341 -39.15 -0.06 -20.91
CA ILE F 341 -38.83 1.11 -20.11
C ILE F 341 -38.70 2.34 -21.00
N TYR F 342 -38.33 2.16 -22.27
CA TYR F 342 -38.21 3.29 -23.18
C TYR F 342 -39.52 4.05 -23.36
N ALA F 343 -40.67 3.43 -23.07
CA ALA F 343 -41.93 4.17 -23.11
C ALA F 343 -41.94 5.33 -22.15
N LYS F 344 -41.08 5.32 -21.16
CA LYS F 344 -41.10 6.38 -20.19
C LYS F 344 -39.98 7.37 -20.32
N VAL F 345 -39.28 7.30 -21.42
CA VAL F 345 -38.14 8.12 -21.68
C VAL F 345 -38.25 9.15 -22.80
N GLU F 346 -37.70 10.35 -22.59
CA GLU F 346 -37.73 11.38 -23.60
C GLU F 346 -37.01 10.92 -24.82
N LYS F 347 -37.54 11.22 -25.98
CA LYS F 347 -36.93 10.74 -27.19
C LYS F 347 -35.68 11.44 -27.63
N VAL F 348 -34.75 10.64 -28.12
CA VAL F 348 -33.47 11.08 -28.63
C VAL F 348 -33.29 10.22 -29.83
N ALA F 349 -32.84 10.79 -30.92
CA ALA F 349 -32.74 10.10 -32.17
C ALA F 349 -31.88 8.89 -32.40
N GLY F 350 -30.66 8.82 -31.94
CA GLY F 350 -29.87 7.65 -32.22
C GLY F 350 -29.86 6.67 -31.09
N ALA F 351 -30.53 7.03 -30.02
CA ALA F 351 -30.51 6.26 -28.83
C ALA F 351 -31.75 5.69 -28.23
N THR F 352 -32.75 6.51 -28.05
CA THR F 352 -33.96 6.14 -27.37
C THR F 352 -35.09 5.71 -28.25
N ASP F 353 -34.81 5.41 -29.49
CA ASP F 353 -35.86 4.95 -30.34
C ASP F 353 -35.50 3.68 -31.01
N ARG F 354 -36.39 3.16 -31.82
CA ARG F 354 -36.20 1.88 -32.39
C ARG F 354 -34.96 1.67 -33.18
N ALA F 355 -34.51 2.65 -33.92
CA ALA F 355 -33.31 2.43 -34.68
C ALA F 355 -32.15 2.21 -33.74
N GLY F 356 -32.05 3.05 -32.73
CA GLY F 356 -30.99 2.98 -31.80
C GLY F 356 -31.02 1.76 -30.92
N VAL F 357 -32.19 1.43 -30.45
CA VAL F 357 -32.35 0.31 -29.60
C VAL F 357 -31.96 -0.96 -30.30
N SER F 358 -32.21 -0.99 -31.59
CA SER F 358 -31.88 -2.12 -32.40
C SER F 358 -30.38 -2.17 -32.50
N GLU F 359 -29.73 -1.03 -32.61
CA GLU F 359 -28.28 -1.02 -32.69
C GLU F 359 -27.62 -1.50 -31.39
N ALA F 360 -28.07 -0.98 -30.28
CA ALA F 360 -27.66 -1.45 -28.96
C ALA F 360 -27.80 -2.96 -28.85
N LEU F 361 -29.02 -3.47 -29.10
CA LEU F 361 -29.24 -4.90 -29.08
C LEU F 361 -28.31 -5.62 -30.04
N GLN F 362 -28.07 -5.04 -31.22
CA GLN F 362 -27.15 -5.69 -32.14
C GLN F 362 -25.77 -5.81 -31.54
N ARG F 363 -25.38 -4.85 -30.70
CA ARG F 363 -24.06 -4.92 -30.07
C ARG F 363 -24.01 -6.03 -29.01
N VAL F 364 -24.98 -6.05 -28.09
CA VAL F 364 -25.03 -7.12 -27.08
C VAL F 364 -24.93 -8.48 -27.75
N PHE F 365 -25.90 -8.83 -28.60
CA PHE F 365 -25.95 -10.19 -29.14
C PHE F 365 -24.77 -10.47 -30.06
N GLY F 366 -24.37 -9.47 -30.85
CA GLY F 366 -23.23 -9.66 -31.73
C GLY F 366 -21.95 -9.90 -30.95
N ASP F 367 -21.64 -8.99 -30.01
CA ASP F 367 -20.49 -9.20 -29.14
C ASP F 367 -20.57 -10.55 -28.44
N TRP F 368 -21.73 -10.86 -27.84
CA TRP F 368 -21.88 -12.12 -27.16
C TRP F 368 -21.59 -13.30 -28.08
N LYS F 369 -21.99 -13.18 -29.35
CA LYS F 369 -21.73 -14.27 -30.28
C LYS F 369 -20.24 -14.51 -30.46
N VAL F 370 -19.49 -13.43 -30.64
CA VAL F 370 -18.05 -13.56 -30.88
C VAL F 370 -17.33 -13.96 -29.60
N ASP F 371 -17.81 -13.50 -28.44
CA ASP F 371 -17.09 -13.74 -27.19
C ASP F 371 -17.45 -15.03 -26.50
N TYR F 372 -18.68 -15.52 -26.66
CA TYR F 372 -19.07 -16.76 -26.00
C TYR F 372 -19.62 -17.80 -26.99
N ALA F 373 -20.62 -17.40 -27.77
CA ALA F 373 -21.43 -18.36 -28.55
C ALA F 373 -20.56 -19.14 -29.54
N ASP F 374 -19.78 -18.41 -30.36
CA ASP F 374 -18.95 -19.07 -31.36
C ASP F 374 -17.82 -19.89 -30.76
N LYS F 375 -17.43 -19.61 -29.50
CA LYS F 375 -16.33 -20.37 -28.89
C LYS F 375 -16.77 -21.78 -28.47
N ILE F 376 -18.05 -21.96 -28.17
CA ILE F 376 -18.59 -23.27 -27.82
C ILE F 376 -19.44 -23.85 -28.94
N GLY F 377 -19.38 -23.28 -30.14
CA GLY F 377 -20.17 -23.80 -31.23
C GLY F 377 -21.66 -23.63 -31.09
N PHE F 378 -22.11 -22.67 -30.29
CA PHE F 378 -23.55 -22.40 -30.17
C PHE F 378 -23.98 -21.43 -31.26
N ASN F 379 -25.05 -21.80 -31.98
CA ASN F 379 -25.54 -21.04 -33.12
C ASN F 379 -26.60 -20.04 -32.68
N ILE F 380 -26.40 -18.78 -33.04
CA ILE F 380 -27.33 -17.71 -32.72
C ILE F 380 -27.54 -16.89 -33.96
N ASP F 381 -28.77 -16.45 -34.19
CA ASP F 381 -29.09 -15.52 -35.26
C ASP F 381 -29.33 -14.18 -34.58
N VAL F 382 -28.30 -13.35 -34.58
CA VAL F 382 -28.40 -12.07 -33.89
C VAL F 382 -29.65 -11.35 -34.32
N ASP F 383 -29.89 -11.32 -35.63
CA ASP F 383 -31.04 -10.60 -36.16
C ASP F 383 -32.34 -11.10 -35.54
N GLN F 384 -32.50 -12.42 -35.47
CA GLN F 384 -33.71 -12.98 -34.87
C GLN F 384 -33.80 -12.61 -33.39
N LYS F 385 -32.72 -12.80 -32.64
CA LYS F 385 -32.73 -12.44 -31.23
C LYS F 385 -33.09 -10.98 -31.05
N VAL F 386 -32.51 -10.11 -31.88
CA VAL F 386 -32.83 -8.68 -31.80
C VAL F 386 -34.31 -8.45 -32.05
N ASP F 387 -34.87 -9.09 -33.09
CA ASP F 387 -36.30 -8.98 -33.36
C ASP F 387 -37.12 -9.49 -32.19
N ALA F 388 -36.75 -10.67 -31.66
CA ALA F 388 -37.48 -11.24 -30.54
C ALA F 388 -37.60 -10.25 -29.39
N VAL F 389 -36.55 -9.49 -29.12
CA VAL F 389 -36.60 -8.52 -28.04
C VAL F 389 -37.38 -7.27 -28.44
N LEU F 390 -37.22 -6.83 -29.70
CA LEU F 390 -37.86 -5.59 -30.13
C LEU F 390 -39.38 -5.73 -30.16
N ALA F 391 -39.90 -6.95 -30.31
CA ALA F 391 -41.33 -7.18 -30.15
C ALA F 391 -41.89 -6.53 -28.89
N GLY F 392 -41.05 -6.29 -27.90
CA GLY F 392 -41.44 -5.62 -26.68
C GLY F 392 -41.25 -4.12 -26.67
N PHE F 393 -40.77 -3.54 -27.78
CA PHE F 393 -40.36 -2.15 -27.75
C PHE F 393 -41.53 -1.22 -27.42
N LYS F 394 -42.74 -1.59 -27.78
CA LYS F 394 -43.95 -0.84 -27.46
C LYS F 394 -43.80 0.64 -27.81
N ASN F 395 -43.61 0.89 -29.10
CA ASN F 395 -43.70 2.23 -29.68
C ASN F 395 -43.91 2.12 -31.19
N LYS G 3 -2.42 -59.00 1.25
CA LYS G 3 -1.57 -58.34 0.27
C LYS G 3 -2.35 -57.26 -0.50
N ARG G 4 -1.63 -56.32 -1.09
CA ARG G 4 -2.27 -55.17 -1.73
C ARG G 4 -1.42 -54.72 -2.91
N GLU G 5 -2.02 -53.86 -3.74
CA GLU G 5 -1.39 -53.23 -4.89
C GLU G 5 -1.20 -51.73 -4.63
N PRO G 6 -0.51 -51.02 -5.53
CA PRO G 6 -0.43 -49.57 -5.40
C PRO G 6 -1.79 -48.90 -5.23
N ILE G 7 -1.78 -47.64 -4.80
CA ILE G 7 -3.00 -46.95 -4.43
C ILE G 7 -3.77 -46.48 -5.67
N HIS G 8 -3.09 -45.83 -6.62
CA HIS G 8 -3.78 -45.12 -7.68
C HIS G 8 -3.81 -45.87 -9.02
N GLU G 9 -2.81 -46.71 -9.27
CA GLU G 9 -2.76 -47.54 -10.47
C GLU G 9 -2.54 -48.98 -10.03
N ASN G 10 -3.52 -49.85 -10.28
CA ASN G 10 -3.38 -51.27 -9.98
C ASN G 10 -4.21 -52.08 -10.98
N SER G 11 -4.12 -53.41 -10.85
CA SER G 11 -4.71 -54.30 -11.86
C SER G 11 -6.23 -54.30 -11.79
N THR G 12 -6.80 -54.20 -10.59
CA THR G 12 -8.24 -54.13 -10.47
C THR G 12 -8.78 -52.97 -11.28
N ARG G 13 -8.26 -51.77 -11.03
CA ARG G 13 -8.73 -50.57 -11.73
C ARG G 13 -8.50 -50.71 -13.23
N THR G 14 -7.36 -51.28 -13.63
CA THR G 14 -7.10 -51.50 -15.05
C THR G 14 -8.18 -52.38 -15.68
N GLU G 15 -8.37 -53.59 -15.15
CA GLU G 15 -9.31 -54.51 -15.79
C GLU G 15 -10.72 -53.93 -15.78
N TRP G 16 -11.09 -53.23 -14.69
CA TRP G 16 -12.41 -52.61 -14.62
C TRP G 16 -12.56 -51.52 -15.67
N GLU G 17 -11.54 -50.69 -15.86
CA GLU G 17 -11.60 -49.74 -16.97
C GLU G 17 -11.74 -50.48 -18.28
N GLY G 18 -11.22 -51.71 -18.34
CA GLY G 18 -11.34 -52.51 -19.55
C GLY G 18 -12.79 -52.81 -19.89
N LYS G 19 -13.51 -53.44 -18.96
CA LYS G 19 -14.91 -53.70 -19.24
C LYS G 19 -15.75 -52.42 -19.24
N ILE G 20 -15.24 -51.32 -18.71
CA ILE G 20 -16.01 -50.08 -18.73
C ILE G 20 -15.95 -49.44 -20.12
N ALA G 21 -14.78 -49.49 -20.77
CA ALA G 21 -14.66 -48.94 -22.11
C ALA G 21 -15.71 -49.52 -23.04
N LYS G 22 -16.04 -50.80 -22.86
CA LYS G 22 -16.86 -51.52 -23.82
C LYS G 22 -18.36 -51.27 -23.66
N LEU G 23 -18.81 -50.64 -22.58
CA LEU G 23 -20.20 -50.18 -22.53
C LEU G 23 -20.48 -49.27 -23.72
N ASN G 24 -21.56 -49.53 -24.45
CA ASN G 24 -21.82 -48.84 -25.70
C ASN G 24 -23.22 -48.22 -25.80
N SER G 25 -24.02 -48.26 -24.74
CA SER G 25 -25.36 -47.72 -24.77
C SER G 25 -25.71 -47.14 -23.40
N VAL G 26 -26.64 -46.19 -23.40
CA VAL G 26 -27.07 -45.60 -22.15
C VAL G 26 -27.69 -46.66 -21.24
N ASP G 27 -28.46 -47.60 -21.82
CA ASP G 27 -29.13 -48.62 -21.00
C ASP G 27 -28.12 -49.61 -20.43
N GLN G 28 -27.20 -50.09 -21.26
CA GLN G 28 -26.15 -50.93 -20.71
C GLN G 28 -25.39 -50.21 -19.61
N ALA G 29 -24.99 -48.95 -19.85
CA ALA G 29 -24.20 -48.24 -18.85
C ALA G 29 -25.01 -47.97 -17.58
N THR G 30 -26.24 -47.47 -17.73
CA THR G 30 -27.12 -47.32 -16.57
C THR G 30 -27.15 -48.59 -15.72
N LYS G 31 -27.57 -49.71 -16.30
CA LYS G 31 -27.66 -50.94 -15.50
C LYS G 31 -26.31 -51.31 -14.91
N PHE G 32 -25.21 -51.01 -15.62
CA PHE G 32 -23.88 -51.27 -15.08
C PHE G 32 -23.63 -50.46 -13.82
N ILE G 33 -23.93 -49.15 -13.87
CA ILE G 33 -23.58 -48.31 -12.73
C ILE G 33 -24.50 -48.63 -11.54
N GLN G 34 -25.77 -48.95 -11.79
CA GLN G 34 -26.67 -49.24 -10.68
C GLN G 34 -26.27 -50.53 -9.97
N ASP G 35 -25.91 -51.55 -10.70
CA ASP G 35 -25.44 -52.74 -10.08
C ASP G 35 -24.15 -52.47 -9.34
N PHE G 36 -23.25 -51.73 -9.93
CA PHE G 36 -21.99 -51.48 -9.30
C PHE G 36 -22.14 -50.72 -8.01
N ARG G 37 -22.98 -49.73 -7.98
CA ARG G 37 -23.17 -49.00 -6.78
C ARG G 37 -23.78 -49.83 -5.71
N VAL G 38 -24.72 -50.65 -6.08
CA VAL G 38 -25.37 -51.51 -5.15
C VAL G 38 -24.45 -52.55 -4.58
N ALA G 39 -23.60 -53.06 -5.41
CA ALA G 39 -22.65 -54.03 -4.99
C ALA G 39 -21.55 -53.55 -4.11
N TYR G 40 -21.04 -52.39 -4.41
CA TYR G 40 -19.90 -51.91 -3.71
C TYR G 40 -19.89 -50.67 -2.89
N SER G 41 -20.99 -49.95 -2.80
CA SER G 41 -20.99 -48.74 -2.01
C SER G 41 -22.03 -48.81 -0.94
N SER G 42 -21.82 -48.04 0.09
CA SER G 42 -22.61 -47.87 1.31
C SER G 42 -22.34 -48.91 2.37
N PRO G 43 -23.00 -48.80 3.49
CA PRO G 43 -22.78 -49.81 4.51
C PRO G 43 -23.63 -50.98 4.24
N PHE G 44 -24.59 -50.84 3.38
CA PHE G 44 -25.43 -51.90 3.00
C PHE G 44 -24.94 -52.53 1.72
N ARG G 45 -23.72 -52.25 1.34
CA ARG G 45 -23.14 -52.80 0.17
C ARG G 45 -23.04 -54.30 0.21
N LYS G 46 -23.18 -54.90 -0.93
CA LYS G 46 -23.12 -56.33 -1.04
C LYS G 46 -21.80 -56.92 -0.72
N SER G 47 -20.74 -56.24 -1.11
CA SER G 47 -19.42 -56.73 -0.90
C SER G 47 -18.35 -55.68 -0.64
N TYR G 48 -17.52 -55.87 0.36
CA TYR G 48 -16.38 -54.99 0.59
C TYR G 48 -15.15 -55.40 -0.21
N ASP G 49 -15.35 -56.22 -1.25
CA ASP G 49 -14.21 -56.75 -2.01
C ASP G 49 -13.41 -55.62 -2.65
N LEU G 50 -14.10 -54.64 -3.22
CA LEU G 50 -13.48 -53.53 -3.94
C LEU G 50 -13.37 -52.26 -3.08
N ASP G 51 -13.38 -52.41 -1.75
CA ASP G 51 -13.38 -51.26 -0.84
C ASP G 51 -12.41 -50.18 -1.30
N VAL G 52 -11.16 -50.57 -1.54
CA VAL G 52 -10.08 -49.65 -1.86
C VAL G 52 -10.18 -49.09 -3.27
N ASP G 53 -10.99 -49.68 -4.15
CA ASP G 53 -10.98 -49.29 -5.56
C ASP G 53 -12.33 -48.86 -6.12
N TYR G 54 -13.43 -49.02 -5.39
CA TYR G 54 -14.70 -48.76 -6.05
C TYR G 54 -14.91 -47.26 -6.32
N GLN G 55 -14.33 -46.39 -5.50
CA GLN G 55 -14.55 -44.96 -5.68
C GLN G 55 -13.94 -44.48 -6.98
N TYR G 56 -12.68 -44.84 -7.24
CA TYR G 56 -12.09 -44.56 -8.54
C TYR G 56 -12.91 -45.17 -9.67
N ILE G 57 -13.27 -46.47 -9.53
CA ILE G 57 -13.96 -47.17 -10.61
C ILE G 57 -15.32 -46.55 -10.86
N GLU G 58 -16.05 -46.22 -9.80
CA GLU G 58 -17.31 -45.51 -9.98
C GLU G 58 -17.10 -44.29 -10.87
N ARG G 59 -16.05 -43.53 -10.61
CA ARG G 59 -15.79 -42.37 -11.44
C ARG G 59 -15.74 -42.78 -12.90
N LYS G 60 -14.96 -43.82 -13.21
CA LYS G 60 -14.77 -44.20 -14.60
C LYS G 60 -16.10 -44.58 -15.26
N ILE G 61 -16.95 -45.32 -14.55
CA ILE G 61 -18.30 -45.61 -15.05
C ILE G 61 -19.06 -44.32 -15.27
N GLU G 62 -19.13 -43.46 -14.24
CA GLU G 62 -19.79 -42.17 -14.37
C GLU G 62 -19.38 -41.45 -15.64
N GLU G 63 -18.07 -41.44 -15.93
CA GLU G 63 -17.57 -40.75 -17.12
C GLU G 63 -18.11 -41.42 -18.38
N ARG G 64 -18.02 -42.75 -18.45
CA ARG G 64 -18.49 -43.47 -19.63
C ARG G 64 -19.98 -43.26 -19.83
N LEU G 65 -20.77 -43.47 -18.78
CA LEU G 65 -22.21 -43.22 -18.86
C LEU G 65 -22.51 -41.80 -19.34
N SER G 66 -21.76 -40.81 -18.82
CA SER G 66 -22.12 -39.42 -19.12
C SER G 66 -21.83 -39.10 -20.57
N VAL G 67 -20.68 -39.53 -21.09
CA VAL G 67 -20.40 -39.35 -22.50
C VAL G 67 -21.46 -40.03 -23.37
N LEU G 68 -21.83 -41.27 -23.03
CA LEU G 68 -22.92 -41.90 -23.76
C LEU G 68 -24.18 -41.07 -23.70
N LYS G 69 -24.40 -40.38 -22.58
CA LYS G 69 -25.63 -39.59 -22.46
C LYS G 69 -25.63 -38.45 -23.46
N THR G 70 -24.49 -37.78 -23.62
CA THR G 70 -24.35 -36.68 -24.57
C THR G 70 -24.32 -37.16 -26.02
N GLU G 71 -23.89 -38.42 -26.25
CA GLU G 71 -23.75 -38.93 -27.60
C GLU G 71 -25.09 -39.37 -28.20
N LYS G 72 -26.00 -39.89 -27.38
CA LYS G 72 -27.14 -40.61 -27.91
C LYS G 72 -28.49 -40.08 -27.47
N LEU G 73 -28.54 -39.12 -26.55
CA LEU G 73 -29.79 -38.68 -25.96
C LEU G 73 -30.10 -37.26 -26.40
N SER G 74 -31.37 -36.88 -26.30
CA SER G 74 -31.75 -35.54 -26.70
C SER G 74 -31.62 -34.57 -25.54
N VAL G 75 -31.60 -33.29 -25.86
CA VAL G 75 -31.53 -32.29 -24.79
C VAL G 75 -32.69 -32.48 -23.82
N ALA G 76 -33.90 -32.71 -24.33
CA ALA G 76 -35.04 -32.87 -23.44
C ALA G 76 -34.85 -34.07 -22.50
N ASP G 77 -34.23 -35.16 -22.97
CA ASP G 77 -33.95 -36.28 -22.07
C ASP G 77 -32.83 -35.93 -21.08
N LEU G 78 -31.80 -35.20 -21.53
CA LEU G 78 -30.79 -34.73 -20.60
C LEU G 78 -31.40 -33.91 -19.47
N VAL G 79 -32.46 -33.17 -19.75
CA VAL G 79 -32.98 -32.20 -18.80
C VAL G 79 -34.04 -32.82 -17.89
N THR G 80 -34.85 -33.74 -18.42
CA THR G 80 -36.11 -34.09 -17.76
C THR G 80 -36.25 -35.56 -17.41
N LYS G 81 -35.34 -36.43 -17.87
CA LYS G 81 -35.48 -37.88 -17.68
C LYS G 81 -34.24 -38.46 -17.02
N ALA G 82 -34.44 -39.45 -16.14
CA ALA G 82 -33.30 -40.22 -15.68
C ALA G 82 -32.88 -41.21 -16.77
N THR G 83 -31.65 -41.71 -16.67
CA THR G 83 -31.21 -42.64 -17.70
C THR G 83 -31.93 -43.99 -17.64
N THR G 84 -32.79 -44.21 -16.65
CA THR G 84 -33.66 -45.37 -16.60
C THR G 84 -34.88 -45.25 -17.53
N GLY G 85 -35.08 -44.08 -18.13
CA GLY G 85 -36.27 -43.80 -18.89
C GLY G 85 -37.32 -43.01 -18.14
N GLU G 86 -37.18 -42.88 -16.82
CA GLU G 86 -38.23 -42.29 -16.04
C GLU G 86 -38.18 -40.76 -16.09
N ASP G 87 -39.32 -40.17 -15.82
CA ASP G 87 -39.43 -38.72 -15.64
C ASP G 87 -38.76 -38.34 -14.32
N ALA G 88 -37.71 -37.52 -14.41
CA ALA G 88 -36.91 -37.18 -13.22
C ALA G 88 -37.77 -36.54 -12.14
N ALA G 89 -38.68 -35.64 -12.53
CA ALA G 89 -39.59 -35.05 -11.54
C ALA G 89 -40.38 -36.14 -10.82
N ALA G 90 -40.91 -37.10 -11.58
CA ALA G 90 -41.67 -38.20 -10.98
C ALA G 90 -40.82 -39.00 -10.00
N VAL G 91 -39.54 -39.23 -10.32
CA VAL G 91 -38.64 -39.87 -9.37
C VAL G 91 -38.56 -39.06 -8.07
N GLU G 92 -38.33 -37.75 -8.20
CA GLU G 92 -38.18 -36.91 -7.00
C GLU G 92 -39.44 -36.95 -6.14
N ALA G 93 -40.59 -36.69 -6.74
CA ALA G 93 -41.85 -36.83 -6.00
C ALA G 93 -41.95 -38.21 -5.34
N ALA G 94 -41.65 -39.29 -6.07
CA ALA G 94 -41.90 -40.63 -5.54
C ALA G 94 -40.97 -40.97 -4.38
N TRP G 95 -39.70 -40.56 -4.45
CA TRP G 95 -38.81 -40.91 -3.36
C TRP G 95 -38.98 -39.98 -2.16
N ILE G 96 -39.25 -38.70 -2.39
CA ILE G 96 -39.61 -37.87 -1.25
C ILE G 96 -40.86 -38.42 -0.56
N ALA G 97 -41.87 -38.81 -1.36
CA ALA G 97 -43.10 -39.35 -0.78
C ALA G 97 -42.82 -40.61 0.03
N LYS G 98 -42.00 -41.50 -0.50
CA LYS G 98 -41.60 -42.69 0.25
C LYS G 98 -40.93 -42.29 1.56
N MET G 99 -40.05 -41.28 1.51
CA MET G 99 -39.28 -40.91 2.69
C MET G 99 -40.17 -40.27 3.75
N LYS G 100 -41.11 -39.40 3.33
CA LYS G 100 -42.04 -38.81 4.29
C LYS G 100 -42.92 -39.86 4.96
N ALA G 101 -43.08 -41.02 4.35
CA ALA G 101 -43.90 -42.07 4.92
C ALA G 101 -43.12 -43.02 5.79
N ALA G 102 -41.80 -42.94 5.81
CA ALA G 102 -41.05 -43.91 6.59
C ALA G 102 -41.45 -43.78 8.05
N GLU G 103 -41.73 -44.91 8.68
CA GLU G 103 -42.16 -44.89 10.07
C GLU G 103 -41.00 -44.81 11.05
N SER G 104 -39.76 -44.88 10.58
CA SER G 104 -38.63 -44.97 11.50
C SER G 104 -37.35 -44.49 10.82
N LYS G 105 -36.41 -44.02 11.65
CA LYS G 105 -35.11 -43.57 11.17
C LYS G 105 -34.38 -44.67 10.40
N TYR G 106 -34.54 -45.93 10.80
CA TYR G 106 -33.90 -47.02 10.05
C TYR G 106 -34.59 -47.29 8.70
N ALA G 107 -35.90 -47.07 8.62
CA ALA G 107 -36.57 -47.09 7.32
C ALA G 107 -36.14 -45.91 6.47
N ALA G 108 -35.96 -44.75 7.09
CA ALA G 108 -35.50 -43.58 6.35
C ALA G 108 -34.08 -43.79 5.81
N GLU G 109 -33.16 -44.24 6.66
CA GLU G 109 -31.78 -44.32 6.21
C GLU G 109 -31.65 -45.23 5.00
N ARG G 110 -32.46 -46.30 4.93
CA ARG G 110 -32.40 -47.26 3.82
C ARG G 110 -32.93 -46.65 2.53
N ILE G 111 -34.03 -45.90 2.65
CA ILE G 111 -34.58 -45.19 1.49
C ILE G 111 -33.57 -44.19 0.96
N HIS G 112 -32.93 -43.43 1.86
CA HIS G 112 -31.98 -42.43 1.41
C HIS G 112 -30.76 -43.07 0.77
N ILE G 113 -30.20 -44.09 1.43
CA ILE G 113 -29.02 -44.76 0.89
C ILE G 113 -29.31 -45.35 -0.49
N GLU G 114 -30.47 -46.01 -0.66
CA GLU G 114 -30.80 -46.63 -1.93
C GLU G 114 -31.03 -45.58 -3.03
N PHE G 115 -31.75 -44.50 -2.71
CA PHE G 115 -31.97 -43.46 -3.70
C PHE G 115 -30.65 -42.95 -4.27
N ARG G 116 -29.64 -42.76 -3.42
CA ARG G 116 -28.34 -42.38 -3.95
C ARG G 116 -27.73 -43.50 -4.77
N GLN G 117 -27.87 -44.75 -4.30
CA GLN G 117 -27.33 -45.89 -5.02
C GLN G 117 -27.91 -46.00 -6.42
N LEU G 118 -29.18 -45.71 -6.59
CA LEU G 118 -29.83 -45.91 -7.88
C LEU G 118 -29.75 -44.68 -8.78
N TYR G 119 -29.87 -43.48 -8.20
CA TYR G 119 -30.11 -42.30 -8.99
C TYR G 119 -29.01 -41.24 -8.93
N LYS G 120 -27.92 -41.50 -8.22
CA LYS G 120 -26.80 -40.57 -8.24
C LYS G 120 -26.43 -40.24 -9.68
N PRO G 121 -26.15 -38.99 -10.00
CA PRO G 121 -25.69 -38.65 -11.36
C PRO G 121 -24.53 -39.55 -11.78
N PRO G 122 -24.43 -39.89 -13.08
CA PRO G 122 -25.28 -39.30 -14.12
C PRO G 122 -26.59 -39.99 -14.42
N VAL G 123 -27.19 -40.71 -13.46
CA VAL G 123 -28.47 -41.36 -13.71
C VAL G 123 -29.61 -40.34 -13.61
N LEU G 124 -29.73 -39.60 -12.40
CA LEU G 124 -30.66 -38.48 -12.35
C LEU G 124 -29.98 -37.19 -12.83
N PRO G 125 -30.72 -36.25 -13.41
CA PRO G 125 -30.13 -34.93 -13.68
C PRO G 125 -29.68 -34.27 -12.38
N VAL G 126 -28.47 -33.70 -12.41
CA VAL G 126 -27.79 -33.23 -11.19
C VAL G 126 -28.71 -32.36 -10.35
N ASN G 127 -29.36 -31.38 -10.96
CA ASN G 127 -30.21 -30.49 -10.19
C ASN G 127 -31.33 -31.26 -9.52
N VAL G 128 -31.98 -32.19 -10.24
CA VAL G 128 -33.03 -32.98 -9.59
C VAL G 128 -32.42 -33.81 -8.47
N PHE G 129 -31.23 -34.39 -8.70
CA PHE G 129 -30.60 -35.22 -7.69
C PHE G 129 -30.30 -34.41 -6.42
N LEU G 130 -29.67 -33.23 -6.55
CA LEU G 130 -29.17 -32.53 -5.37
C LEU G 130 -30.32 -32.02 -4.49
N ARG G 131 -31.43 -31.55 -5.06
CA ARG G 131 -32.53 -31.12 -4.21
C ARG G 131 -33.29 -32.29 -3.60
N THR G 132 -33.34 -33.44 -4.29
CA THR G 132 -33.94 -34.62 -3.68
C THR G 132 -33.06 -35.12 -2.55
N ASP G 133 -31.76 -35.28 -2.82
CA ASP G 133 -30.84 -35.68 -1.77
C ASP G 133 -31.01 -34.82 -0.53
N ALA G 134 -31.14 -33.51 -0.74
CA ALA G 134 -31.20 -32.55 0.37
C ALA G 134 -32.49 -32.70 1.15
N ALA G 135 -33.61 -32.81 0.46
CA ALA G 135 -34.89 -32.98 1.14
C ALA G 135 -34.93 -34.30 1.92
N LEU G 136 -34.30 -35.36 1.39
CA LEU G 136 -34.22 -36.61 2.15
C LEU G 136 -33.32 -36.46 3.37
N GLY G 137 -32.16 -35.81 3.21
CA GLY G 137 -31.30 -35.56 4.36
C GLY G 137 -32.01 -34.83 5.49
N THR G 138 -32.83 -33.85 5.15
CA THR G 138 -33.61 -33.16 6.17
C THR G 138 -34.41 -34.14 7.00
N ILE G 139 -35.26 -34.93 6.35
CA ILE G 139 -36.10 -35.86 7.08
C ILE G 139 -35.25 -36.84 7.88
N LEU G 140 -34.17 -37.34 7.28
CA LEU G 140 -33.33 -38.33 7.95
C LEU G 140 -32.67 -37.75 9.19
N MET G 141 -32.27 -36.47 9.13
CA MET G 141 -31.68 -35.84 10.31
C MET G 141 -32.75 -35.53 11.35
N GLU G 142 -33.92 -35.05 10.91
CA GLU G 142 -35.01 -34.78 11.86
C GLU G 142 -35.40 -36.03 12.64
N LEU G 143 -35.34 -37.22 12.00
CA LEU G 143 -35.68 -38.44 12.73
C LEU G 143 -34.51 -38.93 13.59
N ARG G 144 -33.29 -38.91 13.04
CA ARG G 144 -32.16 -39.49 13.76
C ARG G 144 -31.78 -38.65 14.99
N ASN G 145 -31.92 -37.33 14.90
CA ASN G 145 -31.47 -36.45 15.96
C ASN G 145 -32.56 -36.17 16.98
N THR G 146 -33.66 -36.93 16.94
CA THR G 146 -34.68 -36.91 17.98
C THR G 146 -34.28 -37.86 19.10
N ASP G 147 -34.19 -37.36 20.32
CA ASP G 147 -33.85 -38.19 21.48
C ASP G 147 -32.59 -39.01 21.23
N TYR G 148 -31.61 -38.37 20.60
CA TYR G 148 -30.43 -39.05 20.08
C TYR G 148 -29.66 -39.85 21.13
N TYR G 149 -29.77 -39.52 22.43
CA TYR G 149 -29.03 -40.28 23.43
C TYR G 149 -29.91 -41.17 24.30
N ALA G 150 -31.18 -41.38 23.92
CA ALA G 150 -32.12 -42.10 24.79
C ALA G 150 -31.83 -43.60 24.85
N THR G 151 -31.64 -44.24 23.72
CA THR G 151 -31.27 -45.64 23.69
C THR G 151 -29.89 -45.89 24.30
N PRO G 152 -29.76 -46.77 25.26
CA PRO G 152 -28.42 -47.05 25.74
C PRO G 152 -27.61 -47.74 24.68
N LEU G 153 -26.30 -47.73 24.80
CA LEU G 153 -25.41 -48.31 23.81
C LEU G 153 -25.61 -49.77 23.52
N GLU G 154 -25.96 -50.52 24.52
CA GLU G 154 -26.18 -51.94 24.41
C GLU G 154 -27.37 -52.22 23.55
N GLY G 155 -28.42 -51.48 23.72
CA GLY G 155 -29.57 -51.70 22.93
C GLY G 155 -29.45 -51.17 21.54
N LEU G 156 -28.61 -50.18 21.35
CA LEU G 156 -28.38 -49.55 20.09
C LEU G 156 -27.62 -50.47 19.23
N ARG G 157 -26.72 -51.24 19.80
CA ARG G 157 -25.98 -52.20 19.06
C ARG G 157 -26.94 -53.25 18.45
N LYS G 158 -27.93 -53.68 19.21
CA LYS G 158 -28.93 -54.59 18.75
C LYS G 158 -29.75 -53.92 17.72
N GLU G 159 -30.15 -52.72 17.97
CA GLU G 159 -30.93 -52.02 16.94
C GLU G 159 -30.19 -51.97 15.61
N ARG G 160 -28.88 -51.71 15.64
CA ARG G 160 -28.15 -51.67 14.39
C ARG G 160 -28.06 -53.06 13.79
N GLY G 161 -28.03 -54.09 14.64
CA GLY G 161 -27.82 -55.44 14.15
C GLY G 161 -26.35 -55.72 14.02
N VAL G 162 -25.62 -55.37 15.00
CA VAL G 162 -24.17 -55.50 14.97
C VAL G 162 -23.82 -56.80 15.65
N LYS G 163 -22.72 -57.42 15.21
CA LYS G 163 -22.15 -58.61 15.85
C LYS G 163 -20.98 -58.14 16.70
N VAL G 164 -21.22 -57.99 17.99
CA VAL G 164 -20.18 -57.54 18.90
C VAL G 164 -19.05 -58.56 18.92
N LEU G 165 -17.93 -58.23 18.28
CA LEU G 165 -16.76 -59.08 18.36
C LEU G 165 -15.94 -58.86 19.62
N HIS G 166 -16.08 -57.72 20.28
CA HIS G 166 -15.20 -57.47 21.42
C HIS G 166 -15.65 -56.23 22.16
N LEU G 167 -15.46 -56.24 23.47
CA LEU G 167 -15.78 -55.08 24.31
C LEU G 167 -14.75 -55.02 25.43
N GLN G 168 -13.69 -54.25 25.21
CA GLN G 168 -12.67 -54.03 26.24
C GLN G 168 -13.31 -53.70 27.59
N ALA G 169 -12.73 -54.24 28.66
CA ALA G 169 -13.18 -53.92 30.01
C ALA G 169 -12.21 -52.97 30.70
N PRO H 10 -11.82 7.36 33.58
CA PRO H 10 -13.30 7.34 33.62
C PRO H 10 -13.90 5.93 33.60
N THR H 11 -13.38 5.01 34.42
CA THR H 11 -13.77 3.60 34.34
C THR H 11 -15.09 3.35 35.07
N THR H 12 -15.99 2.60 34.44
CA THR H 12 -17.26 2.22 35.05
C THR H 12 -17.54 0.76 34.71
N GLU H 13 -18.75 0.31 35.04
CA GLU H 13 -19.19 -1.05 34.71
C GLU H 13 -19.53 -1.20 33.23
N ALA H 14 -19.72 -0.09 32.52
CA ALA H 14 -19.96 -0.10 31.08
C ALA H 14 -18.68 0.15 30.29
N SER H 15 -17.60 0.52 30.94
CA SER H 15 -16.44 1.02 30.23
C SER H 15 -15.54 -0.14 29.82
N ARG H 16 -14.46 0.19 29.13
CA ARG H 16 -13.37 -0.73 28.97
C ARG H 16 -12.50 -0.72 30.22
N ILE H 17 -11.65 -1.73 30.34
CA ILE H 17 -10.93 -2.03 31.57
C ILE H 17 -9.45 -2.14 31.25
N LEU H 18 -8.61 -1.51 32.05
CA LEU H 18 -7.16 -1.57 31.84
C LEU H 18 -6.60 -2.82 32.48
N ILE H 19 -6.04 -3.73 31.67
CA ILE H 19 -5.52 -4.99 32.18
C ILE H 19 -3.99 -5.08 32.19
N HIS H 20 -3.29 -4.17 31.52
CA HIS H 20 -1.83 -4.15 31.60
C HIS H 20 -1.33 -2.72 31.44
N SER H 21 -0.32 -2.36 32.23
CA SER H 21 0.27 -1.03 32.16
C SER H 21 1.67 -1.13 32.72
N ASP H 22 2.66 -0.88 31.86
CA ASP H 22 4.03 -0.74 32.33
C ASP H 22 4.65 0.42 31.54
N ALA H 23 5.98 0.55 31.63
CA ALA H 23 6.61 1.75 31.06
C ALA H 23 6.29 1.91 29.58
N ARG H 24 6.11 0.80 28.85
CA ARG H 24 5.98 0.83 27.41
C ARG H 24 4.69 0.26 26.87
N TYR H 25 4.06 -0.71 27.55
CA TYR H 25 2.89 -1.38 27.01
C TYR H 25 1.64 -1.09 27.83
N GLU H 26 0.50 -0.99 27.15
CA GLU H 26 -0.81 -0.97 27.79
C GLU H 26 -1.72 -1.95 27.07
N ALA H 27 -2.67 -2.56 27.80
CA ALA H 27 -3.67 -3.42 27.17
C ALA H 27 -5.03 -3.19 27.78
N PHE H 28 -6.05 -3.07 26.95
CA PHE H 28 -7.42 -2.87 27.40
C PHE H 28 -8.26 -4.05 26.97
N THR H 29 -9.40 -4.19 27.60
CA THR H 29 -10.38 -5.20 27.28
C THR H 29 -11.78 -4.70 27.55
N VAL H 30 -12.71 -5.02 26.69
CA VAL H 30 -14.07 -4.63 26.83
C VAL H 30 -15.01 -5.78 26.56
N ASP H 31 -16.05 -5.89 27.36
CA ASP H 31 -17.09 -6.89 27.29
C ASP H 31 -18.08 -6.50 26.24
N LEU H 32 -18.26 -7.33 25.27
CA LEU H 32 -19.17 -7.01 24.22
C LEU H 32 -20.32 -7.95 24.14
N ASP H 33 -20.60 -8.64 25.24
CA ASP H 33 -21.62 -9.68 25.48
C ASP H 33 -21.21 -11.00 24.89
N TYR H 34 -21.13 -11.07 23.59
CA TYR H 34 -20.79 -12.28 22.92
C TYR H 34 -19.32 -12.59 22.97
N MET H 35 -18.49 -11.58 23.16
CA MET H 35 -17.07 -11.78 23.24
C MET H 35 -16.41 -10.65 23.98
N TRP H 36 -15.14 -10.76 24.25
CA TRP H 36 -14.43 -9.67 24.88
C TRP H 36 -13.36 -9.21 23.91
N ARG H 37 -13.23 -7.92 23.69
CA ARG H 37 -12.27 -7.38 22.77
C ARG H 37 -11.10 -6.75 23.43
N TRP H 38 -9.90 -7.11 23.06
CA TRP H 38 -8.77 -6.50 23.73
C TRP H 38 -7.83 -5.88 22.70
N GLU H 39 -7.05 -4.89 23.14
CA GLU H 39 -6.04 -4.23 22.32
C GLU H 39 -4.78 -3.98 23.15
N ILE H 40 -3.65 -3.94 22.46
CA ILE H 40 -2.35 -3.71 23.08
C ILE H 40 -1.75 -2.46 22.45
N LEU H 41 -1.22 -1.56 23.28
CA LEU H 41 -0.56 -0.35 22.79
C LEU H 41 0.89 -0.36 23.21
N ARG H 42 1.75 0.11 22.31
CA ARG H 42 3.17 0.28 22.59
C ARG H 42 3.48 1.76 22.48
N ASP H 43 4.09 2.31 23.53
CA ASP H 43 4.42 3.74 23.59
C ASP H 43 3.22 4.59 23.16
N GLY H 44 2.02 4.14 23.52
CA GLY H 44 0.81 4.90 23.25
C GLY H 44 0.16 4.60 21.92
N GLU H 45 0.81 3.86 21.03
CA GLU H 45 0.30 3.60 19.70
C GLU H 45 -0.30 2.19 19.62
N PHE H 46 -1.43 2.08 18.93
CA PHE H 46 -2.10 0.81 18.75
C PHE H 46 -1.21 -0.17 18.01
N VAL H 47 -1.08 -1.39 18.53
CA VAL H 47 -0.18 -2.37 17.97
C VAL H 47 -0.91 -3.63 17.51
N GLN H 48 -1.98 -4.02 18.20
CA GLN H 48 -2.49 -5.37 18.02
C GLN H 48 -3.84 -5.46 18.70
N GLU H 49 -4.73 -6.23 18.09
CA GLU H 49 -6.13 -6.34 18.47
C GLU H 49 -6.49 -7.81 18.58
N GLY H 50 -7.38 -8.15 19.51
CA GLY H 50 -7.69 -9.54 19.77
C GLY H 50 -9.03 -9.72 20.45
N CYS H 51 -9.36 -10.98 20.72
CA CYS H 51 -10.58 -11.27 21.46
C CYS H 51 -10.42 -12.56 22.24
N SER H 52 -11.25 -12.69 23.27
CA SER H 52 -11.24 -13.82 24.20
C SER H 52 -12.67 -14.12 24.58
N LEU H 53 -12.86 -15.31 25.18
CA LEU H 53 -14.16 -15.71 25.70
C LEU H 53 -14.54 -14.98 26.99
N SER H 54 -13.57 -14.42 27.71
CA SER H 54 -13.86 -13.88 29.04
C SER H 54 -12.77 -12.91 29.44
N PHE H 55 -13.09 -12.05 30.41
CA PHE H 55 -12.06 -11.22 31.03
C PHE H 55 -10.85 -12.06 31.38
N ASP H 56 -11.07 -13.20 32.03
CA ASP H 56 -9.95 -14.02 32.50
C ASP H 56 -9.01 -14.38 31.34
N SER H 57 -9.56 -14.86 30.22
CA SER H 57 -8.72 -15.28 29.09
C SER H 57 -8.21 -14.10 28.28
N SER H 58 -8.88 -12.94 28.35
CA SER H 58 -8.29 -11.70 27.87
C SER H 58 -6.93 -11.47 28.50
N ARG H 59 -6.86 -11.60 29.83
CA ARG H 59 -5.59 -11.36 30.51
C ARG H 59 -4.53 -12.35 30.06
N LYS H 60 -4.90 -13.62 29.98
CA LYS H 60 -3.95 -14.65 29.59
C LYS H 60 -3.49 -14.43 28.16
N ALA H 61 -4.41 -14.06 27.27
CA ALA H 61 -4.09 -13.78 25.87
C ALA H 61 -3.10 -12.62 25.76
N VAL H 62 -3.42 -11.48 26.40
CA VAL H 62 -2.55 -10.32 26.36
C VAL H 62 -1.18 -10.67 26.93
N ALA H 63 -1.15 -11.55 27.93
CA ALA H 63 0.14 -11.93 28.52
C ALA H 63 0.98 -12.73 27.52
N HIS H 64 0.36 -13.63 26.76
CA HIS H 64 1.10 -14.38 25.75
C HIS H 64 1.73 -13.43 24.74
N VAL H 65 0.89 -12.58 24.13
CA VAL H 65 1.35 -11.68 23.07
C VAL H 65 2.43 -10.74 23.59
N LEU H 66 2.29 -10.28 24.85
CA LEU H 66 3.30 -9.38 25.42
C LEU H 66 4.62 -10.11 25.66
N SER H 67 4.57 -11.33 26.16
CA SER H 67 5.81 -12.09 26.27
C SER H 67 6.54 -12.11 24.94
N HIS H 68 5.79 -12.14 23.84
CA HIS H 68 6.40 -12.19 22.52
C HIS H 68 7.00 -10.85 22.17
N PHE H 69 6.21 -9.77 22.32
CA PHE H 69 6.72 -8.43 22.12
C PHE H 69 7.97 -8.16 22.96
N LYS H 70 7.91 -8.46 24.26
CA LYS H 70 9.05 -8.15 25.12
C LYS H 70 10.29 -8.93 24.72
N ARG H 71 10.13 -10.20 24.33
CA ARG H 71 11.24 -10.97 23.78
C ARG H 71 11.83 -10.28 22.55
N GLN H 72 10.98 -9.73 21.69
CA GLN H 72 11.47 -8.98 20.54
C GLN H 72 12.31 -7.80 21.00
N ASP H 73 11.79 -7.02 21.96
CA ASP H 73 12.55 -5.90 22.48
C ASP H 73 13.85 -6.37 23.11
N GLU H 74 13.79 -7.35 24.01
CA GLU H 74 15.01 -7.85 24.64
C GLU H 74 16.07 -8.26 23.62
N ALA H 75 15.65 -8.75 22.45
CA ALA H 75 16.58 -9.18 21.41
C ALA H 75 17.11 -8.04 20.57
N ALA H 76 16.68 -6.81 20.82
CA ALA H 76 17.22 -5.63 20.14
C ALA H 76 18.35 -4.97 20.91
N GLN H 77 18.75 -5.54 22.05
CA GLN H 77 19.87 -5.03 22.84
C GLN H 77 20.95 -6.07 23.02
#